data_6VLG
#
_entry.id   6VLG
#
_cell.length_a   150.820
_cell.length_b   150.820
_cell.length_c   472.139
_cell.angle_alpha   90.000
_cell.angle_beta   90.000
_cell.angle_gamma   120.000
#
_symmetry.space_group_name_H-M   'P 65 2 2'
#
loop_
_entity.id
_entity.type
_entity.pdbx_description
1 polymer Alpha-(1,6)-fucosyltransferase
2 non-polymer "GUANOSINE-5'-DIPHOSPHATE"
3 non-polymer 'SULFATE ION'
4 non-polymer 'TETRAETHYLENE GLYCOL'
5 non-polymer 'TRIETHYLENE GLYCOL'
6 water water
#
_entity_poly.entity_id   1
_entity_poly.type   'polypeptide(L)'
_entity_poly.pdbx_seq_one_letter_code
;ADLGSHHHHHHHHHHGKPIPNPLLGLDSTIDGREFRIPEGPIDQGTATGRVRVLEEQLVKAKEQIENYKKQARNGLGKDH
EILRRRIENGAKELWFFLQSELKKLKHLEGNELQRHADEILLDLGHHERSIMTDLYYLSQTDGAGDWREKEAKDLTELVQ
RRITYLQNPKDCSKARKLVCNINKGCGYGCQLHHVVYCFMIAYGTQRTLILESQNWRYATGGWETVFRPVSETCTDRSGL
STGHWSGEVNDKNIQVVELPIVDSLHPRPPYLPLAVPEDLADRLLRVHGDPAVWWVSQFVKYLIRPQPWLEKEIEEATKK
LGFKHPVIGVHVRRTDKVGTEAAFHPIEEYMVHVEEHFQLLARRMQVDKKRVYLATDDPTLLKEAKTKYSNYEFISDNSI
SWSAGLHNRYTENSLRGVILDIHFLSQADFLVCTFSSQVCRVAYEIMQTLHPDASANFHSLDDIYYFGGQNAHNQIAVYP
HKPRTEEEIPMEPGDIIGVAGNHWDGYSKGINRKLGKTGLYPSYKVREKIETVKYPTYPEAEK
;
_entity_poly.pdbx_strand_id   A,B,C,D
#
loop_
_chem_comp.id
_chem_comp.type
_chem_comp.name
_chem_comp.formula
GDP RNA linking GUANOSINE-5'-DIPHOSPHATE 'C10 H15 N5 O11 P2'
PG4 non-polymer 'TETRAETHYLENE GLYCOL' 'C8 H18 O5'
PGE non-polymer 'TRIETHYLENE GLYCOL' 'C6 H14 O4'
SO4 non-polymer 'SULFATE ION' 'O4 S -2'
#
# COMPACT_ATOMS: atom_id res chain seq x y z
N GLY A 75 40.50 -41.01 -28.49
CA GLY A 75 40.38 -42.24 -27.74
C GLY A 75 39.70 -42.07 -26.40
N LEU A 76 40.14 -42.83 -25.40
CA LEU A 76 39.62 -42.74 -24.04
C LEU A 76 40.54 -41.88 -23.19
N GLY A 77 39.94 -41.17 -22.23
CA GLY A 77 40.72 -40.33 -21.34
C GLY A 77 41.30 -41.12 -20.18
N LYS A 78 42.58 -40.85 -19.89
CA LYS A 78 43.24 -41.52 -18.78
C LYS A 78 42.48 -41.29 -17.48
N ASP A 79 42.19 -40.04 -17.14
CA ASP A 79 41.51 -39.72 -15.89
C ASP A 79 40.09 -40.26 -15.88
N HIS A 80 39.41 -40.25 -17.03
CA HIS A 80 38.06 -40.80 -17.08
C HIS A 80 38.04 -42.27 -16.70
N GLU A 81 39.05 -43.03 -17.16
CA GLU A 81 39.10 -44.46 -16.89
C GLU A 81 39.55 -44.75 -15.46
N ILE A 82 40.52 -44.00 -14.95
CA ILE A 82 40.90 -44.17 -13.55
C ILE A 82 39.70 -43.88 -12.65
N LEU A 83 38.99 -42.80 -12.93
CA LEU A 83 37.86 -42.42 -12.08
C LEU A 83 36.75 -43.46 -12.15
N ARG A 84 36.40 -43.92 -13.35
CA ARG A 84 35.35 -44.94 -13.44
C ARG A 84 35.73 -46.19 -12.66
N ARG A 85 36.98 -46.64 -12.76
CA ARG A 85 37.40 -47.82 -12.01
C ARG A 85 37.39 -47.56 -10.51
N ARG A 86 37.75 -46.33 -10.10
CA ARG A 86 37.73 -46.02 -8.67
C ARG A 86 36.31 -45.98 -8.12
N ILE A 87 35.35 -45.53 -8.93
CA ILE A 87 33.95 -45.51 -8.52
C ILE A 87 33.44 -46.95 -8.35
N GLU A 88 33.74 -47.81 -9.33
CA GLU A 88 33.41 -49.22 -9.20
C GLU A 88 33.99 -49.81 -7.93
N ASN A 89 35.31 -49.60 -7.72
CA ASN A 89 35.98 -50.23 -6.59
C ASN A 89 35.48 -49.67 -5.27
N GLY A 90 35.19 -48.38 -5.21
CA GLY A 90 34.62 -47.81 -4.00
C GLY A 90 33.27 -48.41 -3.66
N ALA A 91 32.41 -48.58 -4.67
CA ALA A 91 31.12 -49.22 -4.43
C ALA A 91 31.28 -50.66 -3.97
N LYS A 92 32.24 -51.39 -4.56
CA LYS A 92 32.49 -52.76 -4.11
C LYS A 92 32.93 -52.77 -2.65
N GLU A 93 33.89 -51.92 -2.30
CA GLU A 93 34.37 -51.86 -0.92
C GLU A 93 33.22 -51.50 0.03
N LEU A 94 32.31 -50.63 -0.41
CA LEU A 94 31.15 -50.32 0.41
C LEU A 94 30.29 -51.56 0.62
N TRP A 95 30.08 -52.34 -0.44
CA TRP A 95 29.29 -53.56 -0.32
C TRP A 95 29.97 -54.56 0.61
N PHE A 96 31.29 -54.76 0.45
CA PHE A 96 32.05 -55.58 1.39
C PHE A 96 31.82 -55.13 2.82
N PHE A 97 32.00 -53.83 3.07
CA PHE A 97 31.83 -53.27 4.40
C PHE A 97 30.42 -53.55 4.93
N LEU A 98 29.41 -53.25 4.12
CA LEU A 98 28.02 -53.42 4.56
C LEU A 98 27.73 -54.88 4.93
N GLN A 99 28.10 -55.81 4.05
CA GLN A 99 27.84 -57.22 4.34
C GLN A 99 28.48 -57.64 5.64
N SER A 100 29.70 -57.18 5.91
CA SER A 100 30.39 -57.57 7.14
C SER A 100 29.78 -56.91 8.37
N GLU A 101 29.43 -55.62 8.26
CA GLU A 101 28.99 -54.88 9.44
C GLU A 101 27.55 -55.20 9.82
N LEU A 102 26.67 -55.41 8.83
CA LEU A 102 25.30 -55.78 9.17
C LEU A 102 25.23 -57.18 9.76
N LYS A 103 26.10 -58.09 9.32
CA LYS A 103 26.15 -59.41 9.96
C LYS A 103 26.66 -59.32 11.39
N LYS A 104 27.72 -58.54 11.63
CA LYS A 104 28.16 -58.31 13.00
C LYS A 104 27.05 -57.67 13.82
N LEU A 105 26.36 -56.69 13.22
CA LEU A 105 25.37 -55.91 13.96
C LEU A 105 24.22 -56.78 14.45
N LYS A 106 23.81 -57.78 13.66
CA LYS A 106 22.64 -58.56 14.02
C LYS A 106 22.91 -59.61 15.10
N HIS A 107 24.08 -59.57 15.75
CA HIS A 107 24.36 -60.40 16.91
C HIS A 107 24.75 -59.55 18.12
N LEU A 108 24.25 -58.32 18.17
CA LEU A 108 24.46 -57.40 19.28
C LEU A 108 23.13 -57.04 19.91
N GLU A 109 23.18 -56.32 21.01
CA GLU A 109 21.95 -55.96 21.69
C GLU A 109 22.21 -54.77 22.61
N GLY A 110 21.12 -54.08 22.97
CA GLY A 110 21.20 -53.01 23.93
C GLY A 110 22.19 -51.94 23.52
N ASN A 111 23.04 -51.54 24.47
CA ASN A 111 23.95 -50.43 24.25
C ASN A 111 24.93 -50.73 23.12
N GLU A 112 25.58 -51.90 23.16
CA GLU A 112 26.59 -52.20 22.16
C GLU A 112 25.99 -52.18 20.75
N LEU A 113 24.75 -52.66 20.61
CA LEU A 113 24.09 -52.62 19.31
C LEU A 113 23.92 -51.20 18.81
N GLN A 114 23.53 -50.28 19.70
CA GLN A 114 23.24 -48.91 19.27
C GLN A 114 24.50 -48.12 18.98
N ARG A 115 25.55 -48.30 19.80
CA ARG A 115 26.81 -47.62 19.52
C ARG A 115 27.38 -48.03 18.18
N HIS A 116 27.33 -49.33 17.86
CA HIS A 116 27.86 -49.83 16.60
C HIS A 116 27.02 -49.35 15.43
N ALA A 117 25.70 -49.35 15.57
CA ALA A 117 24.85 -48.82 14.50
C ALA A 117 25.26 -47.39 14.15
N ASP A 118 25.46 -46.56 15.18
CA ASP A 118 25.86 -45.18 14.93
C ASP A 118 27.24 -45.11 14.28
N GLU A 119 28.18 -45.95 14.73
CA GLU A 119 29.52 -45.93 14.17
C GLU A 119 29.51 -46.34 12.70
N ILE A 120 28.69 -47.32 12.34
CA ILE A 120 28.59 -47.75 10.95
C ILE A 120 28.05 -46.61 10.09
N LEU A 121 27.04 -45.89 10.57
CA LEU A 121 26.47 -44.78 9.80
C LEU A 121 27.50 -43.67 9.60
N LEU A 122 28.25 -43.33 10.65
CA LEU A 122 29.33 -42.36 10.49
C LEU A 122 30.30 -42.79 9.39
N ASP A 123 30.76 -44.04 9.45
CA ASP A 123 31.72 -44.52 8.47
C ASP A 123 31.12 -44.56 7.07
N LEU A 124 29.85 -44.99 6.96
CA LEU A 124 29.20 -45.02 5.65
C LEU A 124 29.13 -43.63 5.04
N GLY A 125 28.91 -42.60 5.86
CA GLY A 125 28.77 -41.26 5.33
C GLY A 125 30.00 -40.81 4.57
N HIS A 126 31.18 -40.97 5.19
CA HIS A 126 32.42 -40.60 4.50
C HIS A 126 32.67 -41.50 3.30
N HIS A 127 32.45 -42.80 3.45
CA HIS A 127 32.64 -43.72 2.33
C HIS A 127 31.75 -43.33 1.15
N GLU A 128 30.48 -43.04 1.41
CA GLU A 128 29.58 -42.65 0.34
C GLU A 128 30.01 -41.32 -0.28
N ARG A 129 30.53 -40.40 0.53
CA ARG A 129 30.90 -39.09 0.00
C ARG A 129 32.14 -39.18 -0.90
N SER A 130 33.06 -40.10 -0.62
CA SER A 130 34.19 -40.28 -1.51
C SER A 130 33.72 -40.79 -2.87
N ILE A 131 32.70 -41.66 -2.88
CA ILE A 131 32.15 -42.13 -4.14
C ILE A 131 31.50 -40.98 -4.90
N MET A 132 30.66 -40.21 -4.22
CA MET A 132 30.07 -39.03 -4.85
C MET A 132 31.16 -38.09 -5.35
N THR A 133 32.23 -37.94 -4.59
CA THR A 133 33.32 -37.06 -5.01
C THR A 133 33.92 -37.53 -6.32
N ASP A 134 34.20 -38.84 -6.44
CA ASP A 134 34.75 -39.36 -7.68
C ASP A 134 33.74 -39.21 -8.82
N LEU A 135 32.45 -39.37 -8.52
CA LEU A 135 31.43 -39.14 -9.54
C LEU A 135 31.44 -37.69 -9.99
N TYR A 136 31.58 -36.74 -9.06
CA TYR A 136 31.71 -35.35 -9.47
C TYR A 136 32.88 -35.16 -10.42
N TYR A 137 34.04 -35.76 -10.08
CA TYR A 137 35.21 -35.66 -10.94
C TYR A 137 34.95 -36.30 -12.30
N LEU A 138 34.28 -37.45 -12.32
CA LEU A 138 33.99 -38.12 -13.58
C LEU A 138 33.19 -37.20 -14.49
N SER A 139 32.25 -36.43 -13.91
CA SER A 139 31.42 -35.54 -14.70
C SER A 139 32.20 -34.39 -15.32
N GLN A 140 33.46 -34.18 -14.92
CA GLN A 140 34.22 -33.03 -15.39
C GLN A 140 35.45 -33.36 -16.22
N THR A 141 35.97 -34.59 -16.18
CA THR A 141 37.26 -34.87 -16.81
C THR A 141 37.16 -34.83 -18.33
N ASP A 142 38.33 -34.64 -18.95
CA ASP A 142 38.51 -34.82 -20.38
C ASP A 142 37.52 -33.98 -21.17
N GLY A 143 37.40 -32.72 -20.77
CA GLY A 143 36.61 -31.74 -21.49
C GLY A 143 35.12 -31.77 -21.23
N ALA A 144 34.63 -32.75 -20.48
CA ALA A 144 33.18 -32.89 -20.27
C ALA A 144 32.58 -31.59 -19.74
N GLY A 145 33.20 -31.01 -18.72
CA GLY A 145 32.63 -29.81 -18.12
C GLY A 145 32.53 -28.66 -19.09
N ASP A 146 33.59 -28.42 -19.86
CA ASP A 146 33.57 -27.36 -20.87
C ASP A 146 32.50 -27.64 -21.91
N TRP A 147 32.43 -28.87 -22.40
CA TRP A 147 31.41 -29.19 -23.40
C TRP A 147 30.01 -29.01 -22.85
N ARG A 148 29.76 -29.47 -21.62
CA ARG A 148 28.44 -29.31 -21.04
C ARG A 148 28.09 -27.83 -20.88
N GLU A 149 29.08 -27.00 -20.55
CA GLU A 149 28.80 -25.57 -20.43
C GLU A 149 28.49 -24.95 -21.78
N LYS A 150 29.29 -25.29 -22.81
CA LYS A 150 29.05 -24.72 -24.12
C LYS A 150 27.71 -25.17 -24.70
N GLU A 151 27.31 -26.41 -24.44
CA GLU A 151 26.05 -26.91 -24.98
C GLU A 151 24.85 -26.34 -24.21
N ALA A 152 24.98 -26.17 -22.89
CA ALA A 152 23.93 -25.53 -22.13
C ALA A 152 23.77 -24.07 -22.53
N LYS A 153 24.89 -23.34 -22.64
CA LYS A 153 24.84 -21.96 -23.09
C LYS A 153 24.16 -21.85 -24.45
N ASP A 154 24.47 -22.78 -25.36
CA ASP A 154 23.91 -22.72 -26.70
C ASP A 154 22.39 -22.90 -26.67
N LEU A 155 21.89 -23.82 -25.83
CA LEU A 155 20.46 -24.06 -25.75
C LEU A 155 19.72 -22.87 -25.15
N THR A 156 20.25 -22.32 -24.05
CA THR A 156 19.57 -21.19 -23.41
C THR A 156 19.55 -19.97 -24.33
N GLU A 157 20.63 -19.71 -25.04
CA GLU A 157 20.63 -18.61 -26.00
C GLU A 157 19.58 -18.85 -27.08
N LEU A 158 19.40 -20.10 -27.50
CA LEU A 158 18.40 -20.41 -28.52
C LEU A 158 16.99 -20.15 -28.01
N VAL A 159 16.66 -20.64 -26.82
CA VAL A 159 15.31 -20.47 -26.29
C VAL A 159 15.04 -18.99 -26.03
N GLN A 160 15.95 -18.31 -25.34
CA GLN A 160 15.80 -16.88 -25.13
C GLN A 160 15.60 -16.14 -26.45
N ARG A 161 16.39 -16.50 -27.46
CA ARG A 161 16.25 -15.87 -28.76
C ARG A 161 14.87 -16.10 -29.35
N ARG A 162 14.30 -17.28 -29.12
CA ARG A 162 12.94 -17.55 -29.58
C ARG A 162 11.92 -16.72 -28.80
N ILE A 163 12.01 -16.74 -27.47
CA ILE A 163 11.07 -15.99 -26.65
C ILE A 163 11.10 -14.52 -27.01
N THR A 164 12.31 -13.95 -27.15
CA THR A 164 12.43 -12.54 -27.46
C THR A 164 11.79 -12.21 -28.80
N TYR A 165 11.99 -13.06 -29.81
CA TYR A 165 11.36 -12.86 -31.10
C TYR A 165 9.84 -12.90 -30.98
N LEU A 166 9.32 -13.89 -30.25
CA LEU A 166 7.88 -13.98 -30.04
C LEU A 166 7.33 -12.71 -29.40
N GLN A 167 8.06 -12.15 -28.43
CA GLN A 167 7.54 -11.06 -27.62
C GLN A 167 7.68 -9.70 -28.27
N ASN A 168 8.40 -9.57 -29.38
CA ASN A 168 8.69 -8.26 -29.98
C ASN A 168 8.32 -8.23 -31.45
N PRO A 169 7.04 -8.36 -31.77
CA PRO A 169 6.60 -8.21 -33.16
C PRO A 169 6.77 -6.78 -33.64
N LYS A 170 6.88 -6.63 -34.96
CA LYS A 170 7.07 -5.31 -35.54
C LYS A 170 5.81 -4.45 -35.39
N ASP A 171 4.65 -5.03 -35.68
CA ASP A 171 3.38 -4.32 -35.61
C ASP A 171 2.57 -4.92 -34.46
N CYS A 172 2.43 -4.15 -33.38
CA CYS A 172 1.68 -4.65 -32.22
C CYS A 172 0.18 -4.67 -32.50
N SER A 173 -0.31 -3.77 -33.36
CA SER A 173 -1.73 -3.71 -33.65
C SER A 173 -2.23 -4.97 -34.36
N LYS A 174 -1.33 -5.74 -34.99
CA LYS A 174 -1.71 -6.93 -35.73
C LYS A 174 -1.15 -8.21 -35.12
N ALA A 175 -0.57 -8.14 -33.93
CA ALA A 175 0.03 -9.32 -33.32
C ALA A 175 -1.03 -10.15 -32.61
N ARG A 176 -0.87 -11.47 -32.68
CA ARG A 176 -1.69 -12.36 -31.87
C ARG A 176 -1.19 -12.32 -30.43
N LYS A 177 -2.13 -12.21 -29.49
CA LYS A 177 -1.79 -11.90 -28.11
C LYS A 177 -2.53 -12.82 -27.15
N LEU A 178 -1.92 -13.04 -25.99
CA LEU A 178 -2.52 -13.77 -24.88
C LEU A 178 -2.34 -12.91 -23.63
N VAL A 179 -3.46 -12.56 -22.98
CA VAL A 179 -3.45 -11.60 -21.89
C VAL A 179 -3.46 -12.34 -20.56
N CYS A 180 -2.46 -12.06 -19.74
CA CYS A 180 -2.31 -12.63 -18.40
C CYS A 180 -2.47 -11.54 -17.36
N ASN A 181 -3.24 -11.81 -16.30
CA ASN A 181 -3.42 -10.89 -15.20
C ASN A 181 -2.58 -11.38 -14.02
N ILE A 182 -1.70 -10.53 -13.51
CA ILE A 182 -0.78 -10.95 -12.46
C ILE A 182 -1.51 -11.21 -11.14
N ASN A 183 -2.73 -10.70 -11.00
CA ASN A 183 -3.35 -10.57 -9.68
C ASN A 183 -3.98 -11.85 -9.15
N LYS A 184 -3.34 -13.00 -9.39
CA LYS A 184 -3.70 -14.21 -8.65
C LYS A 184 -3.53 -13.93 -7.15
N GLY A 185 -4.49 -14.37 -6.35
CA GLY A 185 -4.48 -14.05 -4.94
C GLY A 185 -3.59 -14.95 -4.09
N CYS A 186 -2.29 -14.74 -4.17
CA CYS A 186 -1.32 -15.59 -3.47
C CYS A 186 0.00 -14.83 -3.37
N GLY A 187 1.05 -15.53 -2.92
CA GLY A 187 2.35 -14.91 -2.70
C GLY A 187 3.15 -14.73 -3.97
N TYR A 188 4.38 -14.22 -3.79
CA TYR A 188 5.20 -13.84 -4.93
C TYR A 188 5.55 -15.04 -5.81
N GLY A 189 6.03 -16.12 -5.20
CA GLY A 189 6.38 -17.29 -5.97
C GLY A 189 5.20 -17.85 -6.75
N CYS A 190 4.06 -17.97 -6.08
CA CYS A 190 2.85 -18.43 -6.76
C CYS A 190 2.48 -17.50 -7.92
N GLN A 191 2.58 -16.19 -7.70
CA GLN A 191 2.25 -15.24 -8.76
C GLN A 191 3.25 -15.30 -9.91
N LEU A 192 4.55 -15.36 -9.58
CA LEU A 192 5.55 -15.50 -10.63
C LEU A 192 5.30 -16.75 -11.46
N HIS A 193 4.95 -17.86 -10.81
CA HIS A 193 4.68 -19.10 -11.53
C HIS A 193 3.39 -19.00 -12.35
N HIS A 194 2.44 -18.19 -11.90
CA HIS A 194 1.26 -17.95 -12.73
C HIS A 194 1.66 -17.31 -14.06
N VAL A 195 2.57 -16.33 -14.02
CA VAL A 195 3.03 -15.69 -15.25
C VAL A 195 3.78 -16.69 -16.11
N VAL A 196 4.62 -17.52 -15.50
CA VAL A 196 5.33 -18.56 -16.25
C VAL A 196 4.35 -19.45 -16.99
N TYR A 197 3.26 -19.83 -16.32
CA TYR A 197 2.26 -20.69 -16.94
C TYR A 197 1.56 -19.97 -18.10
N CYS A 198 1.19 -18.71 -17.90
CA CYS A 198 0.72 -17.89 -19.02
C CYS A 198 1.75 -17.86 -20.13
N PHE A 199 3.01 -17.56 -19.78
CA PHE A 199 4.07 -17.43 -20.78
C PHE A 199 4.25 -18.74 -21.56
N MET A 200 4.25 -19.88 -20.88
CA MET A 200 4.47 -21.15 -21.55
C MET A 200 3.35 -21.43 -22.55
N ILE A 201 2.12 -21.04 -22.22
CA ILE A 201 1.00 -21.28 -23.13
C ILE A 201 1.01 -20.28 -24.28
N ALA A 202 1.47 -19.05 -24.04
CA ALA A 202 1.59 -18.09 -25.14
C ALA A 202 2.64 -18.55 -26.13
N TYR A 203 3.81 -18.94 -25.63
CA TYR A 203 4.85 -19.52 -26.48
C TYR A 203 4.28 -20.67 -27.31
N GLY A 204 3.50 -21.55 -26.67
CA GLY A 204 2.96 -22.71 -27.37
C GLY A 204 1.93 -22.37 -28.42
N THR A 205 1.17 -21.30 -28.22
CA THR A 205 0.16 -20.88 -29.17
C THR A 205 0.63 -19.74 -30.07
N GLN A 206 1.89 -19.35 -29.97
CA GLN A 206 2.48 -18.33 -30.84
C GLN A 206 1.78 -16.98 -30.65
N ARG A 207 1.41 -16.69 -29.42
CA ARG A 207 0.82 -15.41 -29.05
C ARG A 207 1.80 -14.64 -28.19
N THR A 208 1.89 -13.33 -28.43
CA THR A 208 2.71 -12.47 -27.58
C THR A 208 2.08 -12.36 -26.20
N LEU A 209 2.87 -12.61 -25.16
CA LEU A 209 2.37 -12.47 -23.80
C LEU A 209 2.16 -11.00 -23.47
N ILE A 210 0.94 -10.65 -23.05
CA ILE A 210 0.61 -9.32 -22.55
C ILE A 210 0.37 -9.47 -21.06
N LEU A 211 1.30 -8.95 -20.25
CA LEU A 211 1.19 -9.03 -18.81
C LEU A 211 0.55 -7.75 -18.28
N GLU A 212 -0.62 -7.88 -17.68
CA GLU A 212 -1.34 -6.77 -17.07
C GLU A 212 -1.16 -6.86 -15.56
N SER A 213 -0.41 -5.90 -15.00
CA SER A 213 0.02 -5.99 -13.61
C SER A 213 -0.33 -4.75 -12.79
N GLN A 214 -1.18 -3.87 -13.31
CA GLN A 214 -1.62 -2.74 -12.50
C GLN A 214 -2.32 -3.24 -11.25
N ASN A 215 -2.05 -2.59 -10.12
CA ASN A 215 -2.59 -2.94 -8.81
C ASN A 215 -2.03 -4.24 -8.26
N TRP A 216 -0.94 -4.75 -8.83
CA TRP A 216 -0.18 -5.85 -8.26
C TRP A 216 0.02 -5.63 -6.76
N ARG A 217 -0.50 -6.55 -5.95
CA ARG A 217 -0.60 -6.27 -4.52
C ARG A 217 0.76 -6.00 -3.88
N TYR A 218 1.85 -6.54 -4.44
CA TYR A 218 3.17 -6.24 -3.90
C TYR A 218 3.63 -4.84 -4.27
N ALA A 219 3.27 -4.35 -5.46
CA ALA A 219 3.69 -3.02 -5.91
C ALA A 219 2.70 -2.58 -6.98
N THR A 220 1.73 -1.75 -6.59
CA THR A 220 0.60 -1.45 -7.46
C THR A 220 1.03 -0.73 -8.74
N GLY A 221 2.24 -0.20 -8.82
CA GLY A 221 2.75 0.34 -10.06
C GLY A 221 2.97 -0.71 -11.13
N GLY A 222 3.19 -1.96 -10.74
CA GLY A 222 3.15 -3.09 -11.65
C GLY A 222 4.49 -3.78 -11.81
N TRP A 223 4.52 -4.68 -12.80
CA TRP A 223 5.69 -5.48 -13.09
C TRP A 223 6.96 -4.63 -13.18
N GLU A 224 6.91 -3.53 -13.94
CA GLU A 224 8.10 -2.74 -14.20
C GLU A 224 8.60 -2.00 -12.97
N THR A 225 7.99 -2.20 -11.81
CA THR A 225 8.57 -1.68 -10.58
C THR A 225 9.93 -2.31 -10.31
N VAL A 226 10.11 -3.57 -10.69
CA VAL A 226 11.37 -4.26 -10.41
C VAL A 226 11.97 -4.86 -11.69
N PHE A 227 11.13 -5.27 -12.64
CA PHE A 227 11.60 -6.02 -13.79
C PHE A 227 11.34 -5.27 -15.09
N ARG A 228 12.12 -5.63 -16.10
CA ARG A 228 11.90 -5.13 -17.44
C ARG A 228 10.49 -5.50 -17.92
N PRO A 229 9.88 -4.69 -18.77
CA PRO A 229 8.63 -5.12 -19.41
C PRO A 229 8.87 -6.37 -20.23
N VAL A 230 7.85 -7.23 -20.31
CA VAL A 230 7.99 -8.49 -21.05
C VAL A 230 8.07 -8.29 -22.54
N SER A 231 7.96 -7.05 -23.03
CA SER A 231 8.08 -6.76 -24.46
C SER A 231 8.55 -5.32 -24.62
N GLU A 232 9.43 -5.10 -25.60
CA GLU A 232 9.84 -3.74 -25.93
C GLU A 232 8.92 -3.09 -26.96
N THR A 233 8.23 -3.89 -27.79
CA THR A 233 7.44 -3.35 -28.89
C THR A 233 5.94 -3.55 -28.75
N CYS A 234 5.47 -4.48 -27.91
CA CYS A 234 4.04 -4.81 -27.87
C CYS A 234 3.61 -5.08 -26.44
N THR A 235 3.07 -4.06 -25.79
CA THR A 235 2.54 -4.16 -24.43
C THR A 235 1.08 -3.73 -24.36
N ASP A 236 0.45 -3.50 -25.50
CA ASP A 236 -0.94 -3.06 -25.59
C ASP A 236 -1.84 -4.25 -25.92
N ARG A 237 -3.00 -4.31 -25.28
CA ARG A 237 -3.89 -5.47 -25.40
C ARG A 237 -4.95 -5.32 -26.47
N SER A 238 -4.77 -4.41 -27.44
CA SER A 238 -5.78 -4.15 -28.44
C SER A 238 -5.73 -5.20 -29.55
N GLY A 239 -6.84 -5.31 -30.29
CA GLY A 239 -6.93 -6.26 -31.38
C GLY A 239 -8.31 -6.31 -32.04
N LEU A 240 -8.36 -6.84 -33.26
CA LEU A 240 -9.62 -6.92 -33.99
C LEU A 240 -10.65 -7.83 -33.34
N SER A 241 -10.23 -8.71 -32.44
CA SER A 241 -11.17 -9.61 -31.79
C SER A 241 -10.56 -10.13 -30.49
N THR A 242 -11.37 -10.15 -29.43
CA THR A 242 -10.95 -10.59 -28.12
C THR A 242 -11.90 -11.67 -27.62
N GLY A 243 -11.37 -12.60 -26.82
CA GLY A 243 -12.20 -13.65 -26.25
C GLY A 243 -11.52 -14.33 -25.08
N HIS A 244 -12.35 -14.97 -24.25
CA HIS A 244 -11.84 -15.78 -23.17
C HIS A 244 -11.35 -17.12 -23.72
N TRP A 245 -10.23 -17.59 -23.16
CA TRP A 245 -9.66 -18.86 -23.61
C TRP A 245 -10.76 -19.92 -23.71
N SER A 246 -10.77 -20.63 -24.84
CA SER A 246 -11.74 -21.70 -25.05
C SER A 246 -11.12 -22.88 -25.79
N GLY A 247 -9.80 -22.95 -25.87
CA GLY A 247 -9.15 -23.99 -26.62
C GLY A 247 -8.46 -23.44 -27.85
N GLU A 248 -7.35 -24.07 -28.22
CA GLU A 248 -6.53 -23.58 -29.31
C GLU A 248 -7.31 -23.57 -30.63
N VAL A 249 -8.09 -24.61 -30.90
CA VAL A 249 -8.79 -24.71 -32.17
C VAL A 249 -9.87 -23.63 -32.26
N ASN A 250 -10.70 -23.50 -31.22
CA ASN A 250 -11.78 -22.52 -31.26
C ASN A 250 -11.24 -21.11 -31.39
N ASP A 251 -10.12 -20.82 -30.75
CA ASP A 251 -9.52 -19.49 -30.76
C ASP A 251 -8.62 -19.25 -31.97
N LYS A 252 -8.72 -20.11 -32.99
CA LYS A 252 -7.82 -20.03 -34.14
C LYS A 252 -7.76 -18.61 -34.70
N ASN A 253 -8.91 -17.95 -34.84
CA ASN A 253 -8.99 -16.65 -35.51
C ASN A 253 -9.28 -15.50 -34.54
N ILE A 254 -9.09 -15.72 -33.25
CA ILE A 254 -9.31 -14.67 -32.25
C ILE A 254 -7.95 -14.07 -31.90
N GLN A 255 -7.83 -12.76 -32.05
CA GLN A 255 -6.51 -12.12 -31.98
C GLN A 255 -6.02 -11.98 -30.55
N VAL A 256 -6.90 -11.66 -29.61
CA VAL A 256 -6.54 -11.47 -28.20
C VAL A 256 -7.34 -12.47 -27.36
N VAL A 257 -6.63 -13.38 -26.70
CA VAL A 257 -7.24 -14.39 -25.86
C VAL A 257 -6.84 -14.13 -24.41
N GLU A 258 -7.82 -14.18 -23.51
CA GLU A 258 -7.61 -13.91 -22.10
C GLU A 258 -7.49 -15.23 -21.34
N LEU A 259 -6.33 -15.45 -20.74
CA LEU A 259 -6.06 -16.69 -20.01
C LEU A 259 -6.39 -16.50 -18.53
N PRO A 260 -7.13 -17.43 -17.91
CA PRO A 260 -7.34 -17.36 -16.46
C PRO A 260 -6.27 -18.13 -15.72
N ILE A 261 -6.33 -18.11 -14.38
CA ILE A 261 -5.42 -18.94 -13.60
C ILE A 261 -5.65 -20.41 -13.95
N VAL A 262 -4.63 -21.23 -13.74
CA VAL A 262 -4.64 -22.60 -14.22
C VAL A 262 -5.83 -23.37 -13.66
N ASP A 263 -6.19 -23.11 -12.40
CA ASP A 263 -7.28 -23.85 -11.78
C ASP A 263 -8.62 -23.59 -12.47
N SER A 264 -8.74 -22.48 -13.19
CA SER A 264 -9.96 -22.15 -13.92
C SER A 264 -9.82 -22.42 -15.42
N LEU A 265 -8.78 -23.13 -15.83
CA LEU A 265 -8.47 -23.31 -17.25
C LEU A 265 -9.22 -24.52 -17.81
N HIS A 266 -10.06 -24.27 -18.82
CA HIS A 266 -10.78 -25.33 -19.53
C HIS A 266 -10.95 -24.86 -20.98
N PRO A 267 -10.50 -25.66 -21.96
CA PRO A 267 -9.82 -26.94 -21.75
C PRO A 267 -8.32 -26.73 -21.62
N ARG A 268 -7.63 -27.69 -21.04
CA ARG A 268 -6.19 -27.53 -20.84
C ARG A 268 -5.44 -27.81 -22.14
N PRO A 269 -4.52 -26.93 -22.55
CA PRO A 269 -3.68 -27.23 -23.71
C PRO A 269 -2.51 -28.11 -23.28
N PRO A 270 -1.68 -28.55 -24.23
CA PRO A 270 -0.56 -29.43 -23.86
C PRO A 270 0.67 -28.70 -23.35
N TYR A 271 0.75 -27.38 -23.46
CA TYR A 271 1.96 -26.63 -23.13
C TYR A 271 2.01 -26.32 -21.64
N LEU A 272 2.17 -27.38 -20.85
CA LEU A 272 2.24 -27.27 -19.40
C LEU A 272 3.37 -28.14 -18.89
N PRO A 273 3.97 -27.79 -17.76
CA PRO A 273 4.88 -28.72 -17.08
C PRO A 273 4.14 -30.02 -16.78
N LEU A 274 4.88 -31.12 -16.70
CA LEU A 274 6.34 -31.14 -16.77
C LEU A 274 6.89 -31.57 -18.14
N ALA A 275 6.08 -31.50 -19.18
CA ALA A 275 6.57 -31.86 -20.50
C ALA A 275 7.56 -30.83 -21.03
N VAL A 276 8.42 -31.27 -21.95
CA VAL A 276 9.39 -30.37 -22.57
C VAL A 276 9.13 -30.38 -24.07
N PRO A 277 9.58 -29.34 -24.77
CA PRO A 277 9.45 -29.33 -26.24
C PRO A 277 10.18 -30.52 -26.86
N GLU A 278 9.50 -31.23 -27.74
CA GLU A 278 10.08 -32.44 -28.33
C GLU A 278 11.28 -32.12 -29.20
N ASP A 279 11.39 -30.90 -29.73
CA ASP A 279 12.54 -30.55 -30.56
C ASP A 279 13.81 -30.30 -29.74
N LEU A 280 13.68 -30.11 -28.43
CA LEU A 280 14.83 -29.93 -27.56
C LEU A 280 15.12 -31.13 -26.66
N ALA A 281 14.24 -32.12 -26.63
CA ALA A 281 14.34 -33.19 -25.64
C ALA A 281 15.66 -33.93 -25.74
N ASP A 282 16.07 -34.31 -26.95
CA ASP A 282 17.28 -35.11 -27.12
C ASP A 282 18.52 -34.34 -26.64
N ARG A 283 18.69 -33.11 -27.12
CA ARG A 283 19.85 -32.32 -26.70
C ARG A 283 19.85 -32.08 -25.20
N LEU A 284 18.66 -31.96 -24.59
CA LEU A 284 18.60 -31.71 -23.15
C LEU A 284 19.06 -32.92 -22.34
N LEU A 285 18.79 -34.14 -22.82
CA LEU A 285 19.24 -35.32 -22.09
C LEU A 285 20.76 -35.39 -22.03
N ARG A 286 21.43 -34.95 -23.09
CA ARG A 286 22.88 -34.88 -23.10
C ARG A 286 23.42 -33.91 -22.06
N VAL A 287 22.58 -33.10 -21.43
CA VAL A 287 23.08 -31.96 -20.67
C VAL A 287 22.50 -31.84 -19.27
N HIS A 288 21.19 -32.11 -19.10
CA HIS A 288 20.51 -31.74 -17.87
C HIS A 288 19.78 -32.92 -17.25
N GLY A 289 19.87 -33.01 -15.92
CA GLY A 289 19.28 -34.11 -15.17
C GLY A 289 17.78 -34.02 -14.98
N ASP A 290 17.18 -32.85 -15.20
CA ASP A 290 15.73 -32.69 -15.05
C ASP A 290 15.25 -31.68 -16.07
N PRO A 291 15.03 -32.12 -17.31
CA PRO A 291 14.68 -31.17 -18.37
C PRO A 291 13.38 -30.41 -18.12
N ALA A 292 12.47 -30.94 -17.30
CA ALA A 292 11.23 -30.23 -17.03
C ALA A 292 11.49 -28.93 -16.30
N VAL A 293 12.36 -28.96 -15.28
CA VAL A 293 12.71 -27.74 -14.56
C VAL A 293 13.47 -26.78 -15.47
N TRP A 294 14.36 -27.32 -16.31
CA TRP A 294 15.10 -26.46 -17.23
C TRP A 294 14.15 -25.65 -18.10
N TRP A 295 13.14 -26.30 -18.66
CA TRP A 295 12.16 -25.61 -19.49
C TRP A 295 11.44 -24.52 -18.69
N VAL A 296 10.96 -24.86 -17.50
CA VAL A 296 10.31 -23.87 -16.64
C VAL A 296 11.24 -22.68 -16.40
N SER A 297 12.52 -22.96 -16.13
CA SER A 297 13.45 -21.91 -15.75
C SER A 297 13.75 -20.95 -16.88
N GLN A 298 13.61 -21.37 -18.13
CA GLN A 298 13.88 -20.46 -19.24
C GLN A 298 12.91 -19.30 -19.27
N PHE A 299 11.66 -19.53 -18.86
CA PHE A 299 10.70 -18.44 -18.79
C PHE A 299 10.89 -17.60 -17.52
N VAL A 300 11.28 -18.24 -16.42
CA VAL A 300 11.66 -17.49 -15.23
C VAL A 300 12.83 -16.57 -15.53
N LYS A 301 13.84 -17.09 -16.25
CA LYS A 301 15.00 -16.29 -16.61
C LYS A 301 14.59 -15.01 -17.34
N TYR A 302 13.76 -15.14 -18.38
CA TYR A 302 13.34 -13.98 -19.16
C TYR A 302 12.50 -13.02 -18.32
N LEU A 303 11.64 -13.56 -17.45
CA LEU A 303 10.70 -12.71 -16.74
C LEU A 303 11.40 -11.80 -15.74
N ILE A 304 12.48 -12.29 -15.12
CA ILE A 304 13.13 -11.56 -14.03
C ILE A 304 14.32 -10.74 -14.52
N ARG A 305 14.36 -10.40 -15.80
CA ARG A 305 15.38 -9.46 -16.25
C ARG A 305 15.27 -8.19 -15.43
N PRO A 306 16.31 -7.80 -14.70
CA PRO A 306 16.14 -6.72 -13.71
C PRO A 306 16.15 -5.34 -14.34
N GLN A 307 15.34 -4.45 -13.76
CA GLN A 307 15.49 -3.03 -14.05
C GLN A 307 16.86 -2.56 -13.58
N PRO A 308 17.37 -1.46 -14.14
CA PRO A 308 18.70 -0.99 -13.72
C PRO A 308 18.84 -0.84 -12.22
N TRP A 309 17.83 -0.28 -11.54
CA TRP A 309 17.97 -0.04 -10.10
C TRP A 309 18.00 -1.34 -9.30
N LEU A 310 17.25 -2.35 -9.73
CA LEU A 310 17.28 -3.64 -9.04
C LEU A 310 18.61 -4.35 -9.25
N GLU A 311 19.14 -4.29 -10.49
CA GLU A 311 20.47 -4.82 -10.76
C GLU A 311 21.50 -4.20 -9.84
N LYS A 312 21.36 -2.91 -9.54
CA LYS A 312 22.29 -2.25 -8.63
C LYS A 312 22.05 -2.69 -7.18
N GLU A 313 20.79 -2.81 -6.78
CA GLU A 313 20.49 -3.24 -5.42
C GLU A 313 21.07 -4.62 -5.14
N ILE A 314 20.97 -5.53 -6.11
CA ILE A 314 21.52 -6.88 -5.95
C ILE A 314 23.04 -6.81 -5.79
N GLU A 315 23.69 -6.03 -6.65
CA GLU A 315 25.14 -5.91 -6.59
C GLU A 315 25.58 -5.30 -5.25
N GLU A 316 24.87 -4.28 -4.78
CA GLU A 316 25.22 -3.67 -3.50
C GLU A 316 24.97 -4.63 -2.35
N ALA A 317 23.90 -5.41 -2.41
CA ALA A 317 23.62 -6.38 -1.35
C ALA A 317 24.68 -7.46 -1.31
N THR A 318 25.11 -7.93 -2.48
CA THR A 318 26.17 -8.94 -2.54
C THR A 318 27.42 -8.46 -1.80
N LYS A 319 27.77 -7.17 -1.95
CA LYS A 319 28.95 -6.64 -1.27
C LYS A 319 28.68 -6.47 0.21
N LYS A 320 27.53 -5.89 0.57
CA LYS A 320 27.27 -5.56 1.97
C LYS A 320 27.16 -6.81 2.84
N LEU A 321 26.56 -7.88 2.30
CA LEU A 321 26.37 -9.10 3.07
C LEU A 321 27.58 -10.01 3.11
N GLY A 322 28.58 -9.78 2.25
CA GLY A 322 29.71 -10.68 2.17
C GLY A 322 29.37 -12.01 1.54
N PHE A 323 28.43 -12.02 0.60
CA PHE A 323 28.04 -13.26 -0.07
C PHE A 323 29.18 -13.73 -0.98
N LYS A 324 29.76 -14.89 -0.66
CA LYS A 324 30.86 -15.42 -1.43
C LYS A 324 30.87 -16.94 -1.30
N HIS A 325 31.67 -17.58 -2.14
CA HIS A 325 31.58 -19.04 -2.17
C HIS A 325 32.75 -19.68 -1.43
N PRO A 326 32.56 -20.91 -0.91
CA PRO A 326 31.32 -21.68 -1.02
C PRO A 326 30.26 -21.20 -0.04
N VAL A 327 28.99 -21.36 -0.41
CA VAL A 327 27.87 -20.92 0.43
C VAL A 327 26.67 -21.81 0.13
N ILE A 328 25.95 -22.20 1.17
CA ILE A 328 24.76 -23.04 1.05
C ILE A 328 23.54 -22.21 1.43
N GLY A 329 22.52 -22.27 0.59
CA GLY A 329 21.29 -21.54 0.85
C GLY A 329 20.30 -22.40 1.61
N VAL A 330 19.65 -21.78 2.61
CA VAL A 330 18.70 -22.44 3.48
C VAL A 330 17.46 -21.57 3.58
N HIS A 331 16.32 -22.07 3.10
CA HIS A 331 15.05 -21.37 3.20
C HIS A 331 14.17 -22.07 4.24
N VAL A 332 13.81 -21.34 5.28
CA VAL A 332 13.02 -21.85 6.39
C VAL A 332 11.69 -21.13 6.36
N ARG A 333 10.67 -21.78 5.80
CA ARG A 333 9.35 -21.19 5.65
C ARG A 333 8.52 -21.46 6.92
N ARG A 334 8.05 -20.39 7.56
CA ARG A 334 7.31 -20.52 8.80
C ARG A 334 5.96 -19.79 8.73
N THR A 335 5.72 -18.88 9.67
CA THR A 335 4.47 -18.13 9.77
C THR A 335 3.25 -18.91 9.29
N ASP A 336 2.61 -18.42 8.23
CA ASP A 336 1.29 -18.96 7.85
C ASP A 336 1.37 -20.28 7.11
N LYS A 337 2.53 -20.66 6.55
CA LYS A 337 2.65 -21.97 5.94
C LYS A 337 2.51 -23.09 6.97
N VAL A 338 2.81 -22.82 8.23
CA VAL A 338 2.70 -23.82 9.29
C VAL A 338 1.24 -24.06 9.61
N GLY A 339 0.81 -25.32 9.51
CA GLY A 339 -0.57 -25.62 9.82
C GLY A 339 -1.57 -25.25 8.75
N THR A 340 -1.10 -25.01 7.52
CA THR A 340 -2.01 -24.86 6.39
C THR A 340 -1.57 -25.78 5.26
N GLU A 341 -0.38 -25.52 4.71
CA GLU A 341 0.13 -26.29 3.58
C GLU A 341 1.38 -27.10 3.88
N ALA A 342 2.13 -26.76 4.92
CA ALA A 342 3.37 -27.46 5.26
C ALA A 342 3.44 -27.58 6.78
N ALA A 343 4.50 -28.24 7.24
CA ALA A 343 4.72 -28.46 8.66
C ALA A 343 5.84 -27.56 9.17
N PHE A 344 5.92 -27.45 10.49
CA PHE A 344 7.04 -26.78 11.13
C PHE A 344 8.25 -27.71 11.07
N HIS A 345 9.40 -27.15 10.70
CA HIS A 345 10.65 -27.91 10.70
C HIS A 345 11.67 -27.18 11.54
N PRO A 346 12.23 -27.80 12.59
CA PRO A 346 13.22 -27.11 13.42
C PRO A 346 14.51 -26.90 12.65
N ILE A 347 15.28 -25.91 13.11
CA ILE A 347 16.49 -25.53 12.39
C ILE A 347 17.42 -26.73 12.24
N GLU A 348 17.44 -27.64 13.22
CA GLU A 348 18.35 -28.77 13.15
C GLU A 348 18.04 -29.69 11.97
N GLU A 349 16.79 -29.73 11.51
CA GLU A 349 16.44 -30.62 10.42
C GLU A 349 16.98 -30.12 9.08
N TYR A 350 17.12 -28.81 8.90
CA TYR A 350 17.79 -28.27 7.73
C TYR A 350 19.30 -28.45 7.84
N MET A 351 19.85 -28.24 9.04
CA MET A 351 21.30 -28.15 9.18
C MET A 351 22.00 -29.49 9.02
N VAL A 352 21.33 -30.61 9.29
CA VAL A 352 21.99 -31.89 9.06
C VAL A 352 22.38 -32.03 7.60
N HIS A 353 21.53 -31.52 6.69
CA HIS A 353 21.85 -31.60 5.28
C HIS A 353 22.86 -30.55 4.85
N VAL A 354 22.86 -29.38 5.52
CA VAL A 354 23.90 -28.40 5.28
C VAL A 354 25.26 -28.97 5.68
N GLU A 355 25.33 -29.55 6.89
CA GLU A 355 26.57 -30.16 7.34
C GLU A 355 26.99 -31.31 6.43
N GLU A 356 26.04 -32.17 6.07
CA GLU A 356 26.35 -33.26 5.16
C GLU A 356 26.98 -32.73 3.87
N HIS A 357 26.49 -31.60 3.36
CA HIS A 357 26.97 -31.15 2.06
C HIS A 357 28.31 -30.42 2.16
N PHE A 358 28.55 -29.67 3.22
CA PHE A 358 29.87 -29.05 3.38
C PHE A 358 30.94 -30.12 3.53
N GLN A 359 30.61 -31.22 4.23
CA GLN A 359 31.53 -32.36 4.27
C GLN A 359 31.86 -32.85 2.88
N LEU A 360 30.86 -32.88 1.99
CA LEU A 360 31.12 -33.27 0.61
C LEU A 360 32.05 -32.26 -0.08
N LEU A 361 31.67 -30.98 -0.05
CA LEU A 361 32.49 -29.94 -0.68
C LEU A 361 33.92 -29.97 -0.16
N ALA A 362 34.09 -30.20 1.15
CA ALA A 362 35.44 -30.23 1.73
C ALA A 362 36.31 -31.31 1.11
N ARG A 363 35.72 -32.33 0.48
CA ARG A 363 36.52 -33.37 -0.15
C ARG A 363 37.12 -32.91 -1.47
N ARG A 364 36.54 -31.88 -2.12
CA ARG A 364 37.02 -31.43 -3.41
C ARG A 364 37.53 -29.99 -3.41
N MET A 365 37.34 -29.24 -2.32
CA MET A 365 37.83 -27.87 -2.22
C MET A 365 38.12 -27.58 -0.76
N GLN A 366 38.93 -26.55 -0.51
CA GLN A 366 39.14 -26.11 0.86
C GLN A 366 37.98 -25.23 1.28
N VAL A 367 37.44 -25.49 2.47
CA VAL A 367 36.34 -24.70 2.99
C VAL A 367 36.87 -23.83 4.13
N ASP A 368 37.29 -22.61 3.79
CA ASP A 368 37.74 -21.67 4.82
C ASP A 368 36.67 -21.50 5.90
N LYS A 369 35.48 -21.08 5.50
CA LYS A 369 34.38 -20.80 6.39
C LYS A 369 33.12 -21.45 5.86
N LYS A 370 32.35 -22.07 6.75
CA LYS A 370 31.09 -22.71 6.35
C LYS A 370 30.02 -21.62 6.34
N ARG A 371 29.71 -21.12 5.15
CA ARG A 371 28.76 -20.02 4.97
C ARG A 371 27.38 -20.57 4.61
N VAL A 372 26.37 -20.07 5.30
CA VAL A 372 24.97 -20.40 5.03
C VAL A 372 24.24 -19.09 4.79
N TYR A 373 23.62 -18.94 3.62
CA TYR A 373 22.70 -17.85 3.39
C TYR A 373 21.32 -18.29 3.87
N LEU A 374 20.79 -17.61 4.89
CA LEU A 374 19.56 -18.01 5.55
C LEU A 374 18.44 -17.05 5.16
N ALA A 375 17.47 -17.56 4.39
CA ALA A 375 16.26 -16.83 4.06
C ALA A 375 15.10 -17.42 4.86
N THR A 376 14.34 -16.56 5.53
CA THR A 376 13.25 -17.01 6.39
C THR A 376 12.28 -15.85 6.62
N ASP A 377 11.02 -16.19 6.88
CA ASP A 377 10.01 -15.23 7.28
C ASP A 377 9.86 -15.16 8.80
N ASP A 378 10.79 -15.72 9.55
CA ASP A 378 10.78 -15.68 11.01
C ASP A 378 11.95 -14.85 11.52
N PRO A 379 11.73 -13.60 11.92
CA PRO A 379 12.87 -12.76 12.38
C PRO A 379 13.62 -13.35 13.57
N THR A 380 13.03 -14.26 14.33
CA THR A 380 13.71 -14.78 15.51
C THR A 380 14.66 -15.93 15.20
N LEU A 381 14.67 -16.45 13.97
CA LEU A 381 15.44 -17.66 13.69
C LEU A 381 16.93 -17.40 13.56
N LEU A 382 17.32 -16.22 13.04
CA LEU A 382 18.74 -15.95 12.83
C LEU A 382 19.53 -16.11 14.12
N LYS A 383 19.09 -15.43 15.19
CA LYS A 383 19.79 -15.55 16.47
C LYS A 383 19.86 -17.00 16.93
N GLU A 384 18.76 -17.74 16.76
CA GLU A 384 18.74 -19.13 17.21
C GLU A 384 19.76 -19.96 16.45
N ALA A 385 19.83 -19.80 15.13
CA ALA A 385 20.76 -20.58 14.32
C ALA A 385 22.20 -20.26 14.71
N LYS A 386 22.53 -18.97 14.82
CA LYS A 386 23.89 -18.58 15.17
C LYS A 386 24.33 -19.21 16.48
N THR A 387 23.47 -19.14 17.51
CA THR A 387 23.81 -19.73 18.80
C THR A 387 24.09 -21.22 18.67
N LYS A 388 23.26 -21.94 17.91
CA LYS A 388 23.36 -23.40 17.85
C LYS A 388 24.45 -23.91 16.91
N TYR A 389 24.96 -23.05 16.01
CA TYR A 389 25.96 -23.47 15.03
C TYR A 389 27.03 -22.37 14.94
N SER A 390 27.76 -22.19 16.05
CA SER A 390 28.74 -21.12 16.14
C SER A 390 29.92 -21.32 15.20
N ASN A 391 30.11 -22.52 14.67
CA ASN A 391 31.15 -22.76 13.68
C ASN A 391 30.69 -22.45 12.25
N TYR A 392 29.46 -21.98 12.08
CA TYR A 392 28.96 -21.52 10.81
C TYR A 392 28.87 -20.00 10.80
N GLU A 393 29.09 -19.42 9.62
CA GLU A 393 28.87 -17.99 9.39
C GLU A 393 27.56 -17.84 8.63
N PHE A 394 26.54 -17.33 9.31
CA PHE A 394 25.22 -17.17 8.71
C PHE A 394 25.14 -15.81 8.05
N ILE A 395 24.91 -15.80 6.74
CA ILE A 395 24.67 -14.60 5.96
C ILE A 395 23.16 -14.46 5.81
N SER A 396 22.63 -13.33 6.26
CA SER A 396 21.19 -13.17 6.36
C SER A 396 20.87 -11.71 6.64
N ASP A 397 19.79 -11.22 6.06
CA ASP A 397 19.34 -9.84 6.22
C ASP A 397 18.10 -9.89 7.12
N ASN A 398 18.30 -9.59 8.41
CA ASN A 398 17.22 -9.79 9.38
C ASN A 398 16.07 -8.79 9.17
N SER A 399 16.36 -7.60 8.64
CA SER A 399 15.27 -6.67 8.37
C SER A 399 14.40 -7.18 7.23
N ILE A 400 15.00 -7.84 6.23
CA ILE A 400 14.19 -8.50 5.20
C ILE A 400 13.25 -9.51 5.84
N SER A 401 13.76 -10.32 6.77
CA SER A 401 12.90 -11.26 7.49
C SER A 401 11.74 -10.55 8.16
N TRP A 402 12.00 -9.43 8.83
CA TRP A 402 10.92 -8.66 9.46
C TRP A 402 9.87 -8.24 8.43
N SER A 403 10.31 -7.86 7.24
CA SER A 403 9.38 -7.38 6.22
C SER A 403 8.52 -8.50 5.65
N ALA A 404 8.95 -9.75 5.80
CA ALA A 404 8.17 -10.88 5.31
C ALA A 404 7.06 -11.28 6.28
N GLY A 405 7.03 -10.70 7.48
CA GLY A 405 5.95 -10.99 8.40
C GLY A 405 4.59 -10.66 7.82
N LEU A 406 3.56 -11.31 8.37
CA LEU A 406 2.22 -11.21 7.80
C LEU A 406 1.74 -9.77 7.72
N HIS A 407 2.13 -8.92 8.67
CA HIS A 407 1.58 -7.58 8.72
C HIS A 407 2.13 -6.68 7.62
N ASN A 408 3.32 -6.95 7.10
CA ASN A 408 3.92 -6.10 6.07
C ASN A 408 4.18 -6.82 4.75
N ARG A 409 3.67 -8.04 4.56
CA ARG A 409 4.16 -8.86 3.46
C ARG A 409 3.89 -8.24 2.10
N TYR A 410 2.71 -7.66 1.91
CA TYR A 410 2.32 -7.18 0.57
C TYR A 410 2.62 -5.68 0.45
N THR A 411 3.92 -5.39 0.42
CA THR A 411 4.45 -4.06 0.19
C THR A 411 5.64 -4.18 -0.76
N GLU A 412 6.03 -3.05 -1.36
CA GLU A 412 7.17 -3.09 -2.26
C GLU A 412 8.45 -3.44 -1.51
N ASN A 413 8.60 -2.94 -0.28
CA ASN A 413 9.78 -3.29 0.51
C ASN A 413 9.88 -4.79 0.71
N SER A 414 8.76 -5.43 1.04
CA SER A 414 8.75 -6.89 1.19
C SER A 414 9.03 -7.57 -0.15
N LEU A 415 8.38 -7.12 -1.22
CA LEU A 415 8.62 -7.70 -2.53
C LEU A 415 10.11 -7.77 -2.83
N ARG A 416 10.83 -6.68 -2.62
CA ARG A 416 12.25 -6.66 -2.90
C ARG A 416 13.03 -7.54 -1.92
N GLY A 417 12.53 -7.67 -0.69
CA GLY A 417 13.15 -8.60 0.23
C GLY A 417 13.15 -10.02 -0.31
N VAL A 418 12.01 -10.48 -0.82
CA VAL A 418 11.91 -11.86 -1.29
C VAL A 418 12.66 -12.03 -2.61
N ILE A 419 12.63 -11.00 -3.47
CA ILE A 419 13.40 -11.07 -4.70
C ILE A 419 14.88 -11.26 -4.40
N LEU A 420 15.39 -10.53 -3.41
CA LEU A 420 16.81 -10.65 -3.04
C LEU A 420 17.09 -12.00 -2.40
N ASP A 421 16.27 -12.40 -1.43
CA ASP A 421 16.44 -13.72 -0.80
C ASP A 421 16.45 -14.83 -1.84
N ILE A 422 15.48 -14.80 -2.76
CA ILE A 422 15.43 -15.81 -3.82
C ILE A 422 16.69 -15.73 -4.69
N HIS A 423 17.17 -14.51 -4.94
CA HIS A 423 18.38 -14.37 -5.75
C HIS A 423 19.57 -15.08 -5.10
N PHE A 424 19.79 -14.85 -3.80
CA PHE A 424 20.96 -15.43 -3.16
C PHE A 424 20.76 -16.92 -2.90
N LEU A 425 19.54 -17.34 -2.57
CA LEU A 425 19.25 -18.77 -2.54
C LEU A 425 19.65 -19.42 -3.86
N SER A 426 19.33 -18.78 -4.98
CA SER A 426 19.59 -19.37 -6.29
C SER A 426 21.07 -19.40 -6.65
N GLN A 427 21.87 -18.48 -6.10
CA GLN A 427 23.30 -18.41 -6.38
C GLN A 427 24.13 -19.37 -5.54
N ALA A 428 23.55 -19.98 -4.50
CA ALA A 428 24.30 -20.83 -3.60
C ALA A 428 24.75 -22.11 -4.31
N ASP A 429 25.78 -22.74 -3.74
CA ASP A 429 26.30 -24.00 -4.27
C ASP A 429 25.31 -25.14 -4.05
N PHE A 430 24.35 -24.98 -3.16
CA PHE A 430 23.46 -26.07 -2.77
C PHE A 430 22.28 -25.47 -2.03
N LEU A 431 21.12 -26.08 -2.19
CA LEU A 431 19.87 -25.53 -1.68
C LEU A 431 19.21 -26.55 -0.74
N VAL A 432 18.85 -26.11 0.46
CA VAL A 432 18.16 -26.94 1.44
C VAL A 432 16.92 -26.18 1.90
N CYS A 433 15.78 -26.84 1.83
CA CYS A 433 14.50 -26.15 2.03
C CYS A 433 13.35 -27.14 1.95
N THR A 434 12.13 -26.62 1.82
CA THR A 434 10.94 -27.43 1.59
C THR A 434 10.32 -27.00 0.26
N PHE A 435 10.38 -27.88 -0.73
CA PHE A 435 9.82 -27.57 -2.04
C PHE A 435 8.32 -27.32 -2.00
N SER A 436 7.66 -27.61 -0.86
CA SER A 436 6.26 -27.22 -0.72
C SER A 436 6.08 -25.70 -0.79
N SER A 437 7.16 -24.94 -0.67
CA SER A 437 7.12 -23.48 -0.73
C SER A 437 7.53 -23.01 -2.11
N GLN A 438 6.68 -22.16 -2.71
CA GLN A 438 7.01 -21.62 -4.04
C GLN A 438 8.33 -20.86 -4.01
N VAL A 439 8.68 -20.27 -2.87
CA VAL A 439 9.92 -19.49 -2.78
C VAL A 439 11.13 -20.36 -3.11
N CYS A 440 11.20 -21.55 -2.52
CA CYS A 440 12.35 -22.40 -2.80
C CYS A 440 12.34 -22.89 -4.24
N ARG A 441 11.16 -23.26 -4.75
CA ARG A 441 11.08 -23.72 -6.13
C ARG A 441 11.60 -22.68 -7.11
N VAL A 442 11.23 -21.41 -6.90
CA VAL A 442 11.73 -20.35 -7.78
C VAL A 442 13.26 -20.29 -7.72
N ALA A 443 13.81 -20.30 -6.51
CA ALA A 443 15.27 -20.28 -6.36
C ALA A 443 15.90 -21.47 -7.07
N TYR A 444 15.33 -22.67 -6.87
CA TYR A 444 15.83 -23.85 -7.57
C TYR A 444 15.70 -23.68 -9.08
N GLU A 445 14.58 -23.13 -9.55
CA GLU A 445 14.41 -22.90 -10.97
C GLU A 445 15.46 -21.92 -11.51
N ILE A 446 15.64 -20.79 -10.83
CA ILE A 446 16.65 -19.82 -11.27
C ILE A 446 18.04 -20.45 -11.24
N MET A 447 18.31 -21.29 -10.24
CA MET A 447 19.62 -21.93 -10.14
C MET A 447 19.96 -22.68 -11.42
N GLN A 448 18.96 -23.28 -12.07
CA GLN A 448 19.21 -24.03 -13.29
C GLN A 448 19.80 -23.15 -14.39
N THR A 449 19.50 -21.84 -14.35
CA THR A 449 20.00 -20.92 -15.36
C THR A 449 21.42 -20.46 -15.06
N LEU A 450 22.05 -20.96 -14.01
CA LEU A 450 23.36 -20.50 -13.57
C LEU A 450 24.46 -21.54 -13.73
N HIS A 451 24.13 -22.76 -14.14
CA HIS A 451 25.13 -23.80 -14.30
C HIS A 451 24.68 -24.73 -15.42
N PRO A 452 25.59 -25.51 -15.98
CA PRO A 452 25.18 -26.52 -16.97
C PRO A 452 24.08 -27.44 -16.44
N ASP A 453 24.32 -28.12 -15.31
CA ASP A 453 23.32 -29.04 -14.75
C ASP A 453 23.33 -28.97 -13.23
N ALA A 454 22.49 -28.09 -12.68
CA ALA A 454 22.32 -27.94 -11.23
C ALA A 454 21.09 -28.68 -10.73
N SER A 455 20.58 -29.65 -11.49
CA SER A 455 19.30 -30.27 -11.17
C SER A 455 19.35 -31.01 -9.84
N ALA A 456 20.52 -31.46 -9.41
CA ALA A 456 20.64 -32.23 -8.18
C ALA A 456 21.13 -31.41 -6.99
N ASN A 457 21.32 -30.10 -7.14
CA ASN A 457 21.96 -29.31 -6.08
C ASN A 457 20.97 -28.85 -5.03
N PHE A 458 20.10 -29.75 -4.57
CA PHE A 458 19.11 -29.41 -3.56
C PHE A 458 18.90 -30.59 -2.65
N HIS A 459 18.38 -30.31 -1.46
CA HIS A 459 17.73 -31.33 -0.64
C HIS A 459 16.46 -30.72 -0.06
N SER A 460 15.34 -31.34 -0.35
CA SER A 460 14.02 -30.88 0.10
C SER A 460 13.58 -31.74 1.28
N LEU A 461 13.05 -31.08 2.32
CA LEU A 461 12.56 -31.80 3.49
C LEU A 461 11.17 -32.39 3.28
N ASP A 462 10.44 -31.99 2.25
CA ASP A 462 9.16 -32.63 1.97
C ASP A 462 9.03 -32.97 0.48
N ASP A 463 8.43 -32.10 -0.30
CA ASP A 463 8.01 -32.47 -1.65
C ASP A 463 9.20 -32.62 -2.60
N ILE A 464 8.99 -33.41 -3.65
CA ILE A 464 9.86 -33.41 -4.82
C ILE A 464 9.55 -32.17 -5.64
N TYR A 465 10.34 -31.89 -6.67
CA TYR A 465 10.03 -30.73 -7.49
C TYR A 465 8.67 -30.91 -8.16
N TYR A 466 7.89 -29.84 -8.17
CA TYR A 466 6.64 -29.83 -8.89
C TYR A 466 6.31 -28.41 -9.33
N PHE A 467 5.41 -28.31 -10.31
CA PHE A 467 4.90 -27.03 -10.77
C PHE A 467 3.38 -27.05 -10.59
N GLY A 468 2.88 -26.17 -9.73
CA GLY A 468 1.45 -26.07 -9.50
C GLY A 468 0.68 -26.03 -10.80
N GLY A 469 -0.27 -26.96 -10.98
CA GLY A 469 -1.02 -27.06 -12.20
C GLY A 469 -0.44 -27.99 -13.24
N GLN A 470 0.68 -28.63 -12.94
CA GLN A 470 1.31 -29.54 -13.90
C GLN A 470 0.38 -30.69 -14.23
N ASN A 471 0.68 -31.37 -15.33
CA ASN A 471 0.03 -32.65 -15.61
C ASN A 471 0.64 -33.74 -14.72
N ALA A 472 0.02 -34.91 -14.78
CA ALA A 472 0.42 -36.00 -13.89
C ALA A 472 1.90 -36.35 -14.06
N HIS A 473 2.62 -36.35 -12.95
CA HIS A 473 4.03 -36.74 -12.93
C HIS A 473 4.10 -38.26 -12.86
N ASN A 474 4.63 -38.88 -13.91
CA ASN A 474 4.67 -40.33 -14.02
C ASN A 474 6.10 -40.83 -14.14
N GLN A 475 6.32 -42.04 -13.66
CA GLN A 475 7.57 -42.76 -13.81
C GLN A 475 7.30 -44.10 -14.48
N ILE A 476 8.38 -44.79 -14.83
CA ILE A 476 8.31 -46.11 -15.44
C ILE A 476 9.13 -47.07 -14.58
N ALA A 477 8.50 -48.16 -14.16
CA ALA A 477 9.22 -49.18 -13.41
C ALA A 477 10.22 -49.88 -14.32
N VAL A 478 11.47 -49.97 -13.87
CA VAL A 478 12.50 -50.67 -14.63
C VAL A 478 12.87 -52.01 -14.03
N TYR A 479 12.81 -52.16 -12.70
CA TYR A 479 13.10 -53.42 -12.04
C TYR A 479 11.87 -53.87 -11.26
N PRO A 480 11.57 -55.18 -11.26
CA PRO A 480 10.37 -55.65 -10.56
C PRO A 480 10.50 -55.46 -9.06
N HIS A 481 9.34 -55.40 -8.40
CA HIS A 481 9.33 -55.28 -6.94
C HIS A 481 8.24 -56.16 -6.36
N LYS A 482 8.62 -56.98 -5.38
CA LYS A 482 7.69 -57.80 -4.62
C LYS A 482 7.42 -57.14 -3.28
N PRO A 483 6.19 -56.72 -3.00
CA PRO A 483 5.94 -56.01 -1.73
C PRO A 483 6.28 -56.89 -0.53
N ARG A 484 7.02 -56.31 0.42
CA ARG A 484 7.34 -57.02 1.65
C ARG A 484 6.31 -56.77 2.75
N THR A 485 5.66 -55.60 2.74
CA THR A 485 4.53 -55.32 3.63
C THR A 485 3.36 -54.86 2.78
N GLU A 486 2.21 -54.68 3.44
CA GLU A 486 1.02 -54.20 2.75
C GLU A 486 1.11 -52.72 2.41
N GLU A 487 2.07 -51.99 2.96
CA GLU A 487 2.27 -50.59 2.59
C GLU A 487 2.90 -50.45 1.21
N GLU A 488 3.52 -51.50 0.69
CA GLU A 488 4.23 -51.44 -0.57
C GLU A 488 3.34 -51.96 -1.71
N ILE A 489 3.59 -51.42 -2.91
CA ILE A 489 2.86 -51.84 -4.11
C ILE A 489 3.77 -52.74 -4.94
N PRO A 490 3.22 -53.69 -5.68
CA PRO A 490 4.04 -54.46 -6.62
C PRO A 490 4.35 -53.66 -7.87
N MET A 491 5.40 -54.08 -8.57
CA MET A 491 5.78 -53.44 -9.82
C MET A 491 6.41 -54.47 -10.75
N GLU A 492 6.10 -54.36 -12.04
CA GLU A 492 6.77 -55.12 -13.07
C GLU A 492 7.37 -54.16 -14.09
N PRO A 493 8.55 -54.48 -14.64
CA PRO A 493 9.20 -53.55 -15.58
C PRO A 493 8.26 -53.06 -16.66
N GLY A 494 8.03 -51.75 -16.71
CA GLY A 494 7.16 -51.15 -17.70
C GLY A 494 5.90 -50.54 -17.13
N ASP A 495 5.54 -50.88 -15.89
CA ASP A 495 4.36 -50.28 -15.25
C ASP A 495 4.53 -48.78 -15.11
N ILE A 496 3.49 -48.03 -15.48
CA ILE A 496 3.46 -46.59 -15.22
C ILE A 496 3.20 -46.37 -13.73
N ILE A 497 4.09 -45.64 -13.07
CA ILE A 497 3.94 -45.31 -11.67
C ILE A 497 3.74 -43.81 -11.54
N GLY A 498 2.59 -43.41 -11.00
CA GLY A 498 2.35 -42.01 -10.69
C GLY A 498 2.96 -41.63 -9.35
N VAL A 499 4.08 -40.91 -9.38
CA VAL A 499 4.80 -40.59 -8.16
C VAL A 499 4.11 -39.43 -7.46
N ALA A 500 3.81 -39.62 -6.18
CA ALA A 500 3.33 -38.53 -5.34
C ALA A 500 4.43 -37.89 -4.51
N GLY A 501 5.45 -38.64 -4.14
CA GLY A 501 6.55 -38.08 -3.39
C GLY A 501 7.64 -39.09 -3.18
N ASN A 502 8.83 -38.57 -2.90
CA ASN A 502 9.99 -39.34 -2.47
C ASN A 502 10.14 -39.13 -0.97
N HIS A 503 10.19 -40.22 -0.21
CA HIS A 503 10.30 -40.14 1.24
C HIS A 503 11.73 -39.99 1.71
N TRP A 504 12.69 -39.86 0.79
CA TRP A 504 14.09 -39.61 1.14
C TRP A 504 14.63 -40.68 2.09
N ASP A 505 14.05 -41.89 2.03
CA ASP A 505 14.48 -43.01 2.84
C ASP A 505 14.66 -44.27 2.01
N GLY A 506 14.82 -44.13 0.69
CA GLY A 506 14.85 -45.25 -0.21
C GLY A 506 13.51 -45.59 -0.83
N TYR A 507 12.41 -45.05 -0.31
CA TYR A 507 11.09 -45.36 -0.82
C TYR A 507 10.40 -44.10 -1.32
N SER A 508 9.63 -44.28 -2.40
CA SER A 508 8.70 -43.27 -2.91
C SER A 508 7.28 -43.78 -2.74
N LYS A 509 6.33 -42.86 -2.77
CA LYS A 509 4.92 -43.16 -2.66
C LYS A 509 4.23 -42.78 -3.97
N GLY A 510 3.44 -43.70 -4.52
CA GLY A 510 2.77 -43.44 -5.78
C GLY A 510 1.73 -44.50 -6.06
N ILE A 511 1.10 -44.38 -7.23
CA ILE A 511 0.09 -45.33 -7.67
C ILE A 511 0.64 -46.10 -8.87
N ASN A 512 0.56 -47.42 -8.79
CA ASN A 512 0.82 -48.29 -9.94
C ASN A 512 -0.42 -48.30 -10.80
N ARG A 513 -0.44 -47.44 -11.83
CA ARG A 513 -1.65 -47.27 -12.63
C ARG A 513 -2.04 -48.56 -13.34
N LYS A 514 -1.08 -49.44 -13.60
CA LYS A 514 -1.42 -50.75 -14.14
C LYS A 514 -2.39 -51.49 -13.22
N LEU A 515 -2.13 -51.45 -11.91
CA LEU A 515 -2.89 -52.22 -10.94
C LEU A 515 -3.94 -51.40 -10.19
N GLY A 516 -3.85 -50.07 -10.23
CA GLY A 516 -4.74 -49.23 -9.46
C GLY A 516 -4.43 -49.18 -7.98
N LYS A 517 -3.28 -49.71 -7.55
CA LYS A 517 -2.91 -49.73 -6.14
C LYS A 517 -1.96 -48.59 -5.81
N THR A 518 -2.06 -48.12 -4.58
CA THR A 518 -1.29 -46.97 -4.09
C THR A 518 -0.47 -47.38 -2.88
N GLY A 519 0.80 -46.99 -2.87
CA GLY A 519 1.67 -47.35 -1.76
C GLY A 519 3.12 -47.06 -2.08
N LEU A 520 4.01 -47.66 -1.29
CA LEU A 520 5.44 -47.38 -1.35
C LEU A 520 6.16 -48.36 -2.28
N TYR A 521 7.25 -47.88 -2.87
CA TYR A 521 8.09 -48.69 -3.75
C TYR A 521 9.52 -48.17 -3.66
N PRO A 522 10.53 -49.04 -3.86
CA PRO A 522 11.92 -48.58 -3.78
C PRO A 522 12.25 -47.54 -4.85
N SER A 523 12.84 -46.43 -4.42
CA SER A 523 13.02 -45.29 -5.32
C SER A 523 13.93 -45.63 -6.50
N TYR A 524 14.90 -46.52 -6.31
CA TYR A 524 15.86 -46.78 -7.39
C TYR A 524 15.29 -47.66 -8.49
N LYS A 525 14.10 -48.24 -8.30
CA LYS A 525 13.53 -49.21 -9.22
C LYS A 525 12.68 -48.57 -10.32
N VAL A 526 12.67 -47.24 -10.42
CA VAL A 526 11.91 -46.57 -11.46
C VAL A 526 12.81 -45.57 -12.16
N ARG A 527 12.37 -45.11 -13.33
CA ARG A 527 13.01 -44.03 -14.06
C ARG A 527 11.94 -43.02 -14.45
N GLU A 528 12.39 -41.78 -14.69
CA GLU A 528 11.45 -40.72 -15.01
C GLU A 528 10.86 -40.92 -16.41
N LYS A 529 9.55 -40.67 -16.52
CA LYS A 529 8.83 -40.74 -17.79
C LYS A 529 8.74 -39.31 -18.33
N ILE A 530 9.73 -38.92 -19.13
CA ILE A 530 9.82 -37.57 -19.65
C ILE A 530 8.82 -37.41 -20.79
N GLU A 531 7.93 -36.43 -20.65
CA GLU A 531 6.89 -36.17 -21.63
C GLU A 531 7.30 -35.02 -22.55
N THR A 532 6.99 -35.16 -23.84
CA THR A 532 7.32 -34.15 -24.84
C THR A 532 6.05 -33.65 -25.51
N VAL A 533 6.12 -32.41 -25.99
CA VAL A 533 5.02 -31.76 -26.68
C VAL A 533 5.56 -31.13 -27.96
N LYS A 534 4.73 -31.10 -29.00
CA LYS A 534 5.11 -30.41 -30.23
C LYS A 534 4.86 -28.91 -30.03
N TYR A 535 5.90 -28.18 -29.61
CA TYR A 535 5.93 -26.73 -29.51
C TYR A 535 6.35 -26.12 -30.84
N PRO A 536 6.01 -24.86 -31.09
CA PRO A 536 6.61 -24.15 -32.21
C PRO A 536 8.10 -23.97 -31.96
N THR A 537 8.87 -23.88 -33.05
CA THR A 537 10.32 -23.73 -32.96
C THR A 537 10.80 -22.38 -33.45
N TYR A 538 9.90 -21.51 -33.90
CA TYR A 538 10.21 -20.13 -34.28
C TYR A 538 11.47 -20.06 -35.14
N PRO A 539 11.47 -20.69 -36.31
CA PRO A 539 12.63 -20.61 -37.21
C PRO A 539 13.03 -19.19 -37.54
N GLU A 540 12.05 -18.27 -37.63
CA GLU A 540 12.35 -16.89 -38.02
C GLU A 540 13.26 -16.19 -37.03
N ALA A 541 13.39 -16.70 -35.81
CA ALA A 541 14.19 -16.04 -34.79
C ALA A 541 15.69 -16.13 -35.04
N GLU A 542 16.12 -16.88 -36.05
CA GLU A 542 17.54 -17.09 -36.29
C GLU A 542 18.13 -16.08 -37.27
N GLY B 75 -12.52 29.24 55.76
CA GLY B 75 -11.37 29.00 56.61
C GLY B 75 -10.09 28.74 55.85
N LEU B 76 -8.98 28.65 56.58
CA LEU B 76 -7.68 28.34 56.01
C LEU B 76 -7.24 26.94 56.44
N GLY B 77 -6.73 26.17 55.49
CA GLY B 77 -6.38 24.79 55.76
C GLY B 77 -5.04 24.69 56.47
N LYS B 78 -5.02 23.93 57.57
CA LYS B 78 -3.80 23.75 58.34
C LYS B 78 -2.63 23.32 57.45
N ASP B 79 -2.83 22.26 56.66
CA ASP B 79 -1.76 21.77 55.81
C ASP B 79 -1.38 22.77 54.74
N HIS B 80 -2.36 23.49 54.18
CA HIS B 80 -2.05 24.51 53.19
C HIS B 80 -1.08 25.53 53.74
N GLU B 81 -1.35 26.05 54.94
CA GLU B 81 -0.51 27.09 55.51
C GLU B 81 0.87 26.53 55.88
N ILE B 82 0.92 25.35 56.49
CA ILE B 82 2.21 24.74 56.81
C ILE B 82 3.05 24.59 55.55
N LEU B 83 2.44 24.13 54.46
CA LEU B 83 3.19 23.91 53.23
C LEU B 83 3.71 25.22 52.65
N ARG B 84 2.85 26.25 52.60
CA ARG B 84 3.29 27.54 52.09
C ARG B 84 4.52 28.02 52.85
N ARG B 85 4.45 27.99 54.20
CA ARG B 85 5.58 28.43 55.00
C ARG B 85 6.81 27.56 54.73
N ARG B 86 6.62 26.24 54.59
CA ARG B 86 7.76 25.37 54.33
C ARG B 86 8.34 25.62 52.94
N ILE B 87 7.53 26.03 51.98
CA ILE B 87 8.05 26.42 50.68
C ILE B 87 8.84 27.71 50.79
N GLU B 88 8.33 28.68 51.55
CA GLU B 88 9.07 29.92 51.77
C GLU B 88 10.41 29.65 52.43
N ASN B 89 10.41 28.90 53.54
CA ASN B 89 11.65 28.68 54.27
C ASN B 89 12.64 27.88 53.43
N GLY B 90 12.16 26.88 52.68
CA GLY B 90 13.04 26.15 51.79
C GLY B 90 13.72 27.07 50.79
N ALA B 91 12.95 27.97 50.18
CA ALA B 91 13.53 28.95 49.27
C ALA B 91 14.54 29.84 49.98
N LYS B 92 14.17 30.35 51.17
CA LYS B 92 15.11 31.17 51.94
C LYS B 92 16.41 30.40 52.20
N GLU B 93 16.29 29.15 52.64
CA GLU B 93 17.47 28.36 52.94
C GLU B 93 18.29 28.06 51.69
N LEU B 94 17.62 27.93 50.54
CA LEU B 94 18.36 27.79 49.29
C LEU B 94 19.16 29.04 48.98
N TRP B 95 18.60 30.21 49.30
CA TRP B 95 19.29 31.47 49.07
C TRP B 95 20.47 31.64 50.01
N PHE B 96 20.31 31.26 51.28
CA PHE B 96 21.45 31.22 52.19
C PHE B 96 22.55 30.32 51.65
N PHE B 97 22.18 29.15 51.15
CA PHE B 97 23.15 28.19 50.63
C PHE B 97 23.90 28.77 49.43
N LEU B 98 23.16 29.29 48.45
CA LEU B 98 23.80 29.82 47.24
C LEU B 98 24.79 30.94 47.58
N GLN B 99 24.37 31.90 48.40
CA GLN B 99 25.26 33.02 48.74
C GLN B 99 26.54 32.52 49.40
N SER B 100 26.43 31.56 50.32
CA SER B 100 27.63 31.03 50.96
C SER B 100 28.51 30.29 49.98
N GLU B 101 27.92 29.37 49.21
CA GLU B 101 28.73 28.48 48.37
C GLU B 101 29.32 29.21 47.18
N LEU B 102 28.57 30.14 46.57
CA LEU B 102 29.13 30.88 45.45
C LEU B 102 30.35 31.70 45.87
N LYS B 103 30.30 32.28 47.08
CA LYS B 103 31.42 33.09 47.53
C LYS B 103 32.64 32.23 47.86
N LYS B 104 32.43 31.08 48.51
CA LYS B 104 33.53 30.13 48.67
C LYS B 104 34.08 29.71 47.33
N LEU B 105 33.21 29.60 46.33
CA LEU B 105 33.60 29.04 45.03
C LEU B 105 34.51 29.99 44.26
N LYS B 106 34.32 31.30 44.40
CA LYS B 106 35.12 32.25 43.64
C LYS B 106 36.50 32.48 44.24
N HIS B 107 36.95 31.60 45.13
CA HIS B 107 38.30 31.60 45.66
C HIS B 107 38.97 30.24 45.45
N LEU B 108 38.54 29.52 44.43
CA LEU B 108 39.06 28.20 44.10
C LEU B 108 39.56 28.20 42.65
N GLU B 109 40.31 27.15 42.32
CA GLU B 109 40.83 26.98 40.97
C GLU B 109 41.04 25.50 40.71
N GLY B 110 41.32 25.18 39.44
CA GLY B 110 41.73 23.83 39.09
C GLY B 110 40.68 22.80 39.40
N ASN B 111 41.14 21.63 39.85
CA ASN B 111 40.24 20.51 40.12
C ASN B 111 39.37 20.78 41.34
N GLU B 112 39.91 21.49 42.34
CA GLU B 112 39.11 21.81 43.52
C GLU B 112 37.89 22.63 43.13
N LEU B 113 38.09 23.69 42.35
CA LEU B 113 36.97 24.47 41.84
C LEU B 113 35.94 23.58 41.16
N GLN B 114 36.40 22.72 40.24
CA GLN B 114 35.48 21.87 39.50
C GLN B 114 34.74 20.92 40.43
N ARG B 115 35.45 20.30 41.37
CA ARG B 115 34.82 19.30 42.24
C ARG B 115 33.77 19.94 43.15
N HIS B 116 34.07 21.10 43.72
CA HIS B 116 33.10 21.78 44.59
C HIS B 116 31.88 22.23 43.80
N ALA B 117 32.09 22.72 42.57
CA ALA B 117 30.96 23.09 41.73
C ALA B 117 30.03 21.91 41.53
N ASP B 118 30.59 20.74 41.18
CA ASP B 118 29.75 19.55 41.02
C ASP B 118 29.03 19.20 42.31
N GLU B 119 29.73 19.28 43.45
CA GLU B 119 29.10 18.99 44.73
C GLU B 119 27.97 19.97 45.01
N ILE B 120 28.16 21.25 44.68
CA ILE B 120 27.11 22.25 44.87
C ILE B 120 25.89 21.88 44.03
N LEU B 121 26.10 21.52 42.76
CA LEU B 121 25.00 21.18 41.89
C LEU B 121 24.24 19.96 42.40
N LEU B 122 24.95 18.91 42.80
CA LEU B 122 24.28 17.75 43.38
C LEU B 122 23.44 18.14 44.58
N ASP B 123 23.98 18.99 45.46
CA ASP B 123 23.24 19.41 46.64
C ASP B 123 22.04 20.27 46.27
N LEU B 124 22.20 21.18 45.29
CA LEU B 124 21.09 22.01 44.86
C LEU B 124 19.96 21.20 44.25
N GLY B 125 20.30 20.10 43.57
CA GLY B 125 19.27 19.29 42.93
C GLY B 125 18.28 18.71 43.92
N HIS B 126 18.80 18.11 45.00
CA HIS B 126 17.91 17.59 46.04
C HIS B 126 17.14 18.70 46.72
N HIS B 127 17.84 19.80 47.03
CA HIS B 127 17.18 20.93 47.70
C HIS B 127 16.04 21.47 46.85
N GLU B 128 16.30 21.72 45.57
CA GLU B 128 15.25 22.23 44.69
C GLU B 128 14.10 21.24 44.56
N ARG B 129 14.41 19.94 44.57
CA ARG B 129 13.35 18.94 44.43
C ARG B 129 12.47 18.86 45.67
N SER B 130 13.03 19.16 46.86
CA SER B 130 12.17 19.21 48.04
C SER B 130 11.20 20.38 47.97
N ILE B 131 11.60 21.49 47.35
CA ILE B 131 10.69 22.62 47.19
C ILE B 131 9.59 22.27 46.20
N MET B 132 9.96 21.70 45.05
CA MET B 132 8.95 21.25 44.08
C MET B 132 7.98 20.25 44.72
N THR B 133 8.51 19.34 45.53
CA THR B 133 7.65 18.38 46.22
C THR B 133 6.61 19.10 47.06
N ASP B 134 7.05 20.04 47.91
CA ASP B 134 6.11 20.78 48.73
C ASP B 134 5.12 21.58 47.88
N LEU B 135 5.57 22.08 46.74
CA LEU B 135 4.64 22.78 45.84
C LEU B 135 3.61 21.82 45.27
N TYR B 136 4.01 20.58 44.97
CA TYR B 136 3.03 19.60 44.52
C TYR B 136 1.99 19.32 45.60
N TYR B 137 2.42 19.10 46.84
CA TYR B 137 1.48 18.91 47.93
C TYR B 137 0.55 20.10 48.06
N LEU B 138 1.09 21.32 47.98
CA LEU B 138 0.26 22.51 48.05
C LEU B 138 -0.88 22.44 47.05
N SER B 139 -0.59 22.03 45.81
CA SER B 139 -1.60 22.01 44.76
C SER B 139 -2.68 20.97 45.00
N GLN B 140 -2.47 20.01 45.90
CA GLN B 140 -3.47 18.99 46.19
C GLN B 140 -4.12 19.17 47.56
N THR B 141 -3.66 20.12 48.37
CA THR B 141 -4.04 20.15 49.77
C THR B 141 -5.45 20.69 49.96
N ASP B 142 -6.08 20.26 51.05
CA ASP B 142 -7.34 20.83 51.52
C ASP B 142 -8.38 20.92 50.40
N GLY B 143 -8.54 19.80 49.68
CA GLY B 143 -9.58 19.68 48.67
C GLY B 143 -9.23 20.22 47.30
N ALA B 144 -8.07 20.87 47.15
CA ALA B 144 -7.75 21.53 45.88
C ALA B 144 -7.72 20.54 44.72
N GLY B 145 -7.21 19.34 44.95
CA GLY B 145 -7.14 18.36 43.88
C GLY B 145 -8.52 17.92 43.42
N ASP B 146 -9.42 17.65 44.36
CA ASP B 146 -10.77 17.23 43.98
C ASP B 146 -11.49 18.33 43.23
N TRP B 147 -11.35 19.58 43.67
CA TRP B 147 -12.01 20.67 42.95
C TRP B 147 -11.45 20.80 41.54
N ARG B 148 -10.13 20.81 41.39
CA ARG B 148 -9.53 20.97 40.08
C ARG B 148 -9.95 19.85 39.13
N GLU B 149 -10.15 18.64 39.65
CA GLU B 149 -10.59 17.54 38.81
C GLU B 149 -12.04 17.71 38.39
N LYS B 150 -12.90 18.17 39.31
CA LYS B 150 -14.31 18.33 38.98
C LYS B 150 -14.53 19.48 38.00
N GLU B 151 -13.77 20.56 38.13
CA GLU B 151 -13.91 21.68 37.20
C GLU B 151 -13.32 21.34 35.84
N ALA B 152 -12.22 20.58 35.80
CA ALA B 152 -11.66 20.17 34.53
C ALA B 152 -12.59 19.21 33.79
N LYS B 153 -13.17 18.25 34.52
CA LYS B 153 -14.12 17.34 33.92
C LYS B 153 -15.34 18.09 33.37
N ASP B 154 -15.80 19.09 34.12
CA ASP B 154 -16.95 19.88 33.68
C ASP B 154 -16.66 20.61 32.38
N LEU B 155 -15.48 21.21 32.28
CA LEU B 155 -15.13 21.97 31.08
C LEU B 155 -15.04 21.07 29.86
N THR B 156 -14.32 19.95 29.98
CA THR B 156 -14.18 19.04 28.84
C THR B 156 -15.53 18.48 28.41
N GLU B 157 -16.39 18.13 29.37
CA GLU B 157 -17.71 17.63 29.00
C GLU B 157 -18.54 18.69 28.28
N LEU B 158 -18.31 19.96 28.59
CA LEU B 158 -19.03 21.04 27.91
C LEU B 158 -18.53 21.22 26.49
N VAL B 159 -17.20 21.26 26.30
CA VAL B 159 -16.65 21.44 24.96
C VAL B 159 -16.98 20.25 24.07
N GLN B 160 -16.81 19.03 24.60
CA GLN B 160 -17.16 17.85 23.83
C GLN B 160 -18.63 17.88 23.42
N ARG B 161 -19.50 18.29 24.34
CA ARG B 161 -20.92 18.38 24.03
C ARG B 161 -21.18 19.37 22.89
N ARG B 162 -20.45 20.49 22.91
CA ARG B 162 -20.58 21.45 21.81
C ARG B 162 -20.04 20.88 20.51
N ILE B 163 -18.85 20.29 20.56
CA ILE B 163 -18.28 19.70 19.35
C ILE B 163 -19.21 18.64 18.79
N THR B 164 -19.81 17.83 19.67
CA THR B 164 -20.71 16.79 19.19
C THR B 164 -21.99 17.39 18.62
N TYR B 165 -22.53 18.43 19.25
CA TYR B 165 -23.69 19.11 18.69
C TYR B 165 -23.41 19.64 17.30
N LEU B 166 -22.26 20.28 17.11
CA LEU B 166 -21.90 20.82 15.80
C LEU B 166 -21.85 19.73 14.75
N GLN B 167 -21.31 18.56 15.11
CA GLN B 167 -20.98 17.54 14.13
C GLN B 167 -22.18 16.69 13.72
N ASN B 168 -23.28 16.72 14.46
CA ASN B 168 -24.43 15.84 14.19
C ASN B 168 -25.71 16.65 14.03
N PRO B 169 -25.80 17.46 12.97
CA PRO B 169 -27.07 18.14 12.67
C PRO B 169 -28.13 17.12 12.30
N LYS B 170 -29.39 17.52 12.45
CA LYS B 170 -30.48 16.62 12.11
C LYS B 170 -30.61 16.45 10.60
N ASP B 171 -30.48 17.54 9.84
CA ASP B 171 -30.61 17.52 8.39
C ASP B 171 -29.25 17.79 7.77
N CYS B 172 -28.63 16.76 7.19
CA CYS B 172 -27.30 16.89 6.64
C CYS B 172 -27.29 17.63 5.29
N SER B 173 -28.41 17.65 4.58
CA SER B 173 -28.46 18.32 3.28
C SER B 173 -28.52 19.84 3.41
N LYS B 174 -28.97 20.36 4.55
CA LYS B 174 -29.08 21.79 4.77
C LYS B 174 -28.01 22.34 5.70
N ALA B 175 -27.15 21.48 6.24
CA ALA B 175 -26.14 21.92 7.19
C ALA B 175 -24.99 22.63 6.49
N ARG B 176 -24.46 23.67 7.13
CA ARG B 176 -23.24 24.29 6.67
C ARG B 176 -22.06 23.38 6.96
N LYS B 177 -21.11 23.32 6.04
CA LYS B 177 -20.05 22.34 6.11
C LYS B 177 -18.72 22.97 5.74
N LEU B 178 -17.64 22.39 6.27
CA LEU B 178 -16.28 22.71 5.89
C LEU B 178 -15.59 21.41 5.53
N VAL B 179 -14.99 21.36 4.34
CA VAL B 179 -14.43 20.13 3.80
C VAL B 179 -12.93 20.15 4.04
N CYS B 180 -12.43 19.12 4.72
CA CYS B 180 -11.01 18.97 5.02
C CYS B 180 -10.50 17.70 4.34
N ASN B 181 -9.42 17.82 3.59
CA ASN B 181 -8.79 16.65 2.96
C ASN B 181 -7.60 16.24 3.80
N ILE B 182 -7.56 14.97 4.19
CA ILE B 182 -6.54 14.49 5.11
C ILE B 182 -5.17 14.40 4.44
N ASN B 183 -5.12 14.39 3.11
CA ASN B 183 -3.92 14.01 2.37
C ASN B 183 -2.84 15.09 2.32
N LYS B 184 -2.65 15.83 3.42
CA LYS B 184 -1.45 16.65 3.52
C LYS B 184 -0.22 15.76 3.41
N GLY B 185 0.74 16.18 2.59
CA GLY B 185 1.90 15.34 2.33
C GLY B 185 2.91 15.30 3.46
N CYS B 186 2.61 14.58 4.54
CA CYS B 186 3.47 14.55 5.72
C CYS B 186 3.05 13.37 6.59
N GLY B 187 3.68 13.27 7.76
CA GLY B 187 3.45 12.17 8.67
C GLY B 187 2.15 12.28 9.46
N TYR B 188 1.96 11.28 10.33
CA TYR B 188 0.67 11.12 11.00
C TYR B 188 0.37 12.29 11.93
N GLY B 189 1.33 12.65 12.79
CA GLY B 189 1.09 13.76 13.70
C GLY B 189 0.78 15.04 12.95
N CYS B 190 1.59 15.35 11.93
CA CYS B 190 1.30 16.49 11.06
C CYS B 190 -0.09 16.37 10.44
N GLN B 191 -0.45 15.18 9.99
CA GLN B 191 -1.77 15.01 9.39
C GLN B 191 -2.90 15.14 10.41
N LEU B 192 -2.72 14.54 11.59
CA LEU B 192 -3.73 14.70 12.64
C LEU B 192 -3.93 16.16 13.00
N HIS B 193 -2.82 16.93 13.09
CA HIS B 193 -2.93 18.35 13.41
C HIS B 193 -3.58 19.13 12.28
N HIS B 194 -3.36 18.72 11.03
CA HIS B 194 -4.08 19.33 9.92
C HIS B 194 -5.59 19.23 10.14
N VAL B 195 -6.06 18.05 10.55
CA VAL B 195 -7.49 17.87 10.81
C VAL B 195 -7.92 18.71 12.00
N VAL B 196 -7.07 18.78 13.04
CA VAL B 196 -7.37 19.65 14.19
C VAL B 196 -7.56 21.09 13.71
N TYR B 197 -6.67 21.55 12.82
CA TYR B 197 -6.76 22.92 12.31
C TYR B 197 -8.05 23.11 11.52
N CYS B 198 -8.39 22.16 10.66
CA CYS B 198 -9.71 22.19 10.01
C CYS B 198 -10.83 22.21 11.04
N PHE B 199 -10.75 21.30 12.02
CA PHE B 199 -11.82 21.17 13.01
C PHE B 199 -12.03 22.47 13.77
N MET B 200 -10.93 23.14 14.16
CA MET B 200 -11.04 24.36 14.95
C MET B 200 -11.66 25.50 14.15
N ILE B 201 -11.35 25.58 12.85
CA ILE B 201 -11.93 26.62 12.02
C ILE B 201 -13.40 26.34 11.72
N ALA B 202 -13.78 25.05 11.63
CA ALA B 202 -15.18 24.72 11.45
C ALA B 202 -15.98 25.06 12.70
N TYR B 203 -15.46 24.69 13.88
CA TYR B 203 -16.13 25.03 15.13
C TYR B 203 -16.35 26.53 15.25
N GLY B 204 -15.36 27.34 14.86
CA GLY B 204 -15.49 28.77 14.94
C GLY B 204 -16.43 29.38 13.93
N THR B 205 -16.67 28.70 12.81
CA THR B 205 -17.57 29.17 11.78
C THR B 205 -18.91 28.44 11.78
N GLN B 206 -19.17 27.60 12.79
CA GLN B 206 -20.42 26.87 12.92
C GLN B 206 -20.68 25.99 11.70
N ARG B 207 -19.61 25.47 11.10
CA ARG B 207 -19.70 24.55 9.99
C ARG B 207 -19.37 23.15 10.46
N THR B 208 -20.14 22.16 10.00
CA THR B 208 -19.85 20.77 10.30
C THR B 208 -18.61 20.32 9.54
N LEU B 209 -17.68 19.69 10.26
CA LEU B 209 -16.45 19.20 9.65
C LEU B 209 -16.75 17.95 8.83
N ILE B 210 -16.52 18.03 7.53
CA ILE B 210 -16.57 16.88 6.63
C ILE B 210 -15.13 16.49 6.33
N LEU B 211 -14.71 15.33 6.82
CA LEU B 211 -13.35 14.85 6.64
C LEU B 211 -13.33 13.85 5.49
N GLU B 212 -12.60 14.19 4.43
CA GLU B 212 -12.44 13.30 3.28
C GLU B 212 -11.07 12.63 3.38
N SER B 213 -11.08 11.29 3.46
CA SER B 213 -9.86 10.56 3.80
C SER B 213 -9.61 9.34 2.91
N GLN B 214 -10.30 9.20 1.79
CA GLN B 214 -10.00 8.12 0.88
C GLN B 214 -8.59 8.31 0.30
N ASN B 215 -7.81 7.22 0.28
CA ASN B 215 -6.44 7.19 -0.21
C ASN B 215 -5.44 7.78 0.78
N TRP B 216 -5.85 8.01 2.02
CA TRP B 216 -4.95 8.29 3.13
C TRP B 216 -3.73 7.36 3.07
N ARG B 217 -2.54 7.94 2.88
CA ARG B 217 -1.36 7.12 2.61
C ARG B 217 -1.05 6.14 3.73
N TYR B 218 -1.54 6.39 4.96
CA TYR B 218 -1.36 5.40 6.02
C TYR B 218 -2.33 4.24 5.89
N ALA B 219 -3.53 4.49 5.36
CA ALA B 219 -4.56 3.45 5.25
C ALA B 219 -5.58 3.96 4.24
N THR B 220 -5.45 3.51 2.99
CA THR B 220 -6.24 4.10 1.91
C THR B 220 -7.74 3.90 2.09
N GLY B 221 -8.16 2.99 2.97
CA GLY B 221 -9.55 2.90 3.34
C GLY B 221 -10.06 4.12 4.10
N GLY B 222 -9.17 4.87 4.72
CA GLY B 222 -9.49 6.16 5.27
C GLY B 222 -9.57 6.18 6.78
N TRP B 223 -10.19 7.24 7.29
CA TRP B 223 -10.21 7.52 8.72
C TRP B 223 -10.83 6.39 9.53
N GLU B 224 -11.96 5.85 9.07
CA GLU B 224 -12.68 4.84 9.85
C GLU B 224 -11.97 3.50 9.88
N THR B 225 -10.79 3.38 9.27
CA THR B 225 -9.98 2.18 9.50
C THR B 225 -9.62 2.03 10.96
N VAL B 226 -9.47 3.13 11.70
CA VAL B 226 -9.03 3.06 13.09
C VAL B 226 -9.91 3.90 14.01
N PHE B 227 -10.49 4.98 13.51
CA PHE B 227 -11.24 5.91 14.33
C PHE B 227 -12.71 5.97 13.91
N ARG B 228 -13.57 6.25 14.88
CA ARG B 228 -14.98 6.53 14.63
C ARG B 228 -15.08 7.64 13.59
N PRO B 229 -16.14 7.67 12.77
CA PRO B 229 -16.33 8.82 11.89
C PRO B 229 -16.57 10.08 12.71
N VAL B 230 -16.18 11.23 12.16
CA VAL B 230 -16.30 12.47 12.89
C VAL B 230 -17.74 12.92 13.05
N SER B 231 -18.69 12.25 12.40
CA SER B 231 -20.10 12.55 12.57
C SER B 231 -20.90 11.27 12.39
N GLU B 232 -22.02 11.18 13.10
CA GLU B 232 -22.94 10.07 12.90
C GLU B 232 -24.02 10.40 11.89
N THR B 233 -24.39 11.68 11.75
CA THR B 233 -25.51 12.07 10.91
C THR B 233 -25.11 12.78 9.62
N CYS B 234 -23.90 13.33 9.54
CA CYS B 234 -23.55 14.18 8.40
C CYS B 234 -22.10 13.92 8.01
N THR B 235 -21.91 13.02 7.06
CA THR B 235 -20.62 12.76 6.45
C THR B 235 -20.62 13.08 4.97
N ASP B 236 -21.72 13.61 4.45
CA ASP B 236 -21.87 13.91 3.04
C ASP B 236 -21.38 15.32 2.73
N ARG B 237 -20.86 15.49 1.52
CA ARG B 237 -20.23 16.73 1.07
C ARG B 237 -21.19 17.63 0.30
N SER B 238 -22.46 17.26 0.19
CA SER B 238 -23.39 17.93 -0.72
C SER B 238 -23.85 19.27 -0.14
N GLY B 239 -24.31 20.14 -1.04
CA GLY B 239 -24.81 21.44 -0.65
C GLY B 239 -25.27 22.28 -1.83
N LEU B 240 -26.18 23.21 -1.56
CA LEU B 240 -26.69 24.07 -2.62
C LEU B 240 -25.59 24.94 -3.22
N SER B 241 -24.48 25.15 -2.52
CA SER B 241 -23.39 25.95 -3.06
C SER B 241 -22.08 25.55 -2.42
N THR B 242 -21.01 25.54 -3.23
CA THR B 242 -19.67 25.17 -2.80
C THR B 242 -18.68 26.22 -3.30
N GLY B 243 -17.64 26.44 -2.51
CA GLY B 243 -16.58 27.34 -2.91
C GLY B 243 -15.33 27.07 -2.11
N HIS B 244 -14.21 27.60 -2.61
CA HIS B 244 -12.97 27.58 -1.85
C HIS B 244 -13.02 28.64 -0.76
N TRP B 245 -12.35 28.36 0.35
CA TRP B 245 -12.27 29.34 1.43
C TRP B 245 -11.80 30.69 0.89
N SER B 246 -12.59 31.73 1.18
CA SER B 246 -12.21 33.08 0.78
C SER B 246 -12.45 34.10 1.88
N GLY B 247 -12.61 33.66 3.12
CA GLY B 247 -12.88 34.53 4.25
C GLY B 247 -14.29 34.34 4.79
N GLU B 248 -14.41 34.46 6.11
CA GLU B 248 -15.70 34.20 6.75
C GLU B 248 -16.80 35.10 6.21
N VAL B 249 -16.47 36.36 5.91
CA VAL B 249 -17.50 37.28 5.43
C VAL B 249 -17.95 36.89 4.02
N ASN B 250 -17.00 36.62 3.13
CA ASN B 250 -17.35 36.30 1.75
C ASN B 250 -18.07 34.97 1.64
N ASP B 251 -17.80 34.04 2.56
CA ASP B 251 -18.44 32.73 2.54
C ASP B 251 -19.72 32.69 3.37
N LYS B 252 -20.23 33.85 3.81
CA LYS B 252 -21.35 33.84 4.74
C LYS B 252 -22.55 33.08 4.19
N ASN B 253 -22.73 33.06 2.87
CA ASN B 253 -23.85 32.37 2.24
C ASN B 253 -23.41 31.20 1.36
N ILE B 254 -22.23 30.64 1.61
CA ILE B 254 -21.72 29.49 0.88
C ILE B 254 -21.84 28.28 1.80
N GLN B 255 -22.64 27.29 1.38
CA GLN B 255 -22.99 26.22 2.32
C GLN B 255 -21.82 25.28 2.57
N VAL B 256 -21.04 24.96 1.53
CA VAL B 256 -19.93 24.03 1.65
C VAL B 256 -18.65 24.75 1.26
N VAL B 257 -17.71 24.82 2.19
CA VAL B 257 -16.45 25.54 2.00
C VAL B 257 -15.31 24.55 2.12
N GLU B 258 -14.39 24.59 1.15
CA GLU B 258 -13.22 23.73 1.12
C GLU B 258 -12.03 24.49 1.71
N LEU B 259 -11.41 23.90 2.73
CA LEU B 259 -10.27 24.52 3.42
C LEU B 259 -8.98 23.88 2.97
N PRO B 260 -7.98 24.67 2.57
CA PRO B 260 -6.68 24.10 2.22
C PRO B 260 -5.79 23.91 3.44
N ILE B 261 -4.56 23.44 3.24
CA ILE B 261 -3.64 23.34 4.37
C ILE B 261 -3.28 24.74 4.85
N VAL B 262 -2.91 24.84 6.13
CA VAL B 262 -2.76 26.15 6.76
C VAL B 262 -1.80 27.04 5.99
N ASP B 263 -0.81 26.44 5.31
CA ASP B 263 0.17 27.23 4.59
C ASP B 263 -0.40 27.88 3.34
N SER B 264 -1.56 27.41 2.85
CA SER B 264 -2.21 27.96 1.67
C SER B 264 -3.46 28.75 2.02
N LEU B 265 -3.63 29.11 3.30
CA LEU B 265 -4.88 29.68 3.79
C LEU B 265 -4.84 31.20 3.68
N HIS B 266 -5.78 31.76 2.91
CA HIS B 266 -5.91 33.20 2.77
C HIS B 266 -7.40 33.53 2.57
N PRO B 267 -7.98 34.40 3.39
CA PRO B 267 -7.27 35.00 4.53
C PRO B 267 -7.36 34.11 5.76
N ARG B 268 -6.55 34.38 6.77
CA ARG B 268 -6.56 33.56 7.98
C ARG B 268 -7.68 34.03 8.91
N PRO B 269 -8.51 33.13 9.42
CA PRO B 269 -9.50 33.52 10.41
C PRO B 269 -8.87 33.54 11.80
N PRO B 270 -9.61 33.99 12.82
CA PRO B 270 -9.03 34.05 14.17
C PRO B 270 -9.01 32.71 14.90
N TYR B 271 -9.72 31.70 14.40
CA TYR B 271 -9.85 30.43 15.11
C TYR B 271 -8.63 29.53 14.87
N LEU B 272 -7.48 30.01 15.32
CA LEU B 272 -6.22 29.29 15.22
C LEU B 272 -5.51 29.34 16.57
N PRO B 273 -4.70 28.34 16.88
CA PRO B 273 -3.82 28.45 18.05
C PRO B 273 -2.89 29.65 17.90
N LEU B 274 -2.41 30.15 19.04
CA LEU B 274 -2.59 29.53 20.34
C LEU B 274 -3.71 30.16 21.16
N ALA B 275 -4.61 30.91 20.51
CA ALA B 275 -5.67 31.59 21.23
C ALA B 275 -6.67 30.58 21.81
N VAL B 276 -7.36 31.01 22.85
CA VAL B 276 -8.41 30.20 23.47
C VAL B 276 -9.71 30.96 23.33
N PRO B 277 -10.85 30.26 23.44
CA PRO B 277 -12.15 30.95 23.37
C PRO B 277 -12.33 31.85 24.59
N GLU B 278 -12.81 33.08 24.33
CA GLU B 278 -12.93 34.07 25.40
C GLU B 278 -13.96 33.66 26.45
N ASP B 279 -14.98 32.89 26.06
CA ASP B 279 -15.99 32.45 27.02
C ASP B 279 -15.45 31.39 27.98
N LEU B 280 -14.30 30.79 27.67
CA LEU B 280 -13.72 29.76 28.53
C LEU B 280 -12.43 30.20 29.20
N ALA B 281 -11.85 31.33 28.80
CA ALA B 281 -10.50 31.68 29.25
C ALA B 281 -10.42 31.81 30.76
N ASP B 282 -11.41 32.44 31.40
CA ASP B 282 -11.33 32.69 32.82
C ASP B 282 -11.32 31.38 33.62
N ARG B 283 -12.25 30.48 33.31
CA ARG B 283 -12.30 29.21 34.05
C ARG B 283 -11.08 28.35 33.79
N LEU B 284 -10.48 28.46 32.59
CA LEU B 284 -9.27 27.69 32.31
C LEU B 284 -8.11 28.15 33.18
N LEU B 285 -8.01 29.45 33.45
CA LEU B 285 -6.93 29.96 34.28
C LEU B 285 -6.98 29.37 35.69
N ARG B 286 -8.19 29.13 36.21
CA ARG B 286 -8.31 28.47 37.51
C ARG B 286 -7.78 27.05 37.47
N VAL B 287 -7.82 26.40 36.30
CA VAL B 287 -7.65 24.96 36.22
C VAL B 287 -6.31 24.57 35.58
N HIS B 288 -5.91 25.25 34.50
CA HIS B 288 -4.89 24.70 33.62
C HIS B 288 -3.77 25.71 33.36
N GLY B 289 -2.55 25.19 33.26
CA GLY B 289 -1.37 26.03 33.13
C GLY B 289 -1.06 26.50 31.72
N ASP B 290 -1.61 25.83 30.70
CA ASP B 290 -1.42 26.24 29.31
C ASP B 290 -2.73 26.03 28.58
N PRO B 291 -3.68 26.96 28.71
CA PRO B 291 -5.00 26.74 28.11
C PRO B 291 -4.99 26.63 26.60
N ALA B 292 -3.94 27.14 25.93
CA ALA B 292 -3.85 26.97 24.49
C ALA B 292 -3.75 25.50 24.12
N VAL B 293 -2.94 24.74 24.87
CA VAL B 293 -2.80 23.31 24.61
C VAL B 293 -4.09 22.58 24.98
N TRP B 294 -4.73 22.98 26.08
CA TRP B 294 -6.00 22.37 26.48
C TRP B 294 -7.02 22.50 25.37
N TRP B 295 -7.13 23.69 24.77
CA TRP B 295 -8.06 23.90 23.67
C TRP B 295 -7.76 22.96 22.52
N VAL B 296 -6.50 22.94 22.07
CA VAL B 296 -6.11 22.03 20.99
C VAL B 296 -6.46 20.59 21.34
N SER B 297 -6.26 20.20 22.60
CA SER B 297 -6.44 18.81 23.00
C SER B 297 -7.91 18.37 22.95
N GLN B 298 -8.85 19.30 23.07
CA GLN B 298 -10.26 18.93 23.01
C GLN B 298 -10.66 18.41 21.64
N PHE B 299 -10.06 18.97 20.59
CA PHE B 299 -10.35 18.48 19.24
C PHE B 299 -9.60 17.19 18.95
N VAL B 300 -8.39 17.03 19.50
CA VAL B 300 -7.69 15.76 19.39
C VAL B 300 -8.49 14.65 20.05
N LYS B 301 -9.04 14.92 21.23
CA LYS B 301 -9.81 13.91 21.96
C LYS B 301 -10.98 13.40 21.12
N TYR B 302 -11.76 14.31 20.54
CA TYR B 302 -12.91 13.90 19.75
C TYR B 302 -12.50 13.08 18.53
N LEU B 303 -11.41 13.49 17.87
CA LEU B 303 -11.01 12.86 16.61
C LEU B 303 -10.57 11.41 16.83
N ILE B 304 -9.89 11.12 17.93
CA ILE B 304 -9.26 9.81 18.12
C ILE B 304 -10.16 8.85 18.90
N ARG B 305 -11.45 9.11 18.95
CA ARG B 305 -12.36 8.11 19.51
C ARG B 305 -12.19 6.81 18.73
N PRO B 306 -11.88 5.70 19.40
CA PRO B 306 -11.48 4.50 18.67
C PRO B 306 -12.66 3.66 18.18
N GLN B 307 -12.44 3.03 17.02
CA GLN B 307 -13.28 1.92 16.62
C GLN B 307 -13.18 0.80 17.65
N PRO B 308 -14.19 -0.07 17.72
CA PRO B 308 -14.11 -1.18 18.70
C PRO B 308 -12.81 -1.96 18.62
N TRP B 309 -12.34 -2.29 17.41
CA TRP B 309 -11.14 -3.11 17.28
C TRP B 309 -9.88 -2.36 17.72
N LEU B 310 -9.84 -1.04 17.56
CA LEU B 310 -8.68 -0.30 18.05
C LEU B 310 -8.71 -0.20 19.58
N GLU B 311 -9.90 0.00 20.14
CA GLU B 311 -10.05 -0.04 21.59
C GLU B 311 -9.56 -1.36 22.16
N LYS B 312 -9.95 -2.47 21.54
CA LYS B 312 -9.49 -3.77 22.01
C LYS B 312 -7.99 -3.93 21.85
N GLU B 313 -7.43 -3.43 20.74
CA GLU B 313 -6.00 -3.57 20.51
C GLU B 313 -5.21 -2.82 21.57
N ILE B 314 -5.69 -1.64 21.96
CA ILE B 314 -4.99 -0.85 22.98
C ILE B 314 -5.04 -1.55 24.32
N GLU B 315 -6.19 -2.12 24.68
CA GLU B 315 -6.31 -2.85 25.93
C GLU B 315 -5.38 -4.06 25.95
N GLU B 316 -5.30 -4.79 24.83
CA GLU B 316 -4.45 -5.97 24.78
C GLU B 316 -2.98 -5.59 24.86
N ALA B 317 -2.59 -4.48 24.22
CA ALA B 317 -1.20 -4.04 24.27
C ALA B 317 -0.82 -3.58 25.67
N THR B 318 -1.70 -2.81 26.32
CA THR B 318 -1.50 -2.45 27.71
C THR B 318 -1.15 -3.68 28.54
N LYS B 319 -1.90 -4.77 28.33
CA LYS B 319 -1.70 -5.98 29.11
C LYS B 319 -0.39 -6.68 28.71
N LYS B 320 -0.16 -6.84 27.40
CA LYS B 320 0.99 -7.62 26.94
C LYS B 320 2.30 -6.93 27.25
N LEU B 321 2.32 -5.58 27.23
CA LEU B 321 3.57 -4.85 27.45
C LEU B 321 3.89 -4.68 28.93
N GLY B 322 2.92 -4.89 29.81
CA GLY B 322 3.12 -4.62 31.23
C GLY B 322 3.15 -3.15 31.55
N PHE B 323 2.31 -2.35 30.89
CA PHE B 323 2.29 -0.91 31.10
C PHE B 323 1.60 -0.61 32.43
N LYS B 324 2.35 -0.06 33.38
CA LYS B 324 1.82 0.28 34.70
C LYS B 324 2.59 1.47 35.24
N HIS B 325 2.08 2.04 36.32
CA HIS B 325 2.66 3.27 36.84
C HIS B 325 3.47 3.01 38.11
N PRO B 326 4.46 3.87 38.41
CA PRO B 326 4.81 5.04 37.58
C PRO B 326 5.65 4.67 36.36
N VAL B 327 5.48 5.46 35.30
CA VAL B 327 6.20 5.25 34.05
C VAL B 327 6.43 6.62 33.42
N ILE B 328 7.62 6.81 32.87
CA ILE B 328 7.97 8.03 32.14
C ILE B 328 8.07 7.67 30.66
N GLY B 329 7.42 8.47 29.82
CA GLY B 329 7.45 8.24 28.38
C GLY B 329 8.60 8.97 27.73
N VAL B 330 9.31 8.28 26.84
CA VAL B 330 10.47 8.83 26.15
C VAL B 330 10.29 8.63 24.66
N HIS B 331 10.22 9.71 23.90
CA HIS B 331 10.16 9.64 22.45
C HIS B 331 11.48 10.09 21.87
N VAL B 332 12.15 9.20 21.14
CA VAL B 332 13.45 9.47 20.54
C VAL B 332 13.26 9.43 19.02
N ARG B 333 13.13 10.62 18.42
CA ARG B 333 12.88 10.73 16.98
C ARG B 333 14.21 10.79 16.24
N ARG B 334 14.43 9.82 15.35
CA ARG B 334 15.69 9.73 14.61
C ARG B 334 15.42 9.73 13.11
N THR B 335 15.90 8.69 12.42
CA THR B 335 15.82 8.53 10.96
C THR B 335 15.85 9.87 10.22
N ASP B 336 14.79 10.19 9.46
CA ASP B 336 14.85 11.32 8.54
C ASP B 336 14.80 12.67 9.24
N LYS B 337 14.34 12.73 10.50
CA LYS B 337 14.32 14.00 11.21
C LYS B 337 15.73 14.52 11.43
N VAL B 338 16.70 13.63 11.59
CA VAL B 338 18.09 14.02 11.77
C VAL B 338 18.61 14.60 10.45
N GLY B 339 19.09 15.83 10.49
CA GLY B 339 19.59 16.46 9.29
C GLY B 339 18.54 17.09 8.40
N THR B 340 17.27 17.10 8.81
CA THR B 340 16.28 17.92 8.14
C THR B 340 15.76 18.98 9.11
N GLU B 341 14.86 18.58 10.01
CA GLU B 341 14.14 19.52 10.85
C GLU B 341 14.66 19.57 12.29
N ALA B 342 15.45 18.59 12.72
CA ALA B 342 15.92 18.53 14.09
C ALA B 342 17.38 18.09 14.07
N ALA B 343 17.89 17.73 15.25
CA ALA B 343 19.25 17.25 15.40
C ALA B 343 19.23 15.89 16.08
N PHE B 344 20.38 15.23 16.05
CA PHE B 344 20.56 13.98 16.75
C PHE B 344 20.75 14.23 18.24
N HIS B 345 19.97 13.53 19.07
CA HIS B 345 20.12 13.62 20.51
C HIS B 345 20.46 12.23 21.04
N PRO B 346 21.60 12.04 21.69
CA PRO B 346 21.95 10.72 22.20
C PRO B 346 21.00 10.32 23.33
N ILE B 347 20.91 9.01 23.55
CA ILE B 347 20.00 8.51 24.57
C ILE B 347 20.32 9.12 25.93
N GLU B 348 21.61 9.37 26.22
CA GLU B 348 21.98 9.93 27.51
C GLU B 348 21.29 11.27 27.77
N GLU B 349 21.00 12.03 26.72
CA GLU B 349 20.42 13.36 26.92
C GLU B 349 18.98 13.27 27.41
N TYR B 350 18.20 12.32 26.88
CA TYR B 350 16.87 12.09 27.40
C TYR B 350 16.91 11.56 28.83
N MET B 351 17.85 10.65 29.11
CA MET B 351 17.79 9.91 30.37
C MET B 351 18.12 10.78 31.58
N VAL B 352 18.93 11.84 31.43
CA VAL B 352 19.20 12.68 32.59
C VAL B 352 17.91 13.27 33.12
N HIS B 353 17.00 13.67 32.22
CA HIS B 353 15.73 14.23 32.66
C HIS B 353 14.80 13.15 33.16
N VAL B 354 14.85 11.96 32.56
CA VAL B 354 14.11 10.81 33.11
C VAL B 354 14.56 10.54 34.54
N GLU B 355 15.89 10.47 34.75
CA GLU B 355 16.43 10.22 36.08
C GLU B 355 16.08 11.35 37.05
N GLU B 356 16.26 12.59 36.61
CA GLU B 356 15.91 13.72 37.45
C GLU B 356 14.46 13.64 37.91
N HIS B 357 13.55 13.22 37.04
CA HIS B 357 12.14 13.18 37.40
C HIS B 357 11.80 11.99 38.29
N PHE B 358 12.45 10.84 38.10
CA PHE B 358 12.21 9.75 39.04
C PHE B 358 12.73 10.11 40.43
N GLN B 359 13.86 10.83 40.50
CA GLN B 359 14.30 11.36 41.78
C GLN B 359 13.23 12.22 42.42
N LEU B 360 12.57 13.07 41.63
CA LEU B 360 11.47 13.87 42.16
C LEU B 360 10.32 13.00 42.64
N LEU B 361 9.85 12.09 41.77
CA LEU B 361 8.73 11.22 42.14
C LEU B 361 9.04 10.42 43.39
N ALA B 362 10.28 9.94 43.52
CA ALA B 362 10.63 9.13 44.68
C ALA B 362 10.41 9.87 45.99
N ARG B 363 10.50 11.20 45.97
CA ARG B 363 10.33 11.96 47.20
C ARG B 363 8.89 11.97 47.69
N ARG B 364 7.93 11.58 46.84
CA ARG B 364 6.53 11.56 47.21
C ARG B 364 5.86 10.20 47.08
N MET B 365 6.52 9.21 46.47
CA MET B 365 5.90 7.91 46.28
C MET B 365 6.96 6.83 46.26
N GLN B 366 6.54 5.60 46.56
CA GLN B 366 7.38 4.43 46.43
C GLN B 366 7.63 4.13 44.96
N VAL B 367 8.88 4.10 44.54
CA VAL B 367 9.20 3.72 43.18
C VAL B 367 9.80 2.32 43.19
N ASP B 368 8.93 1.31 43.17
CA ASP B 368 9.35 -0.08 43.08
C ASP B 368 10.42 -0.25 41.99
N LYS B 369 10.05 0.06 40.75
CA LYS B 369 10.91 -0.11 39.61
C LYS B 369 10.79 1.11 38.70
N LYS B 370 11.93 1.59 38.22
CA LYS B 370 11.94 2.76 37.34
C LYS B 370 11.61 2.30 35.93
N ARG B 371 10.44 2.69 35.43
CA ARG B 371 9.92 2.24 34.14
C ARG B 371 9.93 3.38 33.13
N VAL B 372 10.39 3.09 31.93
CA VAL B 372 10.35 4.03 30.81
C VAL B 372 9.64 3.34 29.66
N TYR B 373 8.62 4.01 29.11
CA TYR B 373 8.02 3.57 27.85
C TYR B 373 8.76 4.27 26.73
N LEU B 374 9.45 3.50 25.89
CA LEU B 374 10.33 4.03 24.85
C LEU B 374 9.66 3.89 23.50
N ALA B 375 9.27 5.03 22.92
CA ALA B 375 8.80 5.08 21.53
C ALA B 375 9.90 5.66 20.66
N THR B 376 10.26 4.93 19.60
CA THR B 376 11.33 5.38 18.71
C THR B 376 11.12 4.76 17.34
N ASP B 377 11.67 5.43 16.32
CA ASP B 377 11.69 4.91 14.96
C ASP B 377 13.04 4.29 14.62
N ASP B 378 13.88 4.02 15.61
CA ASP B 378 15.17 3.37 15.42
C ASP B 378 15.15 2.01 16.14
N PRO B 379 15.01 0.91 15.41
CA PRO B 379 14.89 -0.41 16.09
C PRO B 379 16.10 -0.79 16.94
N THR B 380 17.28 -0.23 16.66
CA THR B 380 18.45 -0.58 17.46
C THR B 380 18.52 0.15 18.80
N LEU B 381 17.65 1.13 19.03
CA LEU B 381 17.81 1.97 20.21
C LEU B 381 17.42 1.23 21.50
N LEU B 382 16.42 0.36 21.41
CA LEU B 382 15.95 -0.34 22.61
C LEU B 382 17.09 -1.09 23.31
N LYS B 383 17.82 -1.92 22.56
CA LYS B 383 18.92 -2.67 23.17
C LYS B 383 19.98 -1.73 23.72
N GLU B 384 20.26 -0.64 23.02
CA GLU B 384 21.23 0.34 23.54
C GLU B 384 20.79 0.87 24.90
N ALA B 385 19.50 1.22 25.02
CA ALA B 385 19.01 1.78 26.27
C ALA B 385 19.00 0.73 27.38
N LYS B 386 18.63 -0.51 27.05
CA LYS B 386 18.57 -1.54 28.08
C LYS B 386 19.95 -1.84 28.66
N THR B 387 20.98 -1.87 27.82
CA THR B 387 22.33 -2.16 28.30
C THR B 387 23.02 -0.95 28.90
N LYS B 388 22.56 0.26 28.59
CA LYS B 388 23.15 1.45 29.21
C LYS B 388 22.50 1.76 30.56
N TYR B 389 21.25 1.35 30.77
CA TYR B 389 20.51 1.66 31.98
C TYR B 389 19.83 0.39 32.50
N SER B 390 20.64 -0.58 32.91
CA SER B 390 20.11 -1.86 33.36
C SER B 390 19.33 -1.77 34.66
N ASN B 391 19.39 -0.65 35.38
CA ASN B 391 18.52 -0.46 36.53
C ASN B 391 17.11 -0.02 36.13
N TYR B 392 16.88 0.27 34.86
CA TYR B 392 15.58 0.66 34.34
C TYR B 392 14.89 -0.53 33.68
N GLU B 393 13.56 -0.52 33.76
CA GLU B 393 12.73 -1.46 33.02
C GLU B 393 12.15 -0.71 31.83
N PHE B 394 12.59 -1.08 30.63
CA PHE B 394 12.14 -0.40 29.42
C PHE B 394 10.96 -1.14 28.84
N ILE B 395 9.80 -0.47 28.81
CA ILE B 395 8.60 -0.97 28.16
C ILE B 395 8.60 -0.41 26.74
N SER B 396 8.57 -1.31 25.76
CA SER B 396 8.73 -0.89 24.37
C SER B 396 8.36 -2.06 23.48
N ASP B 397 7.83 -1.74 22.32
CA ASP B 397 7.45 -2.75 21.31
C ASP B 397 8.38 -2.57 20.13
N ASN B 398 9.41 -3.44 20.06
CA ASN B 398 10.46 -3.23 19.07
C ASN B 398 9.98 -3.49 17.66
N SER B 399 8.96 -4.33 17.47
CA SER B 399 8.45 -4.53 16.13
C SER B 399 7.73 -3.29 15.63
N ILE B 400 7.12 -2.52 16.54
CA ILE B 400 6.55 -1.24 16.14
C ILE B 400 7.64 -0.30 15.65
N SER B 401 8.78 -0.27 16.36
CA SER B 401 9.90 0.54 15.91
C SER B 401 10.37 0.12 14.53
N TRP B 402 10.33 -1.19 14.24
CA TRP B 402 10.67 -1.66 12.90
C TRP B 402 9.71 -1.11 11.85
N SER B 403 8.40 -1.17 12.15
CA SER B 403 7.41 -0.67 11.21
C SER B 403 7.57 0.82 10.94
N ALA B 404 8.18 1.57 11.88
CA ALA B 404 8.34 3.00 11.71
C ALA B 404 9.49 3.37 10.78
N GLY B 405 10.34 2.41 10.41
CA GLY B 405 11.41 2.66 9.46
C GLY B 405 10.90 3.30 8.18
N LEU B 406 11.80 3.95 7.45
CA LEU B 406 11.39 4.72 6.28
C LEU B 406 10.70 3.86 5.22
N HIS B 407 11.08 2.59 5.11
CA HIS B 407 10.55 1.75 4.05
C HIS B 407 9.16 1.23 4.33
N ASN B 408 8.74 1.16 5.60
CA ASN B 408 7.43 0.62 5.96
C ASN B 408 6.48 1.68 6.51
N ARG B 409 6.91 2.94 6.57
CA ARG B 409 6.23 3.92 7.42
C ARG B 409 4.78 4.12 7.01
N TYR B 410 4.49 4.14 5.70
CA TYR B 410 3.16 4.50 5.24
C TYR B 410 2.36 3.24 4.89
N THR B 411 2.07 2.49 5.95
CA THR B 411 1.24 1.31 5.92
C THR B 411 0.30 1.34 7.11
N GLU B 412 -0.77 0.55 7.04
CA GLU B 412 -1.69 0.51 8.18
C GLU B 412 -1.01 -0.06 9.41
N ASN B 413 -0.12 -1.05 9.23
CA ASN B 413 0.59 -1.60 10.37
C ASN B 413 1.41 -0.51 11.07
N SER B 414 2.12 0.31 10.29
CA SER B 414 2.84 1.43 10.87
C SER B 414 1.88 2.40 11.54
N LEU B 415 0.77 2.74 10.85
CA LEU B 415 -0.20 3.68 11.40
C LEU B 415 -0.67 3.27 12.79
N ARG B 416 -0.98 1.98 12.98
CA ARG B 416 -1.41 1.53 14.29
C ARG B 416 -0.25 1.49 15.27
N GLY B 417 0.97 1.25 14.77
CA GLY B 417 2.12 1.31 15.64
C GLY B 417 2.31 2.67 16.27
N VAL B 418 2.17 3.74 15.47
CA VAL B 418 2.40 5.07 16.01
C VAL B 418 1.20 5.54 16.82
N ILE B 419 -0.01 5.10 16.49
CA ILE B 419 -1.16 5.39 17.33
C ILE B 419 -0.97 4.78 18.72
N LEU B 420 -0.46 3.55 18.76
CA LEU B 420 -0.22 2.90 20.05
C LEU B 420 0.91 3.60 20.82
N ASP B 421 2.02 3.88 20.14
CA ASP B 421 3.13 4.59 20.79
C ASP B 421 2.66 5.92 21.36
N ILE B 422 1.88 6.68 20.59
CA ILE B 422 1.38 7.97 21.07
C ILE B 422 0.45 7.77 22.26
N HIS B 423 -0.38 6.73 22.20
CA HIS B 423 -1.28 6.45 23.32
C HIS B 423 -0.50 6.25 24.60
N PHE B 424 0.57 5.43 24.55
CA PHE B 424 1.28 5.09 25.78
C PHE B 424 2.16 6.24 26.25
N LEU B 425 2.76 6.98 25.32
CA LEU B 425 3.41 8.24 25.69
C LEU B 425 2.44 9.13 26.46
N SER B 426 1.22 9.31 25.95
CA SER B 426 0.28 10.24 26.56
C SER B 426 -0.16 9.77 27.94
N GLN B 427 -0.16 8.46 28.17
CA GLN B 427 -0.60 7.90 29.44
C GLN B 427 0.49 7.94 30.52
N ALA B 428 1.71 8.30 30.16
CA ALA B 428 2.80 8.27 31.12
C ALA B 428 2.65 9.39 32.14
N ASP B 429 3.40 9.26 33.24
CA ASP B 429 3.41 10.27 34.30
C ASP B 429 4.19 11.52 33.92
N PHE B 430 5.09 11.41 32.93
CA PHE B 430 5.98 12.49 32.54
C PHE B 430 6.46 12.20 31.13
N LEU B 431 6.77 13.25 30.39
CA LEU B 431 7.13 13.12 28.98
C LEU B 431 8.48 13.79 28.72
N VAL B 432 9.42 13.04 28.18
CA VAL B 432 10.74 13.55 27.80
C VAL B 432 10.93 13.26 26.33
N CYS B 433 11.18 14.31 25.55
CA CYS B 433 11.19 14.20 24.10
C CYS B 433 11.67 15.48 23.44
N THR B 434 11.41 15.61 22.13
CA THR B 434 11.72 16.81 21.36
C THR B 434 10.42 17.34 20.77
N PHE B 435 9.95 18.48 21.28
CA PHE B 435 8.71 19.04 20.77
C PHE B 435 8.79 19.43 19.30
N SER B 436 9.98 19.45 18.70
CA SER B 436 10.07 19.64 17.26
C SER B 436 9.38 18.51 16.49
N SER B 437 9.10 17.39 17.14
CA SER B 437 8.45 16.25 16.52
C SER B 437 6.94 16.30 16.80
N GLN B 438 6.15 16.17 15.74
CA GLN B 438 4.70 16.19 15.93
C GLN B 438 4.22 15.01 16.76
N VAL B 439 4.95 13.89 16.74
CA VAL B 439 4.56 12.72 17.51
C VAL B 439 4.48 13.08 18.99
N CYS B 440 5.51 13.74 19.52
CA CYS B 440 5.49 14.06 20.94
C CYS B 440 4.43 15.10 21.25
N ARG B 441 4.26 16.08 20.35
CA ARG B 441 3.25 17.10 20.57
C ARG B 441 1.87 16.46 20.71
N VAL B 442 1.52 15.52 19.81
CA VAL B 442 0.22 14.86 19.91
C VAL B 442 0.07 14.16 21.25
N ALA B 443 1.13 13.49 21.71
CA ALA B 443 1.06 12.79 22.99
C ALA B 443 0.86 13.78 24.14
N TYR B 444 1.69 14.83 24.17
CA TYR B 444 1.52 15.88 25.18
C TYR B 444 0.11 16.47 25.13
N GLU B 445 -0.42 16.66 23.92
CA GLU B 445 -1.79 17.15 23.79
C GLU B 445 -2.79 16.19 24.43
N ILE B 446 -2.75 14.91 24.03
CA ILE B 446 -3.66 13.92 24.60
C ILE B 446 -3.52 13.84 26.11
N MET B 447 -2.29 13.94 26.60
CA MET B 447 -2.05 13.89 28.04
C MET B 447 -2.89 14.92 28.79
N GLN B 448 -3.09 16.10 28.19
CA GLN B 448 -3.89 17.14 28.84
C GLN B 448 -5.31 16.68 29.11
N THR B 449 -5.82 15.70 28.37
CA THR B 449 -7.18 15.22 28.54
C THR B 449 -7.29 14.09 29.57
N LEU B 450 -6.18 13.73 30.21
CA LEU B 450 -6.18 12.64 31.18
C LEU B 450 -5.94 13.11 32.61
N HIS B 451 -5.72 14.39 32.84
CA HIS B 451 -5.43 14.93 34.16
C HIS B 451 -5.97 16.34 34.25
N PRO B 452 -6.23 16.84 35.46
CA PRO B 452 -6.69 18.23 35.59
C PRO B 452 -5.74 19.24 34.96
N ASP B 453 -4.43 19.14 35.25
CA ASP B 453 -3.45 20.07 34.68
C ASP B 453 -2.12 19.34 34.55
N ALA B 454 -1.88 18.76 33.38
CA ALA B 454 -0.62 18.12 33.05
C ALA B 454 0.27 18.99 32.19
N SER B 455 0.02 20.31 32.16
CA SER B 455 0.72 21.19 31.22
C SER B 455 2.22 21.21 31.47
N ALA B 456 2.65 20.98 32.71
CA ALA B 456 4.07 21.00 33.05
C ALA B 456 4.71 19.61 33.06
N ASN B 457 3.97 18.57 32.67
CA ASN B 457 4.48 17.21 32.80
C ASN B 457 5.35 16.79 31.62
N PHE B 458 6.33 17.61 31.26
CA PHE B 458 7.18 17.30 30.11
C PHE B 458 8.53 17.99 30.30
N HIS B 459 9.53 17.47 29.58
CA HIS B 459 10.74 18.22 29.29
C HIS B 459 11.10 18.01 27.83
N SER B 460 11.27 19.10 27.10
CA SER B 460 11.63 19.08 25.70
C SER B 460 13.12 19.39 25.55
N LEU B 461 13.80 18.60 24.72
CA LEU B 461 15.21 18.86 24.43
C LEU B 461 15.41 20.04 23.49
N ASP B 462 14.38 20.48 22.79
CA ASP B 462 14.52 21.67 21.95
C ASP B 462 13.31 22.61 22.10
N ASP B 463 12.34 22.49 21.21
CA ASP B 463 11.30 23.51 21.10
C ASP B 463 10.40 23.54 22.33
N ILE B 464 9.90 24.74 22.63
CA ILE B 464 8.76 24.92 23.52
C ILE B 464 7.54 24.40 22.77
N TYR B 465 6.40 24.29 23.45
CA TYR B 465 5.21 23.81 22.76
C TYR B 465 4.79 24.81 21.68
N TYR B 466 4.35 24.27 20.55
CA TYR B 466 3.83 25.10 19.48
C TYR B 466 2.89 24.28 18.62
N PHE B 467 2.06 24.98 17.85
CA PHE B 467 1.17 24.36 16.88
C PHE B 467 1.51 24.92 15.51
N GLY B 468 1.86 24.04 14.57
CA GLY B 468 2.17 24.46 13.22
C GLY B 468 1.05 25.26 12.60
N GLY B 469 1.37 26.47 12.13
CA GLY B 469 0.38 27.38 11.62
C GLY B 469 -0.15 28.38 12.62
N GLN B 470 0.30 28.30 13.88
CA GLN B 470 -0.19 29.20 14.92
C GLN B 470 0.14 30.65 14.58
N ASN B 471 -0.64 31.55 15.18
CA ASN B 471 -0.27 32.96 15.16
C ASN B 471 0.96 33.19 16.05
N ALA B 472 1.44 34.42 16.05
CA ALA B 472 2.67 34.72 16.77
C ALA B 472 2.49 34.46 18.27
N HIS B 473 3.44 33.72 18.84
CA HIS B 473 3.47 33.46 20.27
C HIS B 473 4.17 34.63 20.96
N ASN B 474 3.43 35.36 21.79
CA ASN B 474 3.95 36.55 22.44
C ASN B 474 3.90 36.43 23.96
N GLN B 475 4.81 37.14 24.61
CA GLN B 475 4.87 37.24 26.06
C GLN B 475 4.84 38.70 26.44
N ILE B 476 4.69 38.96 27.74
CA ILE B 476 4.71 40.31 28.29
C ILE B 476 5.83 40.38 29.33
N ALA B 477 6.76 41.30 29.13
CA ALA B 477 7.78 41.54 30.15
C ALA B 477 7.14 42.06 31.42
N VAL B 478 7.46 41.43 32.55
CA VAL B 478 6.95 41.89 33.83
C VAL B 478 8.03 42.60 34.66
N TYR B 479 9.29 42.21 34.53
CA TYR B 479 10.39 42.85 35.23
C TYR B 479 11.38 43.41 34.22
N PRO B 480 12.00 44.55 34.52
CA PRO B 480 12.96 45.13 33.57
C PRO B 480 14.21 44.28 33.45
N HIS B 481 14.87 44.38 32.30
CA HIS B 481 16.13 43.68 32.10
C HIS B 481 17.14 44.58 31.40
N LYS B 482 18.32 44.71 32.01
CA LYS B 482 19.45 45.37 31.38
C LYS B 482 20.36 44.32 30.78
N PRO B 483 20.69 44.39 29.49
CA PRO B 483 21.50 43.32 28.87
C PRO B 483 22.92 43.32 29.40
N ARG B 484 23.37 42.16 29.88
CA ARG B 484 24.75 42.04 30.32
C ARG B 484 25.71 41.89 29.15
N THR B 485 25.25 41.36 28.02
CA THR B 485 26.04 41.20 26.82
C THR B 485 25.27 41.75 25.63
N GLU B 486 25.94 41.80 24.48
CA GLU B 486 25.30 42.28 23.26
C GLU B 486 24.33 41.25 22.68
N GLU B 487 24.33 40.03 23.18
CA GLU B 487 23.40 39.00 22.73
C GLU B 487 22.07 39.03 23.47
N GLU B 488 21.99 39.80 24.56
CA GLU B 488 20.76 39.96 25.31
C GLU B 488 20.01 41.18 24.78
N ILE B 489 18.70 41.19 25.01
CA ILE B 489 17.85 42.31 24.61
C ILE B 489 17.37 43.03 25.86
N PRO B 490 17.20 44.34 25.81
CA PRO B 490 16.56 45.05 26.92
C PRO B 490 15.06 44.82 26.96
N MET B 491 14.50 44.98 28.16
CA MET B 491 13.06 44.84 28.36
C MET B 491 12.63 45.82 29.44
N GLU B 492 11.43 46.37 29.29
CA GLU B 492 10.77 47.14 30.32
C GLU B 492 9.39 46.53 30.59
N PRO B 493 8.90 46.61 31.83
CA PRO B 493 7.60 45.99 32.14
C PRO B 493 6.50 46.45 31.20
N GLY B 494 5.86 45.50 30.50
CA GLY B 494 4.81 45.79 29.56
C GLY B 494 5.19 45.59 28.11
N ASP B 495 6.48 45.47 27.81
CA ASP B 495 6.91 45.22 26.44
C ASP B 495 6.40 43.87 25.97
N ILE B 496 5.96 43.83 24.72
CA ILE B 496 5.54 42.58 24.09
C ILE B 496 6.80 41.86 23.58
N ILE B 497 6.99 40.63 24.05
CA ILE B 497 8.14 39.81 23.65
C ILE B 497 7.63 38.67 22.79
N GLY B 498 8.17 38.56 21.57
CA GLY B 498 7.90 37.40 20.74
C GLY B 498 8.91 36.31 21.03
N VAL B 499 8.46 35.19 21.59
CA VAL B 499 9.37 34.14 22.05
C VAL B 499 9.57 33.13 20.92
N ALA B 500 10.82 32.89 20.56
CA ALA B 500 11.16 31.84 19.61
C ALA B 500 11.46 30.52 20.30
N GLY B 501 11.97 30.56 21.53
CA GLY B 501 12.25 29.35 22.26
C GLY B 501 12.78 29.64 23.65
N ASN B 502 12.75 28.61 24.48
CA ASN B 502 13.36 28.62 25.80
C ASN B 502 14.61 27.76 25.73
N HIS B 503 15.74 28.32 26.15
CA HIS B 503 17.01 27.60 26.08
C HIS B 503 17.23 26.69 27.29
N TRP B 504 16.26 26.60 28.19
CA TRP B 504 16.33 25.67 29.33
C TRP B 504 17.60 25.90 30.14
N ASP B 505 18.08 27.14 30.18
CA ASP B 505 19.26 27.52 30.93
C ASP B 505 19.04 28.82 31.70
N GLY B 506 17.79 29.20 31.92
CA GLY B 506 17.46 30.48 32.51
C GLY B 506 17.07 31.55 31.49
N TYR B 507 17.46 31.38 30.23
CA TYR B 507 17.27 32.39 29.21
C TYR B 507 16.39 31.86 28.08
N SER B 508 15.56 32.74 27.54
CA SER B 508 14.80 32.51 26.32
C SER B 508 15.31 33.41 25.21
N LYS B 509 14.98 33.05 23.98
CA LYS B 509 15.36 33.83 22.81
C LYS B 509 14.10 34.35 22.13
N GLY B 510 14.08 35.65 21.82
CA GLY B 510 12.93 36.24 21.19
C GLY B 510 13.22 37.64 20.71
N ILE B 511 12.16 38.33 20.32
CA ILE B 511 12.26 39.71 19.84
C ILE B 511 11.42 40.61 20.73
N ASN B 512 12.02 41.69 21.20
CA ASN B 512 11.29 42.76 21.87
C ASN B 512 10.67 43.62 20.78
N ARG B 513 9.37 43.41 20.53
CA ARG B 513 8.74 44.07 19.40
C ARG B 513 8.75 45.59 19.54
N LYS B 514 8.69 46.09 20.77
CA LYS B 514 8.78 47.54 20.99
C LYS B 514 10.06 48.09 20.38
N LEU B 515 11.20 47.44 20.65
CA LEU B 515 12.50 47.93 20.22
C LEU B 515 12.95 47.34 18.87
N GLY B 516 12.33 46.26 18.43
CA GLY B 516 12.78 45.60 17.22
C GLY B 516 14.09 44.87 17.34
N LYS B 517 14.52 44.53 18.56
CA LYS B 517 15.75 43.81 18.80
C LYS B 517 15.47 42.35 19.13
N THR B 518 16.38 41.48 18.70
CA THR B 518 16.26 40.04 18.86
C THR B 518 17.46 39.52 19.67
N GLY B 519 17.17 38.72 20.69
CA GLY B 519 18.25 38.20 21.53
C GLY B 519 17.70 37.46 22.72
N LEU B 520 18.55 37.34 23.74
CA LEU B 520 18.26 36.53 24.91
C LEU B 520 17.80 37.40 26.08
N TYR B 521 16.90 36.86 26.89
CA TYR B 521 16.39 37.51 28.08
C TYR B 521 16.12 36.47 29.14
N PRO B 522 16.14 36.84 30.42
CA PRO B 522 15.87 35.87 31.48
C PRO B 522 14.43 35.37 31.41
N SER B 523 14.27 34.04 31.47
CA SER B 523 12.96 33.44 31.28
C SER B 523 11.97 33.83 32.36
N TYR B 524 12.44 34.06 33.59
CA TYR B 524 11.52 34.36 34.67
C TYR B 524 10.94 35.77 34.61
N LYS B 525 11.51 36.65 33.79
CA LYS B 525 11.12 38.05 33.74
C LYS B 525 9.96 38.33 32.79
N VAL B 526 9.40 37.31 32.15
CA VAL B 526 8.23 37.49 31.28
C VAL B 526 7.10 36.60 31.77
N ARG B 527 5.90 36.93 31.33
CA ARG B 527 4.74 36.09 31.56
C ARG B 527 4.02 35.87 30.23
N GLU B 528 3.27 34.77 30.17
CA GLU B 528 2.59 34.41 28.94
C GLU B 528 1.49 35.43 28.63
N LYS B 529 1.39 35.79 27.35
CA LYS B 529 0.33 36.66 26.85
C LYS B 529 -0.76 35.78 26.23
N ILE B 530 -1.78 35.46 27.01
CA ILE B 530 -2.87 34.61 26.54
C ILE B 530 -3.77 35.43 25.63
N GLU B 531 -4.02 34.91 24.44
CA GLU B 531 -4.93 35.53 23.49
C GLU B 531 -6.26 34.82 23.50
N THR B 532 -7.34 35.57 23.28
CA THR B 532 -8.69 35.01 23.24
C THR B 532 -9.38 35.44 21.96
N VAL B 533 -10.29 34.58 21.50
CA VAL B 533 -11.09 34.82 20.32
C VAL B 533 -12.56 34.65 20.71
N LYS B 534 -13.43 35.41 20.05
CA LYS B 534 -14.87 35.24 20.22
C LYS B 534 -15.32 34.07 19.36
N TYR B 535 -15.31 32.88 19.96
CA TYR B 535 -15.86 31.67 19.35
C TYR B 535 -17.36 31.58 19.61
N PRO B 536 -18.10 30.86 18.77
CA PRO B 536 -19.49 30.55 19.10
C PRO B 536 -19.55 29.66 20.34
N THR B 537 -20.63 29.78 21.11
CA THR B 537 -20.76 29.04 22.36
C THR B 537 -21.83 27.94 22.31
N TYR B 538 -22.52 27.78 21.17
CA TYR B 538 -23.46 26.70 20.92
C TYR B 538 -24.37 26.43 22.13
N PRO B 539 -25.19 27.43 22.49
CA PRO B 539 -26.09 27.21 23.64
C PRO B 539 -27.06 26.05 23.45
N GLU B 540 -27.50 25.81 22.21
CA GLU B 540 -28.50 24.76 21.96
C GLU B 540 -27.99 23.38 22.36
N ALA B 541 -26.70 23.20 22.58
CA ALA B 541 -26.13 21.90 22.90
C ALA B 541 -26.41 21.47 24.34
N GLU B 542 -27.04 22.32 25.15
CA GLU B 542 -27.24 22.05 26.56
C GLU B 542 -28.54 21.31 26.84
N GLY C 75 24.68 51.57 -38.00
CA GLY C 75 23.77 52.39 -37.22
C GLY C 75 22.50 51.67 -36.82
N LEU C 76 21.37 52.14 -37.34
CA LEU C 76 20.07 51.56 -37.03
C LEU C 76 19.61 50.65 -38.17
N GLY C 77 19.08 49.49 -37.80
CA GLY C 77 18.64 48.52 -38.80
C GLY C 77 17.29 48.90 -39.40
N LYS C 78 17.16 48.65 -40.71
CA LYS C 78 15.93 49.00 -41.40
C LYS C 78 14.75 48.18 -40.87
N ASP C 79 14.95 46.88 -40.66
CA ASP C 79 13.87 46.05 -40.12
C ASP C 79 13.55 46.45 -38.68
N HIS C 80 14.57 46.80 -37.90
CA HIS C 80 14.33 47.22 -36.52
C HIS C 80 13.42 48.44 -36.47
N GLU C 81 13.65 49.43 -37.34
CA GLU C 81 12.87 50.65 -37.28
C GLU C 81 11.47 50.44 -37.83
N ILE C 82 11.33 49.71 -38.93
CA ILE C 82 10.01 49.39 -39.45
C ILE C 82 9.19 48.65 -38.39
N LEU C 83 9.82 47.71 -37.68
CA LEU C 83 9.09 46.93 -36.69
C LEU C 83 8.70 47.77 -35.47
N ARG C 84 9.61 48.60 -34.97
CA ARG C 84 9.26 49.44 -33.83
C ARG C 84 8.09 50.35 -34.19
N ARG C 85 8.14 50.99 -35.36
CA ARG C 85 7.04 51.86 -35.76
C ARG C 85 5.76 51.07 -35.93
N ARG C 86 5.85 49.84 -36.44
CA ARG C 86 4.65 49.02 -36.62
C ARG C 86 4.07 48.58 -35.28
N ILE C 87 4.92 48.35 -34.27
CA ILE C 87 4.42 48.07 -32.94
C ILE C 87 3.72 49.29 -32.37
N GLU C 88 4.31 50.47 -32.57
CA GLU C 88 3.67 51.71 -32.10
C GLU C 88 2.30 51.89 -32.74
N ASN C 89 2.26 51.89 -34.08
CA ASN C 89 1.00 52.10 -34.78
C ASN C 89 -0.01 51.02 -34.44
N GLY C 90 0.44 49.77 -34.39
CA GLY C 90 -0.46 48.69 -33.99
C GLY C 90 -1.08 48.92 -32.64
N ALA C 91 -0.30 49.45 -31.69
CA ALA C 91 -0.84 49.76 -30.37
C ALA C 91 -1.74 51.00 -30.41
N LYS C 92 -1.35 52.02 -31.18
CA LYS C 92 -2.22 53.17 -31.35
C LYS C 92 -3.58 52.74 -31.89
N GLU C 93 -3.57 51.93 -32.97
CA GLU C 93 -4.82 51.48 -33.56
C GLU C 93 -5.63 50.61 -32.62
N LEU C 94 -4.97 49.87 -31.74
CA LEU C 94 -5.70 49.13 -30.72
C LEU C 94 -6.44 50.08 -29.78
N TRP C 95 -5.79 51.17 -29.39
CA TRP C 95 -6.40 52.14 -28.50
C TRP C 95 -7.57 52.85 -29.18
N PHE C 96 -7.39 53.27 -30.45
CA PHE C 96 -8.49 53.82 -31.22
C PHE C 96 -9.67 52.86 -31.25
N PHE C 97 -9.39 51.57 -31.46
CA PHE C 97 -10.44 50.56 -31.52
C PHE C 97 -11.18 50.43 -30.19
N LEU C 98 -10.43 50.39 -29.09
CA LEU C 98 -11.05 50.18 -27.79
C LEU C 98 -11.91 51.36 -27.36
N GLN C 99 -11.43 52.59 -27.58
CA GLN C 99 -12.24 53.77 -27.24
C GLN C 99 -13.56 53.75 -27.97
N SER C 100 -13.54 53.38 -29.26
CA SER C 100 -14.78 53.31 -30.03
C SER C 100 -15.67 52.19 -29.53
N GLU C 101 -15.12 50.98 -29.38
CA GLU C 101 -15.95 49.81 -29.10
C GLU C 101 -16.53 49.86 -27.69
N LEU C 102 -15.75 50.33 -26.71
CA LEU C 102 -16.29 50.40 -25.36
C LEU C 102 -17.37 51.47 -25.25
N LYS C 103 -17.24 52.57 -26.00
CA LYS C 103 -18.33 53.54 -26.04
C LYS C 103 -19.59 52.92 -26.62
N LYS C 104 -19.45 52.04 -27.62
CA LYS C 104 -20.60 51.37 -28.18
C LYS C 104 -21.18 50.36 -27.21
N LEU C 105 -20.32 49.60 -26.51
CA LEU C 105 -20.80 48.61 -25.57
C LEU C 105 -21.71 49.23 -24.51
N LYS C 106 -21.37 50.43 -24.05
CA LYS C 106 -22.12 50.99 -22.93
C LYS C 106 -23.48 51.55 -23.33
N HIS C 107 -23.86 51.42 -24.60
CA HIS C 107 -25.21 51.73 -25.06
C HIS C 107 -25.92 50.50 -25.57
N LEU C 108 -25.51 49.31 -25.13
CA LEU C 108 -26.14 48.04 -25.45
C LEU C 108 -26.43 47.30 -24.16
N GLU C 109 -27.39 46.37 -24.22
CA GLU C 109 -27.73 45.53 -23.08
C GLU C 109 -28.01 44.11 -23.56
N GLY C 110 -28.10 43.20 -22.60
CA GLY C 110 -28.65 41.88 -22.88
C GLY C 110 -27.79 41.09 -23.85
N ASN C 111 -28.46 40.24 -24.64
CA ASN C 111 -27.74 39.38 -25.57
C ASN C 111 -27.01 40.18 -26.63
N GLU C 112 -27.58 41.31 -27.06
CA GLU C 112 -26.87 42.17 -28.01
C GLU C 112 -25.54 42.64 -27.41
N LEU C 113 -25.56 43.05 -26.14
CA LEU C 113 -24.33 43.47 -25.47
C LEU C 113 -23.34 42.33 -25.37
N GLN C 114 -23.81 41.11 -25.10
CA GLN C 114 -22.90 39.99 -24.94
C GLN C 114 -22.31 39.56 -26.27
N ARG C 115 -23.10 39.61 -27.34
CA ARG C 115 -22.58 39.24 -28.65
C ARG C 115 -21.47 40.20 -29.09
N HIS C 116 -21.72 41.50 -28.98
CA HIS C 116 -20.70 42.49 -29.35
C HIS C 116 -19.45 42.34 -28.49
N ALA C 117 -19.61 42.04 -27.20
CA ALA C 117 -18.46 41.87 -26.34
C ALA C 117 -17.63 40.67 -26.78
N ASP C 118 -18.29 39.58 -27.16
CA ASP C 118 -17.57 38.40 -27.64
C ASP C 118 -16.89 38.68 -28.97
N GLU C 119 -17.53 39.43 -29.86
CA GLU C 119 -16.93 39.78 -31.13
C GLU C 119 -15.71 40.68 -30.93
N ILE C 120 -15.83 41.68 -30.04
CA ILE C 120 -14.70 42.56 -29.74
C ILE C 120 -13.53 41.75 -29.21
N LEU C 121 -13.80 40.74 -28.38
CA LEU C 121 -12.72 39.95 -27.80
C LEU C 121 -12.04 39.09 -28.86
N LEU C 122 -12.80 38.51 -29.78
CA LEU C 122 -12.20 37.81 -30.90
C LEU C 122 -11.30 38.73 -31.71
N ASP C 123 -11.82 39.90 -32.09
CA ASP C 123 -11.02 40.85 -32.85
C ASP C 123 -9.78 41.27 -32.07
N LEU C 124 -9.95 41.58 -30.78
CA LEU C 124 -8.81 42.02 -29.97
C LEU C 124 -7.72 40.98 -29.92
N GLY C 125 -8.10 39.70 -29.85
CA GLY C 125 -7.10 38.63 -29.77
C GLY C 125 -6.18 38.60 -30.97
N HIS C 126 -6.76 38.62 -32.17
CA HIS C 126 -5.93 38.65 -33.38
C HIS C 126 -5.07 39.92 -33.42
N HIS C 127 -5.64 41.04 -33.00
CA HIS C 127 -4.89 42.30 -33.00
C HIS C 127 -3.72 42.23 -32.01
N GLU C 128 -3.98 41.77 -30.79
CA GLU C 128 -2.91 41.69 -29.80
C GLU C 128 -1.79 40.77 -30.27
N ARG C 129 -2.13 39.65 -30.91
CA ARG C 129 -1.10 38.72 -31.37
C ARG C 129 -0.27 39.31 -32.50
N SER C 130 -0.85 40.15 -33.36
CA SER C 130 -0.06 40.81 -34.38
C SER C 130 0.98 41.72 -33.74
N ILE C 131 0.62 42.38 -32.63
CA ILE C 131 1.58 43.18 -31.89
C ILE C 131 2.64 42.28 -31.24
N MET C 132 2.22 41.17 -30.63
CA MET C 132 3.18 40.26 -30.02
C MET C 132 4.11 39.65 -31.05
N THR C 133 3.57 39.35 -32.24
CA THR C 133 4.41 38.81 -33.30
C THR C 133 5.49 39.81 -33.71
N ASP C 134 5.10 41.07 -33.90
CA ASP C 134 6.09 42.09 -34.25
C ASP C 134 7.12 42.25 -33.15
N LEU C 135 6.68 42.21 -31.88
CA LEU C 135 7.64 42.26 -30.78
C LEU C 135 8.58 41.07 -30.84
N TYR C 136 8.08 39.90 -31.25
CA TYR C 136 8.97 38.76 -31.43
C TYR C 136 10.00 39.05 -32.53
N TYR C 137 9.53 39.47 -33.70
CA TYR C 137 10.44 39.79 -34.79
C TYR C 137 11.46 40.84 -34.35
N LEU C 138 11.00 41.86 -33.63
CA LEU C 138 11.93 42.89 -33.17
C LEU C 138 13.07 42.29 -32.36
N SER C 139 12.77 41.35 -31.47
CA SER C 139 13.79 40.73 -30.63
C SER C 139 14.81 39.92 -31.44
N GLN C 140 14.54 39.68 -32.73
CA GLN C 140 15.45 38.88 -33.55
C GLN C 140 16.20 39.67 -34.60
N THR C 141 15.75 40.87 -34.99
CA THR C 141 16.37 41.57 -36.10
C THR C 141 17.82 41.96 -35.79
N ASP C 142 18.54 42.29 -36.85
CA ASP C 142 19.88 42.87 -36.77
C ASP C 142 20.79 42.08 -35.83
N GLY C 143 20.71 40.75 -35.94
CA GLY C 143 21.62 39.86 -35.23
C GLY C 143 21.36 39.69 -33.76
N ALA C 144 20.27 40.26 -33.23
CA ALA C 144 20.04 40.17 -31.79
C ALA C 144 19.92 38.72 -31.32
N GLY C 145 19.36 37.84 -32.15
CA GLY C 145 19.20 36.45 -31.74
C GLY C 145 20.53 35.74 -31.61
N ASP C 146 21.41 35.90 -32.61
CA ASP C 146 22.74 35.31 -32.53
C ASP C 146 23.49 35.86 -31.33
N TRP C 147 23.48 37.17 -31.13
CA TRP C 147 24.18 37.73 -29.99
C TRP C 147 23.61 37.21 -28.69
N ARG C 148 22.29 37.24 -28.55
CA ARG C 148 21.66 36.72 -27.33
C ARG C 148 22.04 35.26 -27.12
N GLU C 149 22.04 34.47 -28.18
CA GLU C 149 22.44 33.06 -28.06
C GLU C 149 23.88 32.94 -27.57
N LYS C 150 24.80 33.66 -28.19
CA LYS C 150 26.20 33.53 -27.81
C LYS C 150 26.43 33.99 -26.37
N GLU C 151 25.72 35.03 -25.93
CA GLU C 151 25.93 35.54 -24.58
C GLU C 151 25.32 34.62 -23.54
N ALA C 152 24.17 34.01 -23.83
CA ALA C 152 23.60 33.03 -22.93
C ALA C 152 24.50 31.80 -22.79
N LYS C 153 25.18 31.43 -23.87
CA LYS C 153 26.07 30.27 -23.83
C LYS C 153 27.29 30.57 -22.97
N ASP C 154 27.90 31.74 -23.15
CA ASP C 154 29.05 32.13 -22.32
C ASP C 154 28.68 32.13 -20.85
N LEU C 155 27.50 32.66 -20.51
CA LEU C 155 27.11 32.76 -19.11
C LEU C 155 26.95 31.39 -18.47
N THR C 156 26.28 30.47 -19.16
CA THR C 156 26.11 29.14 -18.58
C THR C 156 27.43 28.36 -18.56
N GLU C 157 28.22 28.43 -19.63
CA GLU C 157 29.53 27.81 -19.61
C GLU C 157 30.37 28.37 -18.46
N LEU C 158 30.26 29.66 -18.19
CA LEU C 158 30.99 30.25 -17.07
C LEU C 158 30.52 29.69 -15.74
N VAL C 159 29.20 29.67 -15.52
CA VAL C 159 28.66 29.21 -14.23
C VAL C 159 28.95 27.73 -14.03
N GLN C 160 28.62 26.90 -15.03
CA GLN C 160 28.88 25.46 -14.90
C GLN C 160 30.35 25.19 -14.64
N ARG C 161 31.24 25.93 -15.32
CA ARG C 161 32.66 25.77 -15.06
C ARG C 161 32.99 26.10 -13.61
N ARG C 162 32.37 27.14 -13.06
CA ARG C 162 32.58 27.47 -11.66
C ARG C 162 32.08 26.36 -10.75
N ILE C 163 30.85 25.90 -10.97
CA ILE C 163 30.28 24.84 -10.14
C ILE C 163 31.15 23.59 -10.20
N THR C 164 31.63 23.24 -11.38
CA THR C 164 32.46 22.05 -11.51
C THR C 164 33.79 22.22 -10.78
N TYR C 165 34.33 23.43 -10.77
CA TYR C 165 35.56 23.68 -10.02
C TYR C 165 35.33 23.55 -8.52
N LEU C 166 34.23 24.12 -8.03
CA LEU C 166 33.91 24.02 -6.61
C LEU C 166 33.74 22.57 -6.17
N GLN C 167 33.10 21.75 -7.02
CA GLN C 167 32.71 20.41 -6.63
C GLN C 167 33.84 19.39 -6.68
N ASN C 168 35.00 19.73 -7.25
CA ASN C 168 36.05 18.75 -7.52
C ASN C 168 37.40 19.26 -7.03
N PRO C 169 37.57 19.42 -5.72
CA PRO C 169 38.89 19.78 -5.20
C PRO C 169 39.89 18.65 -5.34
N LYS C 170 41.17 19.01 -5.41
CA LYS C 170 42.22 18.01 -5.52
C LYS C 170 42.28 17.13 -4.27
N ASP C 171 42.19 17.74 -3.09
CA ASP C 171 42.36 17.07 -1.80
C ASP C 171 41.02 17.11 -1.07
N CYS C 172 40.28 16.00 -1.12
CA CYS C 172 38.96 15.96 -0.52
C CYS C 172 39.03 15.96 1.01
N SER C 173 40.08 15.38 1.58
CA SER C 173 40.19 15.30 3.03
C SER C 173 40.40 16.67 3.68
N LYS C 174 40.89 17.66 2.93
CA LYS C 174 41.10 19.00 3.45
C LYS C 174 40.03 19.99 3.01
N ALA C 175 39.12 19.58 2.13
CA ALA C 175 38.19 20.52 1.52
C ALA C 175 37.06 20.90 2.46
N ARG C 176 36.68 22.17 2.44
CA ARG C 176 35.49 22.61 3.14
C ARG C 176 34.26 22.01 2.47
N LYS C 177 33.33 21.51 3.29
CA LYS C 177 32.19 20.79 2.78
C LYS C 177 30.90 21.32 3.40
N LEU C 178 29.81 21.17 2.65
CA LEU C 178 28.46 21.39 3.15
C LEU C 178 27.67 20.12 2.89
N VAL C 179 27.08 19.56 3.95
CA VAL C 179 26.42 18.27 3.91
C VAL C 179 24.91 18.49 3.81
N CYS C 180 24.30 17.91 2.77
CA CYS C 180 22.88 18.04 2.49
C CYS C 180 22.24 16.67 2.46
N ASN C 181 21.11 16.52 3.15
CA ASN C 181 20.39 15.26 3.17
C ASN C 181 19.13 15.38 2.32
N ILE C 182 18.93 14.41 1.42
CA ILE C 182 17.87 14.52 0.44
C ILE C 182 16.50 14.20 1.03
N ASN C 183 16.45 13.58 2.21
CA ASN C 183 15.20 13.00 2.73
C ASN C 183 14.24 14.04 3.32
N LYS C 184 14.14 15.21 2.72
CA LYS C 184 13.05 16.11 3.02
C LYS C 184 11.73 15.41 2.71
N GLY C 185 10.75 15.54 3.60
CA GLY C 185 9.53 14.77 3.48
C GLY C 185 8.52 15.32 2.50
N CYS C 186 8.81 15.22 1.20
CA CYS C 186 7.93 15.76 0.17
C CYS C 186 8.22 15.05 -1.15
N GLY C 187 7.75 15.62 -2.25
CA GLY C 187 7.88 15.01 -3.56
C GLY C 187 9.19 15.35 -4.26
N TYR C 188 9.33 14.80 -5.46
CA TYR C 188 10.60 14.90 -6.18
C TYR C 188 10.97 16.36 -6.47
N GLY C 189 10.02 17.14 -6.99
CA GLY C 189 10.31 18.53 -7.27
C GLY C 189 10.73 19.29 -6.03
N CYS C 190 9.99 19.08 -4.93
CA CYS C 190 10.36 19.68 -3.66
C CYS C 190 11.73 19.21 -3.19
N GLN C 191 12.04 17.92 -3.39
CA GLN C 191 13.33 17.40 -2.95
C GLN C 191 14.48 17.88 -3.83
N LEU C 192 14.26 17.94 -5.14
CA LEU C 192 15.28 18.51 -6.02
C LEU C 192 15.56 19.96 -5.65
N HIS C 193 14.51 20.74 -5.38
CA HIS C 193 14.72 22.13 -5.02
C HIS C 193 15.39 22.27 -3.66
N HIS C 194 15.16 21.32 -2.74
CA HIS C 194 15.92 21.30 -1.51
C HIS C 194 17.41 21.14 -1.80
N VAL C 195 17.77 20.24 -2.71
CA VAL C 195 19.17 20.06 -3.07
C VAL C 195 19.72 21.31 -3.74
N VAL C 196 18.92 21.96 -4.59
CA VAL C 196 19.34 23.23 -5.17
C VAL C 196 19.63 24.25 -4.09
N TYR C 197 18.77 24.31 -3.07
CA TYR C 197 18.96 25.27 -1.98
C TYR C 197 20.24 24.97 -1.20
N CYS C 198 20.51 23.70 -0.90
CA CYS C 198 21.79 23.33 -0.32
C CYS C 198 22.94 23.75 -1.23
N PHE C 199 22.84 23.43 -2.52
CA PHE C 199 23.90 23.72 -3.47
C PHE C 199 24.20 25.21 -3.49
N MET C 200 23.16 26.04 -3.59
CA MET C 200 23.34 27.47 -3.69
C MET C 200 24.08 28.02 -2.47
N ILE C 201 23.69 27.57 -1.27
CA ILE C 201 24.37 28.03 -0.06
C ILE C 201 25.79 27.49 0.00
N ALA C 202 26.05 26.33 -0.60
CA ALA C 202 27.41 25.82 -0.64
C ALA C 202 28.28 26.62 -1.59
N TYR C 203 27.71 27.04 -2.72
CA TYR C 203 28.42 27.87 -3.69
C TYR C 203 28.75 29.23 -3.10
N GLY C 204 27.84 29.80 -2.31
CA GLY C 204 28.09 31.09 -1.70
C GLY C 204 29.10 31.06 -0.58
N THR C 205 29.25 29.91 0.09
CA THR C 205 30.18 29.77 1.20
C THR C 205 31.47 29.05 0.80
N GLN C 206 31.63 28.76 -0.49
CA GLN C 206 32.84 28.08 -0.99
C GLN C 206 33.05 26.74 -0.29
N ARG C 207 31.97 25.99 -0.12
CA ARG C 207 32.01 24.63 0.39
C ARG C 207 31.60 23.67 -0.71
N THR C 208 32.29 22.53 -0.79
CA THR C 208 31.88 21.48 -1.71
C THR C 208 30.59 20.85 -1.22
N LEU C 209 29.63 20.67 -2.13
CA LEU C 209 28.37 20.04 -1.77
C LEU C 209 28.57 18.54 -1.60
N ILE C 210 28.15 18.02 -0.45
CA ILE C 210 28.14 16.60 -0.16
C ILE C 210 26.68 16.17 -0.06
N LEU C 211 26.21 15.36 -1.00
CA LEU C 211 24.83 14.91 -1.03
C LEU C 211 24.73 13.52 -0.40
N GLU C 212 23.91 13.40 0.63
CA GLU C 212 23.66 12.13 1.29
C GLU C 212 22.22 11.72 0.99
N SER C 213 22.06 10.61 0.27
CA SER C 213 20.80 10.24 -0.34
C SER C 213 20.40 8.79 -0.06
N GLN C 214 21.03 8.12 0.89
CA GLN C 214 20.63 6.77 1.23
C GLN C 214 19.20 6.77 1.77
N ASN C 215 18.41 5.79 1.36
CA ASN C 215 17.03 5.62 1.77
C ASN C 215 16.10 6.67 1.18
N TRP C 216 16.56 7.38 0.16
CA TRP C 216 15.70 8.24 -0.64
C TRP C 216 14.40 7.52 -0.96
N ARG C 217 13.26 8.15 -0.61
CA ARG C 217 11.96 7.52 -0.77
C ARG C 217 11.69 7.08 -2.21
N TYR C 218 12.36 7.70 -3.18
CA TYR C 218 12.21 7.34 -4.59
C TYR C 218 13.19 6.27 -5.05
N ALA C 219 14.34 6.14 -4.39
CA ALA C 219 15.37 5.21 -4.85
C ALA C 219 16.22 4.88 -3.62
N THR C 220 16.03 3.67 -3.09
CA THR C 220 16.73 3.30 -1.86
C THR C 220 18.24 3.33 -2.03
N GLY C 221 18.72 3.14 -3.27
CA GLY C 221 20.15 3.18 -3.55
C GLY C 221 20.73 4.57 -3.72
N GLY C 222 19.90 5.60 -3.75
CA GLY C 222 20.37 6.97 -3.62
C GLY C 222 20.38 7.75 -4.93
N TRP C 223 21.01 8.92 -4.86
CA TRP C 223 21.06 9.86 -5.98
C TRP C 223 21.54 9.19 -7.26
N GLU C 224 22.60 8.39 -7.18
CA GLU C 224 23.22 7.85 -8.38
C GLU C 224 22.39 6.75 -9.04
N THR C 225 21.22 6.43 -8.48
CA THR C 225 20.27 5.59 -9.20
C THR C 225 19.94 6.17 -10.57
N VAL C 226 19.86 7.51 -10.66
CA VAL C 226 19.44 8.20 -11.87
C VAL C 226 20.48 9.20 -12.34
N PHE C 227 21.08 9.94 -11.43
CA PHE C 227 21.93 11.07 -11.80
C PHE C 227 23.38 10.80 -11.43
N ARG C 228 24.28 11.50 -12.12
CA ARG C 228 25.70 11.35 -11.85
C ARG C 228 26.02 11.93 -10.48
N PRO C 229 27.10 11.47 -9.85
CA PRO C 229 27.48 12.03 -8.55
C PRO C 229 27.77 13.51 -8.68
N VAL C 230 27.44 14.26 -7.63
CA VAL C 230 27.65 15.71 -7.69
C VAL C 230 29.12 16.09 -7.61
N SER C 231 30.02 15.12 -7.46
CA SER C 231 31.45 15.38 -7.48
C SER C 231 32.16 14.15 -8.02
N GLU C 232 33.27 14.38 -8.73
CA GLU C 232 34.11 13.28 -9.20
C GLU C 232 35.28 13.01 -8.27
N THR C 233 35.64 13.95 -7.40
CA THR C 233 36.78 13.80 -6.52
C THR C 233 36.43 13.84 -5.03
N CYS C 234 35.29 14.38 -4.64
CA CYS C 234 35.00 14.60 -3.23
C CYS C 234 33.53 14.29 -2.97
N THR C 235 33.25 13.07 -2.50
CA THR C 235 31.91 12.64 -2.10
C THR C 235 31.91 12.12 -0.68
N ASP C 236 32.97 12.39 0.08
CA ASP C 236 33.15 11.90 1.44
C ASP C 236 33.01 13.06 2.41
N ARG C 237 32.24 12.87 3.48
CA ARG C 237 31.91 13.94 4.41
C ARG C 237 32.92 14.08 5.54
N SER C 238 34.11 13.51 5.40
CA SER C 238 35.10 13.52 6.47
C SER C 238 35.72 14.90 6.61
N GLY C 239 36.18 15.21 7.82
CA GLY C 239 36.81 16.49 8.07
C GLY C 239 37.31 16.55 9.49
N LEU C 240 38.20 17.53 9.73
CA LEU C 240 38.78 17.72 11.05
C LEU C 240 37.78 18.27 12.07
N SER C 241 36.73 18.94 11.61
CA SER C 241 35.69 19.41 12.52
C SER C 241 34.35 19.39 11.79
N THR C 242 33.28 19.30 12.57
CA THR C 242 31.93 19.20 12.02
C THR C 242 30.96 19.90 12.96
N GLY C 243 29.96 20.57 12.38
CA GLY C 243 28.95 21.23 13.19
C GLY C 243 27.67 21.43 12.41
N HIS C 244 26.58 21.65 13.15
CA HIS C 244 25.33 22.07 12.56
C HIS C 244 25.40 23.54 12.17
N TRP C 245 24.72 23.90 11.09
CA TRP C 245 24.74 25.27 10.62
C TRP C 245 24.50 26.24 11.78
N SER C 246 25.32 27.28 11.87
CA SER C 246 25.12 28.33 12.85
C SER C 246 25.51 29.70 12.31
N GLY C 247 25.68 29.84 11.01
CA GLY C 247 26.02 31.14 10.43
C GLY C 247 27.42 31.13 9.82
N GLU C 248 27.55 31.78 8.67
CA GLU C 248 28.82 31.80 7.96
C GLU C 248 29.96 32.27 8.86
N VAL C 249 29.69 33.20 9.76
CA VAL C 249 30.74 33.73 10.62
C VAL C 249 31.10 32.72 11.70
N ASN C 250 30.11 32.14 12.37
CA ASN C 250 30.38 31.16 13.42
C ASN C 250 30.97 29.87 12.87
N ASP C 251 30.80 29.60 11.58
CA ASP C 251 31.31 28.39 10.96
C ASP C 251 32.58 28.64 10.14
N LYS C 252 33.23 29.78 10.34
CA LYS C 252 34.38 30.14 9.52
C LYS C 252 35.45 29.05 9.51
N ASN C 253 35.71 28.45 10.67
CA ASN C 253 36.79 27.47 10.81
C ASN C 253 36.26 26.06 11.05
N ILE C 254 35.01 25.79 10.73
CA ILE C 254 34.44 24.45 10.82
C ILE C 254 34.45 23.84 9.42
N GLN C 255 35.14 22.70 9.27
CA GLN C 255 35.41 22.17 7.95
C GLN C 255 34.16 21.60 7.29
N VAL C 256 33.35 20.86 8.04
CA VAL C 256 32.16 20.21 7.52
C VAL C 256 30.95 20.77 8.28
N VAL C 257 30.01 21.34 7.53
CA VAL C 257 28.81 21.96 8.10
C VAL C 257 27.59 21.23 7.56
N GLU C 258 26.66 20.90 8.46
CA GLU C 258 25.44 20.19 8.10
C GLU C 258 24.28 21.17 8.00
N LEU C 259 23.62 21.19 6.83
CA LEU C 259 22.57 22.15 6.52
C LEU C 259 21.20 21.51 6.66
N PRO C 260 20.31 22.10 7.45
CA PRO C 260 18.95 21.57 7.58
C PRO C 260 18.10 21.98 6.38
N ILE C 261 16.82 21.60 6.43
CA ILE C 261 15.89 22.13 5.43
C ILE C 261 15.62 23.61 5.73
N VAL C 262 15.22 24.34 4.68
CA VAL C 262 15.19 25.80 4.76
C VAL C 262 14.28 26.29 5.88
N ASP C 263 13.23 25.53 6.21
CA ASP C 263 12.33 25.97 7.27
C ASP C 263 13.01 25.99 8.63
N SER C 264 14.07 25.20 8.81
CA SER C 264 14.80 25.13 10.06
C SER C 264 16.15 25.84 10.00
N LEU C 265 16.38 26.66 8.99
CA LEU C 265 17.67 27.31 8.80
C LEU C 265 17.72 28.59 9.64
N HIS C 266 18.67 28.63 10.58
CA HIS C 266 18.86 29.79 11.44
C HIS C 266 20.33 29.93 11.80
N PRO C 267 20.98 31.06 11.45
CA PRO C 267 20.37 32.16 10.70
C PRO C 267 20.50 31.97 9.20
N ARG C 268 19.80 32.79 8.41
CA ARG C 268 19.75 32.65 6.97
C ARG C 268 20.91 33.39 6.32
N PRO C 269 21.61 32.78 5.38
CA PRO C 269 22.63 33.50 4.62
C PRO C 269 22.00 34.24 3.47
N PRO C 270 22.77 35.04 2.72
CA PRO C 270 22.20 35.77 1.59
C PRO C 270 21.99 34.92 0.34
N TYR C 271 22.56 33.72 0.29
CA TYR C 271 22.61 32.94 -0.95
C TYR C 271 21.35 32.11 -1.14
N LEU C 272 20.22 32.81 -1.24
CA LEU C 272 18.93 32.19 -1.51
C LEU C 272 18.23 32.96 -2.62
N PRO C 273 17.39 32.29 -3.42
CA PRO C 273 16.52 33.02 -4.33
C PRO C 273 15.64 33.99 -3.57
N LEU C 274 15.15 35.02 -4.26
CA LEU C 274 15.29 35.15 -5.72
C LEU C 274 16.48 36.01 -6.15
N ALA C 275 17.43 36.24 -5.24
CA ALA C 275 18.60 37.05 -5.56
C ALA C 275 19.50 36.34 -6.57
N VAL C 276 20.30 37.13 -7.26
CA VAL C 276 21.28 36.61 -8.22
C VAL C 276 22.64 37.18 -7.88
N PRO C 277 23.70 36.55 -8.38
CA PRO C 277 25.07 37.03 -8.05
C PRO C 277 25.35 38.38 -8.70
N GLU C 278 25.92 39.29 -7.92
CA GLU C 278 26.07 40.67 -8.38
C GLU C 278 27.03 40.78 -9.55
N ASP C 279 28.03 39.89 -9.64
CA ASP C 279 28.94 39.94 -10.78
C ASP C 279 28.30 39.46 -12.07
N LEU C 280 27.13 38.83 -12.01
CA LEU C 280 26.43 38.37 -13.21
C LEU C 280 25.19 39.21 -13.53
N ALA C 281 24.73 40.06 -12.60
CA ALA C 281 23.38 40.63 -12.72
C ALA C 281 23.23 41.47 -13.97
N ASP C 282 24.22 42.30 -14.29
CA ASP C 282 24.10 43.16 -15.48
C ASP C 282 24.05 42.34 -16.75
N ARG C 283 24.93 41.34 -16.88
CA ARG C 283 24.94 40.52 -18.09
C ARG C 283 23.65 39.74 -18.25
N LEU C 284 23.03 39.31 -17.15
CA LEU C 284 21.79 38.56 -17.24
C LEU C 284 20.62 39.45 -17.66
N LEU C 285 20.66 40.74 -17.32
CA LEU C 285 19.60 41.63 -17.75
C LEU C 285 19.66 41.87 -19.26
N ARG C 286 20.85 41.85 -19.84
CA ARG C 286 20.97 41.95 -21.29
C ARG C 286 20.38 40.74 -22.00
N VAL C 287 20.29 39.60 -21.33
CA VAL C 287 20.00 38.32 -21.97
C VAL C 287 18.64 37.76 -21.56
N HIS C 288 18.27 37.88 -20.28
CA HIS C 288 17.22 37.05 -19.73
C HIS C 288 16.18 37.89 -19.01
N GLY C 289 14.91 37.49 -19.15
CA GLY C 289 13.79 38.21 -18.57
C GLY C 289 13.50 37.92 -17.10
N ASP C 290 14.11 36.88 -16.52
CA ASP C 290 13.93 36.58 -15.10
C ASP C 290 15.22 35.98 -14.57
N PRO C 291 16.19 36.83 -14.24
CA PRO C 291 17.50 36.32 -13.78
C PRO C 291 17.42 35.38 -12.59
N ALA C 292 16.44 35.56 -11.70
CA ALA C 292 16.34 34.68 -10.54
C ALA C 292 16.15 33.24 -10.95
N VAL C 293 15.25 32.99 -11.91
CA VAL C 293 15.03 31.62 -12.38
C VAL C 293 16.26 31.12 -13.12
N TRP C 294 16.88 31.97 -13.93
CA TRP C 294 18.09 31.56 -14.63
C TRP C 294 19.14 31.06 -13.65
N TRP C 295 19.32 31.78 -12.54
CA TRP C 295 20.31 31.39 -11.54
C TRP C 295 19.95 30.04 -10.92
N VAL C 296 18.70 29.87 -10.53
CA VAL C 296 18.24 28.57 -10.03
C VAL C 296 18.51 27.48 -11.07
N SER C 297 18.16 27.75 -12.33
CA SER C 297 18.26 26.73 -13.36
C SER C 297 19.69 26.23 -13.52
N GLN C 298 20.68 27.06 -13.20
CA GLN C 298 22.07 26.63 -13.38
C GLN C 298 22.42 25.48 -12.45
N PHE C 299 21.87 25.48 -11.23
CA PHE C 299 22.11 24.37 -10.32
C PHE C 299 21.28 23.16 -10.67
N VAL C 300 20.05 23.35 -11.19
CA VAL C 300 19.26 22.23 -11.67
C VAL C 300 19.97 21.55 -12.83
N LYS C 301 20.43 22.33 -13.80
CA LYS C 301 21.17 21.77 -14.93
C LYS C 301 22.29 20.86 -14.45
N TYR C 302 23.07 21.31 -13.47
CA TYR C 302 24.19 20.52 -12.99
C TYR C 302 23.72 19.24 -12.32
N LEU C 303 22.63 19.31 -11.54
CA LEU C 303 22.23 18.17 -10.74
C LEU C 303 21.69 17.04 -11.60
N ILE C 304 20.97 17.36 -12.68
CA ILE C 304 20.24 16.33 -13.43
C ILE C 304 21.07 15.75 -14.57
N ARG C 305 22.38 15.92 -14.54
CA ARG C 305 23.22 15.21 -15.49
C ARG C 305 22.96 13.71 -15.33
N PRO C 306 22.51 13.02 -16.38
CA PRO C 306 21.97 11.66 -16.19
C PRO C 306 23.01 10.55 -16.29
N GLN C 307 22.71 9.47 -15.57
CA GLN C 307 23.46 8.22 -15.73
C GLN C 307 23.26 7.67 -17.14
N PRO C 308 24.17 6.79 -17.59
CA PRO C 308 24.04 6.28 -18.96
C PRO C 308 22.69 5.63 -19.26
N TRP C 309 22.20 4.77 -18.37
CA TRP C 309 20.93 4.08 -18.65
C TRP C 309 19.79 5.07 -18.82
N LEU C 310 19.75 6.11 -17.98
CA LEU C 310 18.68 7.09 -18.09
C LEU C 310 18.85 7.99 -19.31
N GLU C 311 20.09 8.30 -19.68
CA GLU C 311 20.33 9.08 -20.88
C GLU C 311 19.83 8.34 -22.13
N LYS C 312 20.09 7.04 -22.20
CA LYS C 312 19.57 6.24 -23.30
C LYS C 312 18.05 6.11 -23.22
N GLU C 313 17.52 6.01 -22.00
CA GLU C 313 16.07 5.97 -21.81
C GLU C 313 15.41 7.21 -22.38
N ILE C 314 16.04 8.37 -22.21
CA ILE C 314 15.47 9.61 -22.71
C ILE C 314 15.49 9.63 -24.24
N GLU C 315 16.60 9.19 -24.83
CA GLU C 315 16.69 9.17 -26.29
C GLU C 315 15.66 8.22 -26.90
N GLU C 316 15.41 7.08 -26.24
CA GLU C 316 14.46 6.13 -26.79
C GLU C 316 13.02 6.59 -26.62
N ALA C 317 12.72 7.28 -25.52
CA ALA C 317 11.37 7.83 -25.35
C ALA C 317 11.09 8.90 -26.40
N THR C 318 12.08 9.73 -26.71
CA THR C 318 11.91 10.73 -27.76
C THR C 318 11.49 10.08 -29.08
N LYS C 319 12.25 9.07 -29.52
CA LYS C 319 11.93 8.38 -30.76
C LYS C 319 10.58 7.68 -30.66
N LYS C 320 10.33 6.98 -29.56
CA LYS C 320 9.13 6.15 -29.45
C LYS C 320 7.87 6.98 -29.35
N LEU C 321 7.94 8.16 -28.73
CA LEU C 321 6.77 9.01 -28.57
C LEU C 321 6.54 9.96 -29.74
N GLY C 322 7.49 10.04 -30.67
CA GLY C 322 7.36 10.99 -31.76
C GLY C 322 7.43 12.43 -31.32
N PHE C 323 8.14 12.71 -30.24
CA PHE C 323 8.30 14.08 -29.77
C PHE C 323 9.03 14.91 -30.83
N LYS C 324 8.33 15.90 -31.39
CA LYS C 324 8.90 16.81 -32.37
C LYS C 324 8.20 18.15 -32.28
N HIS C 325 8.75 19.15 -32.97
CA HIS C 325 8.28 20.50 -32.77
C HIS C 325 7.48 20.99 -33.99
N PRO C 326 6.56 21.95 -33.80
CA PRO C 326 6.24 22.58 -32.51
C PRO C 326 5.38 21.70 -31.61
N VAL C 327 5.55 21.85 -30.30
CA VAL C 327 4.81 21.08 -29.30
C VAL C 327 4.67 21.93 -28.06
N ILE C 328 3.52 21.84 -27.40
CA ILE C 328 3.25 22.58 -26.18
C ILE C 328 3.11 21.60 -25.03
N GLY C 329 3.80 21.88 -23.93
CA GLY C 329 3.75 21.03 -22.75
C GLY C 329 2.64 21.45 -21.80
N VAL C 330 1.87 20.47 -21.34
CA VAL C 330 0.76 20.70 -20.43
C VAL C 330 0.92 19.74 -19.26
N HIS C 331 1.06 20.30 -18.05
CA HIS C 331 1.11 19.50 -16.83
C HIS C 331 -0.18 19.70 -16.06
N VAL C 332 -0.90 18.61 -15.81
CA VAL C 332 -2.18 18.64 -15.13
C VAL C 332 -2.00 17.87 -13.82
N ARG C 333 -1.87 18.60 -12.71
CA ARG C 333 -1.63 18.02 -11.41
C ARG C 333 -2.96 17.83 -10.69
N ARG C 334 -3.26 16.60 -10.30
CA ARG C 334 -4.48 16.33 -9.54
C ARG C 334 -4.18 15.49 -8.31
N THR C 335 -4.73 14.27 -8.25
CA THR C 335 -4.66 13.42 -7.06
C THR C 335 -4.55 14.21 -5.76
N ASP C 336 -3.44 14.06 -5.04
CA ASP C 336 -3.35 14.55 -3.67
C ASP C 336 -3.12 16.06 -3.58
N LYS C 337 -2.81 16.73 -4.70
CA LYS C 337 -2.63 18.17 -4.66
C LYS C 337 -3.96 18.91 -4.55
N VAL C 338 -5.06 18.28 -4.97
CA VAL C 338 -6.36 18.92 -4.99
C VAL C 338 -6.96 18.87 -3.60
N GLY C 339 -7.45 20.02 -3.12
CA GLY C 339 -7.99 20.11 -1.79
C GLY C 339 -6.97 20.35 -0.70
N THR C 340 -5.68 20.36 -1.03
CA THR C 340 -4.62 20.60 -0.06
C THR C 340 -3.82 21.85 -0.39
N GLU C 341 -3.11 21.87 -1.52
CA GLU C 341 -2.30 23.00 -1.93
C GLU C 341 -2.78 23.68 -3.21
N ALA C 342 -3.73 23.09 -3.93
CA ALA C 342 -4.19 23.65 -5.20
C ALA C 342 -5.63 23.21 -5.43
N ALA C 343 -6.16 23.61 -6.58
CA ALA C 343 -7.51 23.24 -6.97
C ALA C 343 -7.47 22.30 -8.16
N PHE C 344 -8.58 21.58 -8.34
CA PHE C 344 -8.80 20.84 -9.58
C PHE C 344 -9.07 21.83 -10.70
N HIS C 345 -8.43 21.60 -11.85
CA HIS C 345 -8.68 22.39 -13.04
C HIS C 345 -9.05 21.47 -14.20
N PRO C 346 -10.16 21.72 -14.90
CA PRO C 346 -10.56 20.84 -15.99
C PRO C 346 -9.67 21.04 -17.21
N ILE C 347 -9.62 19.99 -18.04
CA ILE C 347 -8.77 20.03 -19.22
C ILE C 347 -9.07 21.26 -20.08
N GLU C 348 -10.33 21.71 -20.11
CA GLU C 348 -10.68 22.88 -20.91
C GLU C 348 -9.87 24.10 -20.49
N GLU C 349 -9.61 24.24 -19.18
CA GLU C 349 -8.94 25.46 -18.72
C GLU C 349 -7.50 25.52 -19.23
N TYR C 350 -6.79 24.40 -19.22
CA TYR C 350 -5.45 24.39 -19.80
C TYR C 350 -5.50 24.65 -21.30
N MET C 351 -6.49 24.06 -22.00
CA MET C 351 -6.45 24.07 -23.46
C MET C 351 -6.74 25.44 -24.06
N VAL C 352 -7.54 26.28 -23.40
CA VAL C 352 -7.77 27.61 -23.96
C VAL C 352 -6.44 28.32 -24.18
N HIS C 353 -5.48 28.13 -23.26
CA HIS C 353 -4.17 28.76 -23.40
C HIS C 353 -3.28 28.02 -24.39
N VAL C 354 -3.45 26.70 -24.50
CA VAL C 354 -2.76 25.96 -25.55
C VAL C 354 -3.19 26.48 -26.92
N GLU C 355 -4.51 26.52 -27.16
CA GLU C 355 -5.01 26.99 -28.44
C GLU C 355 -4.56 28.42 -28.72
N GLU C 356 -4.64 29.29 -27.70
CA GLU C 356 -4.24 30.68 -27.89
C GLU C 356 -2.79 30.78 -28.33
N HIS C 357 -1.90 29.95 -27.77
CA HIS C 357 -0.50 30.05 -28.14
C HIS C 357 -0.22 29.46 -29.51
N PHE C 358 -0.98 28.44 -29.92
CA PHE C 358 -0.83 27.94 -31.29
C PHE C 358 -1.30 28.99 -32.30
N GLN C 359 -2.36 29.73 -31.96
CA GLN C 359 -2.76 30.85 -32.80
C GLN C 359 -1.63 31.87 -32.93
N LEU C 360 -0.95 32.17 -31.83
CA LEU C 360 0.20 33.07 -31.90
C LEU C 360 1.29 32.49 -32.78
N LEU C 361 1.63 31.22 -32.57
CA LEU C 361 2.71 30.62 -33.36
C LEU C 361 2.38 30.57 -34.85
N ALA C 362 1.10 30.38 -35.19
CA ALA C 362 0.74 30.28 -36.61
C ALA C 362 0.98 31.59 -37.37
N ARG C 363 1.04 32.72 -36.67
CA ARG C 363 1.30 33.98 -37.35
C ARG C 363 2.74 34.08 -37.85
N ARG C 364 3.65 33.25 -37.36
CA ARG C 364 5.05 33.31 -37.74
C ARG C 364 5.60 32.00 -38.28
N MET C 365 4.77 30.97 -38.43
CA MET C 365 5.27 29.68 -38.92
C MET C 365 4.09 28.82 -39.32
N GLN C 366 4.37 27.82 -40.15
CA GLN C 366 3.38 26.83 -40.54
C GLN C 366 3.29 25.75 -39.46
N VAL C 367 2.11 25.59 -38.87
CA VAL C 367 1.89 24.57 -37.85
C VAL C 367 1.27 23.37 -38.53
N ASP C 368 2.09 22.38 -38.87
CA ASP C 368 1.59 21.18 -39.53
C ASP C 368 0.53 20.49 -38.67
N LYS C 369 0.86 20.20 -37.42
CA LYS C 369 -0.07 19.60 -36.48
C LYS C 369 0.08 20.27 -35.13
N LYS C 370 -1.01 20.35 -34.38
CA LYS C 370 -1.00 20.95 -33.05
C LYS C 370 -0.75 19.83 -32.03
N ARG C 371 0.48 19.76 -31.52
CA ARG C 371 0.90 18.70 -30.61
C ARG C 371 0.94 19.20 -29.18
N VAL C 372 0.55 18.34 -28.25
CA VAL C 372 0.67 18.60 -26.83
C VAL C 372 1.36 17.41 -26.18
N TYR C 373 2.38 17.68 -25.38
CA TYR C 373 2.92 16.68 -24.48
C TYR C 373 2.18 16.79 -23.15
N LEU C 374 1.35 15.79 -22.86
CA LEU C 374 0.51 15.79 -21.66
C LEU C 374 1.21 15.00 -20.57
N ALA C 375 1.61 15.70 -19.51
CA ALA C 375 2.16 15.09 -18.31
C ALA C 375 1.11 15.22 -17.21
N THR C 376 0.73 14.09 -16.62
CA THR C 376 -0.34 14.12 -15.64
C THR C 376 -0.21 12.93 -14.72
N ASP C 377 -0.65 13.10 -13.47
CA ASP C 377 -0.79 12.00 -12.53
C ASP C 377 -2.22 11.49 -12.45
N ASP C 378 -3.04 11.80 -13.45
CA ASP C 378 -4.40 11.28 -13.56
C ASP C 378 -4.48 10.37 -14.78
N PRO C 379 -4.43 9.05 -14.60
CA PRO C 379 -4.37 8.14 -15.76
C PRO C 379 -5.62 8.17 -16.64
N THR C 380 -6.71 8.78 -16.19
CA THR C 380 -7.95 8.82 -16.95
C THR C 380 -8.03 10.02 -17.90
N LEU C 381 -7.04 10.90 -17.87
CA LEU C 381 -7.17 12.17 -18.59
C LEU C 381 -6.84 12.04 -20.07
N LEU C 382 -5.84 11.23 -20.43
CA LEU C 382 -5.41 11.15 -21.82
C LEU C 382 -6.59 10.84 -22.75
N LYS C 383 -7.49 9.94 -22.32
CA LYS C 383 -8.61 9.57 -23.16
C LYS C 383 -9.62 10.71 -23.28
N GLU C 384 -9.97 11.32 -22.14
CA GLU C 384 -10.87 12.48 -22.18
C GLU C 384 -10.32 13.57 -23.08
N ALA C 385 -9.04 13.94 -22.87
CA ALA C 385 -8.43 14.96 -23.71
C ALA C 385 -8.50 14.59 -25.18
N LYS C 386 -8.21 13.33 -25.50
CA LYS C 386 -8.18 12.93 -26.91
C LYS C 386 -9.55 13.08 -27.56
N THR C 387 -10.62 12.66 -26.88
CA THR C 387 -11.95 12.79 -27.48
C THR C 387 -12.45 14.23 -27.48
N LYS C 388 -12.03 15.03 -26.51
CA LYS C 388 -12.49 16.42 -26.45
C LYS C 388 -11.78 17.32 -27.45
N TYR C 389 -10.60 16.92 -27.93
CA TYR C 389 -9.79 17.74 -28.82
C TYR C 389 -9.27 16.88 -29.97
N SER C 390 -10.20 16.38 -30.78
CA SER C 390 -9.83 15.46 -31.85
C SER C 390 -8.92 16.10 -32.89
N ASN C 391 -8.80 17.42 -32.92
CA ASN C 391 -7.90 18.06 -33.87
C ASN C 391 -6.46 18.14 -33.36
N TYR C 392 -6.20 17.72 -32.12
CA TYR C 392 -4.87 17.76 -31.53
C TYR C 392 -4.24 16.38 -31.53
N GLU C 393 -2.91 16.35 -31.60
CA GLU C 393 -2.12 15.14 -31.37
C GLU C 393 -1.55 15.21 -29.96
N PHE C 394 -1.96 14.28 -29.11
CA PHE C 394 -1.52 14.25 -27.72
C PHE C 394 -0.41 13.22 -27.56
N ILE C 395 0.77 13.68 -27.18
CA ILE C 395 1.92 12.82 -26.90
C ILE C 395 1.99 12.61 -25.39
N SER C 396 1.87 11.36 -24.97
CA SER C 396 1.77 11.07 -23.53
C SER C 396 2.12 9.61 -23.30
N ASP C 397 2.58 9.31 -22.09
CA ASP C 397 2.91 7.96 -21.66
C ASP C 397 1.96 7.61 -20.52
N ASN C 398 0.84 6.98 -20.87
CA ASN C 398 -0.20 6.74 -19.88
C ASN C 398 0.29 5.83 -18.76
N SER C 399 1.27 4.97 -19.03
CA SER C 399 1.79 4.11 -17.96
C SER C 399 2.69 4.89 -17.01
N ILE C 400 3.35 5.94 -17.49
CA ILE C 400 4.00 6.85 -16.56
C ILE C 400 2.96 7.52 -15.66
N SER C 401 1.85 7.95 -16.26
CA SER C 401 0.76 8.52 -15.47
C SER C 401 0.29 7.55 -14.40
N TRP C 402 0.20 6.27 -14.73
CA TRP C 402 -0.23 5.27 -13.75
C TRP C 402 0.82 5.09 -12.65
N SER C 403 2.09 5.02 -13.02
CA SER C 403 3.14 4.85 -12.02
C SER C 403 3.15 5.98 -10.99
N ALA C 404 2.53 7.11 -11.31
CA ALA C 404 2.48 8.25 -10.41
C ALA C 404 1.35 8.16 -9.39
N GLY C 405 0.52 7.13 -9.46
CA GLY C 405 -0.55 6.93 -8.50
C GLY C 405 -0.10 6.98 -7.06
N LEU C 406 -0.99 7.40 -6.17
CA LEU C 406 -0.63 7.64 -4.78
C LEU C 406 -0.06 6.39 -4.12
N HIS C 407 -0.67 5.23 -4.37
CA HIS C 407 -0.29 4.01 -3.67
C HIS C 407 1.06 3.45 -4.11
N ASN C 408 1.65 3.97 -5.20
CA ASN C 408 2.88 3.41 -5.73
C ASN C 408 3.86 4.49 -6.22
N ARG C 409 3.75 5.72 -5.69
CA ARG C 409 4.48 6.84 -6.27
C ARG C 409 5.96 6.87 -5.91
N TYR C 410 6.34 6.35 -4.74
CA TYR C 410 7.71 6.53 -4.23
C TYR C 410 8.53 5.28 -4.51
N THR C 411 9.01 5.21 -5.75
CA THR C 411 9.83 4.09 -6.20
C THR C 411 10.51 4.47 -7.51
N GLU C 412 11.52 3.70 -7.89
CA GLU C 412 12.40 4.09 -9.00
C GLU C 412 11.63 4.24 -10.30
N ASN C 413 10.82 3.24 -10.65
CA ASN C 413 10.11 3.32 -11.93
C ASN C 413 9.27 4.59 -12.02
N SER C 414 8.64 4.99 -10.90
CA SER C 414 7.90 6.25 -10.88
C SER C 414 8.84 7.46 -10.93
N LEU C 415 9.94 7.40 -10.19
CA LEU C 415 10.96 8.45 -10.31
C LEU C 415 11.37 8.63 -11.76
N ARG C 416 11.75 7.54 -12.41
CA ARG C 416 12.06 7.57 -13.84
C ARG C 416 10.93 8.25 -14.62
N GLY C 417 9.68 7.97 -14.24
CA GLY C 417 8.55 8.53 -14.96
C GLY C 417 8.49 10.05 -14.88
N VAL C 418 8.61 10.58 -13.66
CA VAL C 418 8.51 12.02 -13.49
C VAL C 418 9.71 12.73 -14.10
N ILE C 419 10.87 12.07 -14.13
CA ILE C 419 12.04 12.67 -14.77
C ILE C 419 11.83 12.79 -16.27
N LEU C 420 11.30 11.74 -16.90
CA LEU C 420 11.00 11.82 -18.32
C LEU C 420 9.90 12.85 -18.59
N ASP C 421 8.85 12.86 -17.76
CA ASP C 421 7.78 13.83 -17.96
C ASP C 421 8.29 15.25 -17.84
N ILE C 422 9.09 15.53 -16.81
CA ILE C 422 9.68 16.85 -16.65
C ILE C 422 10.58 17.18 -17.83
N HIS C 423 11.38 16.20 -18.28
CA HIS C 423 12.27 16.45 -19.41
C HIS C 423 11.49 16.93 -20.63
N PHE C 424 10.42 16.21 -20.99
CA PHE C 424 9.70 16.57 -22.20
C PHE C 424 8.93 17.87 -22.02
N LEU C 425 8.36 18.09 -20.83
CA LEU C 425 7.77 19.40 -20.54
C LEU C 425 8.78 20.51 -20.80
N SER C 426 10.02 20.32 -20.33
CA SER C 426 11.02 21.38 -20.43
C SER C 426 11.47 21.64 -21.86
N GLN C 427 11.35 20.64 -22.75
CA GLN C 427 11.71 20.80 -24.15
C GLN C 427 10.61 21.40 -24.99
N ALA C 428 9.42 21.61 -24.43
CA ALA C 428 8.31 22.13 -25.21
C ALA C 428 8.57 23.59 -25.58
N ASP C 429 7.88 24.05 -26.61
CA ASP C 429 7.97 25.44 -27.05
C ASP C 429 7.20 26.38 -26.14
N PHE C 430 6.34 25.85 -25.28
CA PHE C 430 5.50 26.64 -24.39
C PHE C 430 4.98 25.70 -23.31
N LEU C 431 4.79 26.25 -22.11
CA LEU C 431 4.42 25.45 -20.95
C LEU C 431 3.14 26.01 -20.34
N VAL C 432 2.13 25.16 -20.23
CA VAL C 432 0.85 25.52 -19.60
C VAL C 432 0.63 24.58 -18.43
N CYS C 433 0.39 25.14 -17.25
CA CYS C 433 0.36 24.32 -16.04
C CYS C 433 -0.07 25.17 -14.86
N THR C 434 0.08 24.60 -13.67
CA THR C 434 -0.06 25.31 -12.41
C THR C 434 1.31 25.44 -11.78
N PHE C 435 1.79 26.67 -11.62
CA PHE C 435 3.10 26.85 -11.00
C PHE C 435 3.11 26.49 -9.53
N SER C 436 1.94 26.22 -8.92
CA SER C 436 1.93 25.73 -7.56
C SER C 436 2.48 24.31 -7.45
N SER C 437 2.59 23.60 -8.56
CA SER C 437 3.20 22.27 -8.57
C SER C 437 4.69 22.38 -8.82
N GLN C 438 5.49 21.78 -7.94
CA GLN C 438 6.94 21.78 -8.15
C GLN C 438 7.30 21.11 -9.46
N VAL C 439 6.48 20.14 -9.91
CA VAL C 439 6.78 19.45 -11.16
C VAL C 439 6.89 20.44 -12.31
N CYS C 440 5.97 21.41 -12.38
CA CYS C 440 6.02 22.36 -13.49
C CYS C 440 7.14 23.37 -13.32
N ARG C 441 7.44 23.77 -12.07
CA ARG C 441 8.52 24.71 -11.85
C ARG C 441 9.87 24.12 -12.28
N VAL C 442 10.10 22.85 -12.00
CA VAL C 442 11.35 22.21 -12.44
C VAL C 442 11.45 22.25 -13.96
N ALA C 443 10.38 21.85 -14.65
CA ALA C 443 10.39 21.89 -16.11
C ALA C 443 10.64 23.30 -16.63
N TYR C 444 10.03 24.30 -15.99
CA TYR C 444 10.23 25.69 -16.37
C TYR C 444 11.67 26.12 -16.14
N GLU C 445 12.28 25.66 -15.05
CA GLU C 445 13.67 26.00 -14.77
C GLU C 445 14.62 25.38 -15.78
N ILE C 446 14.47 24.08 -16.05
CA ILE C 446 15.31 23.44 -17.06
C ILE C 446 15.15 24.13 -18.39
N MET C 447 13.91 24.53 -18.74
CA MET C 447 13.66 25.20 -20.01
C MET C 447 14.54 26.44 -20.18
N GLN C 448 14.85 27.14 -19.09
CA GLN C 448 15.69 28.33 -19.20
C GLN C 448 17.10 27.99 -19.68
N THR C 449 17.53 26.74 -19.55
CA THR C 449 18.83 26.31 -20.01
C THR C 449 18.81 25.79 -21.44
N LEU C 450 17.65 25.87 -22.11
CA LEU C 450 17.51 25.35 -23.47
C LEU C 450 17.41 26.43 -24.53
N HIS C 451 17.26 27.69 -24.13
CA HIS C 451 17.08 28.79 -25.06
C HIS C 451 17.71 30.04 -24.46
N PRO C 452 18.02 31.05 -25.27
CA PRO C 452 18.55 32.30 -24.70
C PRO C 452 17.66 32.89 -23.62
N ASP C 453 16.36 33.01 -23.87
CA ASP C 453 15.47 33.66 -22.90
C ASP C 453 14.06 33.07 -23.07
N ALA C 454 13.78 32.00 -22.32
CA ALA C 454 12.47 31.38 -22.28
C ALA C 454 11.67 31.78 -21.05
N SER C 455 12.05 32.87 -20.40
CA SER C 455 11.43 33.27 -19.14
C SER C 455 9.93 33.49 -19.28
N ALA C 456 9.45 33.82 -20.48
CA ALA C 456 8.06 34.17 -20.70
C ALA C 456 7.25 33.06 -21.38
N ASN C 457 7.85 31.89 -21.58
CA ASN C 457 7.22 30.83 -22.37
C ASN C 457 6.38 29.92 -21.48
N PHE C 458 5.46 30.53 -20.75
CA PHE C 458 4.59 29.77 -19.85
C PHE C 458 3.29 30.52 -19.64
N HIS C 459 2.28 29.78 -19.21
CA HIS C 459 1.09 30.38 -18.59
C HIS C 459 0.70 29.52 -17.41
N SER C 460 0.73 30.10 -16.22
CA SER C 460 0.30 29.40 -15.01
C SER C 460 -1.16 29.69 -14.72
N LEU C 461 -1.90 28.65 -14.35
CA LEU C 461 -3.29 28.82 -13.96
C LEU C 461 -3.43 29.34 -12.52
N ASP C 462 -2.41 29.17 -11.68
CA ASP C 462 -2.49 29.75 -10.34
C ASP C 462 -1.28 30.61 -10.01
N ASP C 463 -0.22 30.02 -9.44
CA ASP C 463 0.84 30.83 -8.86
C ASP C 463 1.73 31.47 -9.92
N ILE C 464 2.45 32.52 -9.50
CA ILE C 464 3.58 33.03 -10.27
C ILE C 464 4.77 32.15 -9.92
N TYR C 465 5.92 32.40 -10.54
CA TYR C 465 7.10 31.62 -10.17
C TYR C 465 7.52 31.90 -8.74
N TYR C 466 7.91 30.84 -8.04
CA TYR C 466 8.49 31.00 -6.70
C TYR C 466 9.36 29.79 -6.39
N PHE C 467 10.30 30.01 -5.47
CA PHE C 467 11.22 28.97 -5.01
C PHE C 467 11.00 28.78 -3.52
N GLY C 468 10.57 27.58 -3.14
CA GLY C 468 10.32 27.28 -1.74
C GLY C 468 11.48 27.69 -0.85
N GLY C 469 11.21 28.59 0.10
CA GLY C 469 12.24 29.09 1.00
C GLY C 469 12.82 30.42 0.59
N GLN C 470 12.46 30.96 -0.57
CA GLN C 470 13.01 32.22 -1.04
C GLN C 470 12.74 33.34 -0.05
N ASN C 471 13.60 34.35 -0.07
CA ASN C 471 13.32 35.59 0.63
C ASN C 471 12.12 36.30 -0.01
N ALA C 472 11.60 37.30 0.68
CA ALA C 472 10.42 38.03 0.23
C ALA C 472 10.59 38.49 -1.21
N HIS C 473 9.63 38.13 -2.06
CA HIS C 473 9.60 38.62 -3.44
C HIS C 473 8.95 40.00 -3.44
N ASN C 474 9.76 41.03 -3.64
CA ASN C 474 9.29 42.40 -3.58
C ASN C 474 9.35 43.06 -4.95
N GLN C 475 8.40 43.96 -5.19
CA GLN C 475 8.35 44.81 -6.37
C GLN C 475 8.41 46.27 -5.93
N ILE C 476 8.60 47.16 -6.90
CA ILE C 476 8.64 48.60 -6.67
C ILE C 476 7.53 49.24 -7.48
N ALA C 477 6.63 49.95 -6.82
CA ALA C 477 5.56 50.65 -7.51
C ALA C 477 6.16 51.77 -8.37
N VAL C 478 5.81 51.81 -9.65
CA VAL C 478 6.29 52.83 -10.55
C VAL C 478 5.23 53.88 -10.89
N TYR C 479 3.96 53.49 -10.95
CA TYR C 479 2.91 54.44 -11.21
C TYR C 479 1.90 54.44 -10.06
N PRO C 480 1.40 55.60 -9.65
CA PRO C 480 0.52 55.65 -8.48
C PRO C 480 -0.80 54.94 -8.76
N HIS C 481 -1.45 54.53 -7.67
CA HIS C 481 -2.75 53.87 -7.79
C HIS C 481 -3.67 54.32 -6.67
N LYS C 482 -4.86 54.79 -7.05
CA LYS C 482 -5.94 55.07 -6.11
C LYS C 482 -6.93 53.92 -6.15
N PRO C 483 -7.25 53.31 -5.01
CA PRO C 483 -8.13 52.13 -5.02
C PRO C 483 -9.56 52.52 -5.41
N ARG C 484 -10.10 51.83 -6.40
CA ARG C 484 -11.50 52.04 -6.75
C ARG C 484 -12.44 51.31 -5.81
N THR C 485 -12.03 50.14 -5.32
CA THR C 485 -12.79 49.38 -4.34
C THR C 485 -11.94 49.19 -3.09
N GLU C 486 -12.53 48.55 -2.08
CA GLU C 486 -11.82 48.28 -0.84
C GLU C 486 -10.91 47.06 -0.94
N GLU C 487 -11.03 46.28 -2.01
CA GLU C 487 -10.13 45.15 -2.26
C GLU C 487 -8.79 45.58 -2.83
N GLU C 488 -8.64 46.83 -3.24
CA GLU C 488 -7.40 47.33 -3.82
C GLU C 488 -6.61 48.10 -2.78
N ILE C 489 -5.29 48.16 -2.96
CA ILE C 489 -4.41 48.92 -2.07
C ILE C 489 -3.96 50.19 -2.78
N PRO C 490 -3.69 51.27 -2.05
CA PRO C 490 -3.09 52.44 -2.67
C PRO C 490 -1.60 52.23 -2.89
N MET C 491 -1.08 52.92 -3.91
CA MET C 491 0.33 52.84 -4.26
C MET C 491 0.84 54.20 -4.72
N GLU C 492 2.03 54.56 -4.26
CA GLU C 492 2.76 55.71 -4.75
C GLU C 492 4.09 55.24 -5.33
N PRO C 493 4.61 55.93 -6.35
CA PRO C 493 5.93 55.55 -6.88
C PRO C 493 6.94 55.41 -5.76
N GLY C 494 7.74 54.35 -5.82
CA GLY C 494 8.74 54.08 -4.82
C GLY C 494 8.31 53.12 -3.73
N ASP C 495 7.01 52.90 -3.55
CA ASP C 495 6.55 51.98 -2.53
C ASP C 495 7.02 50.56 -2.83
N ILE C 496 7.49 49.87 -1.78
CA ILE C 496 7.84 48.46 -1.90
C ILE C 496 6.57 47.63 -1.80
N ILE C 497 6.35 46.78 -2.79
CA ILE C 497 5.15 45.93 -2.83
C ILE C 497 5.62 44.48 -2.75
N GLY C 498 5.21 43.80 -1.68
CA GLY C 498 5.45 42.37 -1.56
C GLY C 498 4.36 41.59 -2.27
N VAL C 499 4.70 40.97 -3.40
CA VAL C 499 3.71 40.37 -4.28
C VAL C 499 3.44 38.94 -3.81
N ALA C 500 2.17 38.61 -3.65
CA ALA C 500 1.74 37.25 -3.36
C ALA C 500 1.43 36.46 -4.62
N GLY C 501 0.79 37.10 -5.59
CA GLY C 501 0.48 36.41 -6.84
C GLY C 501 0.00 37.38 -7.89
N ASN C 502 -0.18 36.83 -9.08
CA ASN C 502 -0.78 37.53 -10.22
C ASN C 502 -2.08 36.82 -10.54
N HIS C 503 -3.18 37.57 -10.61
CA HIS C 503 -4.47 36.96 -10.87
C HIS C 503 -4.77 36.81 -12.35
N TRP C 504 -3.82 37.17 -13.22
CA TRP C 504 -3.93 36.95 -14.67
C TRP C 504 -5.16 37.64 -15.25
N ASP C 505 -5.62 38.69 -14.57
CA ASP C 505 -6.77 39.48 -14.99
C ASP C 505 -6.45 40.97 -15.02
N GLY C 506 -5.17 41.34 -14.93
CA GLY C 506 -4.76 42.72 -14.83
C GLY C 506 -4.37 43.15 -13.42
N TYR C 507 -4.74 42.38 -12.41
CA TYR C 507 -4.45 42.72 -11.03
C TYR C 507 -3.56 41.67 -10.39
N SER C 508 -2.74 42.12 -9.45
CA SER C 508 -1.94 41.25 -8.60
C SER C 508 -2.39 41.45 -7.16
N LYS C 509 -1.96 40.54 -6.29
CA LYS C 509 -2.26 40.63 -4.87
C LYS C 509 -0.94 40.70 -4.11
N GLY C 510 -0.87 41.64 -3.16
CA GLY C 510 0.32 41.78 -2.36
C GLY C 510 0.10 42.74 -1.22
N ILE C 511 1.18 43.08 -0.55
CA ILE C 511 1.16 44.01 0.57
C ILE C 511 2.01 45.22 0.21
N ASN C 512 1.42 46.41 0.34
CA ASN C 512 2.17 47.65 0.27
C ASN C 512 2.89 47.82 1.59
N ARG C 513 4.17 47.44 1.63
CA ARG C 513 4.89 47.37 2.89
C ARG C 513 5.00 48.71 3.58
N LYS C 514 4.90 49.81 2.84
CA LYS C 514 4.93 51.13 3.48
C LYS C 514 3.69 51.37 4.34
N LEU C 515 2.51 51.02 3.82
CA LEU C 515 1.26 51.21 4.53
C LEU C 515 0.82 50.00 5.33
N GLY C 516 1.41 48.84 5.09
CA GLY C 516 0.95 47.63 5.74
C GLY C 516 -0.44 47.21 5.35
N LYS C 517 -0.85 47.46 4.10
CA LYS C 517 -2.15 47.06 3.60
C LYS C 517 -1.99 45.97 2.54
N THR C 518 -2.88 44.98 2.59
CA THR C 518 -2.89 43.87 1.64
C THR C 518 -4.10 44.00 0.73
N GLY C 519 -3.93 43.63 -0.53
CA GLY C 519 -5.02 43.74 -1.49
C GLY C 519 -4.51 43.73 -2.91
N LEU C 520 -5.38 44.19 -3.81
CA LEU C 520 -5.15 44.13 -5.25
C LEU C 520 -4.63 45.46 -5.79
N TYR C 521 -3.80 45.35 -6.84
CA TYR C 521 -3.27 46.50 -7.56
C TYR C 521 -3.10 46.11 -9.02
N PRO C 522 -3.10 47.08 -9.94
CA PRO C 522 -2.87 46.74 -11.35
C PRO C 522 -1.43 46.27 -11.56
N SER C 523 -1.29 45.12 -12.24
CA SER C 523 0.02 44.49 -12.35
C SER C 523 1.02 45.35 -13.11
N TYR C 524 0.56 46.11 -14.10
CA TYR C 524 1.48 46.88 -14.94
C TYR C 524 2.08 48.08 -14.23
N LYS C 525 1.59 48.43 -13.04
CA LYS C 525 2.03 49.63 -12.32
C LYS C 525 3.25 49.40 -11.45
N VAL C 526 3.80 48.18 -11.44
CA VAL C 526 4.97 47.86 -10.65
C VAL C 526 6.07 47.30 -11.57
N ARG C 527 7.30 47.38 -11.09
CA ARG C 527 8.44 46.76 -11.75
C ARG C 527 9.15 45.85 -10.76
N GLU C 528 9.89 44.88 -11.30
CA GLU C 528 10.54 43.87 -10.48
C GLU C 528 11.78 44.45 -9.79
N LYS C 529 11.94 44.08 -8.52
CA LYS C 529 13.05 44.54 -7.68
C LYS C 529 14.11 43.45 -7.66
N ILE C 530 15.00 43.46 -8.65
CA ILE C 530 16.05 42.46 -8.74
C ILE C 530 17.01 42.64 -7.56
N GLU C 531 17.21 41.57 -6.79
CA GLU C 531 18.10 41.58 -5.64
C GLU C 531 19.42 40.92 -6.01
N THR C 532 20.51 41.50 -5.53
CA THR C 532 21.83 40.96 -5.79
C THR C 532 22.57 40.68 -4.49
N VAL C 533 23.41 39.66 -4.54
CA VAL C 533 24.22 39.20 -3.41
C VAL C 533 25.66 39.13 -3.87
N LYS C 534 26.58 39.46 -2.96
CA LYS C 534 28.00 39.29 -3.24
C LYS C 534 28.37 37.81 -3.05
N TYR C 535 28.38 37.04 -4.19
CA TYR C 535 28.78 35.65 -4.31
C TYR C 535 30.28 35.57 -4.65
N PRO C 536 30.96 34.51 -4.21
CA PRO C 536 32.32 34.28 -4.71
C PRO C 536 32.28 34.10 -6.22
N THR C 537 33.39 34.43 -6.88
CA THR C 537 33.45 34.37 -8.33
C THR C 537 34.39 33.28 -8.86
N TYR C 538 35.11 32.59 -7.97
CA TYR C 538 35.93 31.45 -8.34
C TYR C 538 36.85 31.74 -9.52
N PRO C 539 37.67 32.78 -9.45
CA PRO C 539 38.61 33.06 -10.55
C PRO C 539 39.45 31.87 -10.94
N GLU C 540 39.87 31.06 -9.97
CA GLU C 540 40.73 29.92 -10.25
C GLU C 540 40.11 28.95 -11.26
N ALA C 541 38.81 29.04 -11.49
CA ALA C 541 38.12 28.11 -12.37
C ALA C 541 38.38 28.34 -13.84
N GLU C 542 39.18 29.35 -14.20
CA GLU C 542 39.40 29.67 -15.61
C GLU C 542 40.65 29.00 -16.16
N GLY D 75 -57.85 -35.94 4.44
CA GLY D 75 -58.05 -36.49 3.12
C GLY D 75 -57.21 -35.83 2.04
N LEU D 76 -57.90 -35.27 1.04
CA LEU D 76 -57.26 -34.61 -0.09
C LEU D 76 -57.84 -33.21 -0.23
N GLY D 77 -56.97 -32.20 -0.31
CA GLY D 77 -57.41 -30.82 -0.22
C GLY D 77 -57.94 -30.27 -1.54
N LYS D 78 -58.99 -29.47 -1.44
CA LYS D 78 -59.63 -28.93 -2.64
C LYS D 78 -58.67 -28.06 -3.45
N ASP D 79 -58.00 -27.11 -2.80
CA ASP D 79 -57.10 -26.21 -3.52
C ASP D 79 -55.91 -26.97 -4.10
N HIS D 80 -55.42 -27.96 -3.37
CA HIS D 80 -54.31 -28.77 -3.88
C HIS D 80 -54.67 -29.41 -5.22
N GLU D 81 -55.87 -30.00 -5.31
CA GLU D 81 -56.24 -30.71 -6.52
C GLU D 81 -56.53 -29.76 -7.67
N ILE D 82 -57.20 -28.64 -7.38
CA ILE D 82 -57.42 -27.64 -8.42
C ILE D 82 -56.09 -27.14 -8.95
N LEU D 83 -55.12 -26.92 -8.06
CA LEU D 83 -53.82 -26.39 -8.49
C LEU D 83 -53.05 -27.43 -9.30
N ARG D 84 -53.01 -28.68 -8.82
CA ARG D 84 -52.31 -29.72 -9.58
C ARG D 84 -52.85 -29.83 -10.99
N ARG D 85 -54.18 -29.82 -11.14
CA ARG D 85 -54.78 -29.92 -12.47
C ARG D 85 -54.45 -28.70 -13.32
N ARG D 86 -54.54 -27.50 -12.72
CA ARG D 86 -54.21 -26.29 -13.47
C ARG D 86 -52.75 -26.29 -13.91
N ILE D 87 -51.86 -26.88 -13.10
CA ILE D 87 -50.48 -27.03 -13.52
C ILE D 87 -50.37 -27.98 -14.71
N GLU D 88 -51.05 -29.12 -14.64
CA GLU D 88 -51.02 -30.07 -15.75
C GLU D 88 -51.59 -29.44 -17.02
N ASN D 89 -52.75 -28.77 -16.89
CA ASN D 89 -53.37 -28.19 -18.09
C ASN D 89 -52.55 -27.03 -18.63
N GLY D 90 -52.00 -26.20 -17.75
CA GLY D 90 -51.14 -25.11 -18.20
C GLY D 90 -49.92 -25.60 -18.95
N ALA D 91 -49.37 -26.74 -18.55
CA ALA D 91 -48.23 -27.31 -19.27
C ALA D 91 -48.68 -27.95 -20.58
N LYS D 92 -49.84 -28.61 -20.58
CA LYS D 92 -50.39 -29.11 -21.83
C LYS D 92 -50.63 -27.97 -22.82
N GLU D 93 -51.27 -26.89 -22.36
CA GLU D 93 -51.51 -25.76 -23.25
C GLU D 93 -50.21 -25.16 -23.74
N LEU D 94 -49.19 -25.13 -22.88
CA LEU D 94 -47.88 -24.65 -23.32
C LEU D 94 -47.34 -25.52 -24.47
N TRP D 95 -47.54 -26.83 -24.38
CA TRP D 95 -47.05 -27.73 -25.43
C TRP D 95 -47.87 -27.58 -26.71
N PHE D 96 -49.19 -27.49 -26.58
CA PHE D 96 -50.03 -27.18 -27.74
C PHE D 96 -49.53 -25.92 -28.45
N PHE D 97 -49.28 -24.87 -27.66
CA PHE D 97 -48.79 -23.60 -28.21
C PHE D 97 -47.46 -23.78 -28.92
N LEU D 98 -46.50 -24.44 -28.27
CA LEU D 98 -45.17 -24.58 -28.84
C LEU D 98 -45.19 -25.36 -30.16
N GLN D 99 -45.95 -26.46 -30.23
CA GLN D 99 -46.01 -27.22 -31.46
C GLN D 99 -46.54 -26.38 -32.61
N SER D 100 -47.60 -25.59 -32.36
CA SER D 100 -48.17 -24.78 -33.43
C SER D 100 -47.23 -23.63 -33.81
N GLU D 101 -46.71 -22.91 -32.80
CA GLU D 101 -45.88 -21.74 -33.09
C GLU D 101 -44.59 -22.13 -33.79
N LEU D 102 -43.92 -23.19 -33.31
CA LEU D 102 -42.65 -23.58 -33.92
C LEU D 102 -42.84 -24.02 -35.37
N LYS D 103 -43.93 -24.73 -35.67
CA LYS D 103 -44.19 -25.12 -37.06
C LYS D 103 -44.40 -23.89 -37.93
N LYS D 104 -45.02 -22.83 -37.38
CA LYS D 104 -45.20 -21.61 -38.13
C LYS D 104 -43.87 -20.91 -38.40
N LEU D 105 -42.96 -20.94 -37.42
CA LEU D 105 -41.69 -20.25 -37.58
C LEU D 105 -40.86 -20.81 -38.73
N LYS D 106 -40.94 -22.12 -38.97
CA LYS D 106 -40.04 -22.70 -39.97
C LYS D 106 -40.50 -22.45 -41.40
N HIS D 107 -41.56 -21.68 -41.61
CA HIS D 107 -41.92 -21.19 -42.94
C HIS D 107 -41.75 -19.68 -43.03
N LEU D 108 -40.93 -19.09 -42.16
CA LEU D 108 -40.69 -17.66 -42.13
C LEU D 108 -39.21 -17.37 -42.38
N GLU D 109 -38.91 -16.11 -42.71
CA GLU D 109 -37.55 -15.70 -43.01
C GLU D 109 -37.36 -14.25 -42.63
N GLY D 110 -36.10 -13.84 -42.57
CA GLY D 110 -35.75 -12.44 -42.41
C GLY D 110 -36.36 -11.80 -41.19
N ASN D 111 -36.72 -10.52 -41.33
CA ASN D 111 -37.23 -9.76 -40.20
C ASN D 111 -38.51 -10.38 -39.64
N GLU D 112 -39.42 -10.82 -40.51
CA GLU D 112 -40.63 -11.47 -40.04
C GLU D 112 -40.29 -12.65 -39.13
N LEU D 113 -39.35 -13.48 -39.56
CA LEU D 113 -38.89 -14.59 -38.72
C LEU D 113 -38.50 -14.10 -37.33
N GLN D 114 -37.81 -12.97 -37.25
CA GLN D 114 -37.26 -12.53 -35.97
C GLN D 114 -38.30 -11.83 -35.10
N ARG D 115 -39.25 -11.12 -35.70
CA ARG D 115 -40.34 -10.56 -34.91
C ARG D 115 -41.16 -11.67 -34.25
N HIS D 116 -41.58 -12.66 -35.04
CA HIS D 116 -42.40 -13.75 -34.50
C HIS D 116 -41.66 -14.50 -33.40
N ALA D 117 -40.40 -14.85 -33.64
CA ALA D 117 -39.61 -15.49 -32.60
C ALA D 117 -39.67 -14.69 -31.30
N ASP D 118 -39.52 -13.37 -31.39
CA ASP D 118 -39.51 -12.54 -30.19
C ASP D 118 -40.90 -12.46 -29.56
N GLU D 119 -41.95 -12.43 -30.38
CA GLU D 119 -43.30 -12.41 -29.83
C GLU D 119 -43.63 -13.74 -29.15
N ILE D 120 -43.18 -14.85 -29.74
CA ILE D 120 -43.35 -16.15 -29.09
C ILE D 120 -42.66 -16.15 -27.73
N LEU D 121 -41.42 -15.64 -27.67
CA LEU D 121 -40.68 -15.64 -26.42
C LEU D 121 -41.38 -14.80 -25.36
N LEU D 122 -41.93 -13.65 -25.74
CA LEU D 122 -42.68 -12.84 -24.78
C LEU D 122 -43.89 -13.62 -24.25
N ASP D 123 -44.69 -14.19 -25.14
CA ASP D 123 -45.84 -14.97 -24.71
C ASP D 123 -45.42 -16.13 -23.81
N LEU D 124 -44.40 -16.88 -24.23
CA LEU D 124 -43.93 -18.00 -23.43
C LEU D 124 -43.55 -17.56 -22.03
N GLY D 125 -42.91 -16.39 -21.90
CA GLY D 125 -42.49 -15.91 -20.60
C GLY D 125 -43.63 -15.77 -19.61
N HIS D 126 -44.73 -15.15 -20.04
CA HIS D 126 -45.89 -15.02 -19.17
C HIS D 126 -46.55 -16.38 -18.92
N HIS D 127 -46.66 -17.20 -19.96
CA HIS D 127 -47.22 -18.54 -19.79
C HIS D 127 -46.41 -19.33 -18.78
N GLU D 128 -45.09 -19.33 -18.93
CA GLU D 128 -44.24 -20.10 -18.02
C GLU D 128 -44.37 -19.59 -16.58
N ARG D 129 -44.52 -18.27 -16.42
CA ARG D 129 -44.58 -17.72 -15.07
C ARG D 129 -45.90 -18.02 -14.38
N SER D 130 -46.98 -18.23 -15.13
CA SER D 130 -48.23 -18.64 -14.50
C SER D 130 -48.14 -20.09 -14.00
N ILE D 131 -47.33 -20.91 -14.66
CA ILE D 131 -47.11 -22.28 -14.17
C ILE D 131 -46.27 -22.26 -12.89
N MET D 132 -45.20 -21.46 -12.87
CA MET D 132 -44.39 -21.36 -11.66
C MET D 132 -45.20 -20.76 -10.51
N THR D 133 -46.10 -19.82 -10.81
CA THR D 133 -46.96 -19.26 -9.77
C THR D 133 -47.85 -20.35 -9.17
N ASP D 134 -48.51 -21.13 -10.03
CA ASP D 134 -49.34 -22.22 -9.53
C ASP D 134 -48.51 -23.22 -8.73
N LEU D 135 -47.30 -23.54 -9.22
CA LEU D 135 -46.42 -24.41 -8.46
C LEU D 135 -46.08 -23.83 -7.10
N TYR D 136 -45.96 -22.50 -7.01
CA TYR D 136 -45.74 -21.89 -5.71
C TYR D 136 -46.95 -22.07 -4.80
N TYR D 137 -48.14 -21.72 -5.30
CA TYR D 137 -49.35 -21.90 -4.50
C TYR D 137 -49.50 -23.35 -4.07
N LEU D 138 -49.15 -24.29 -4.94
CA LEU D 138 -49.24 -25.70 -4.59
C LEU D 138 -48.36 -26.02 -3.39
N SER D 139 -47.14 -25.48 -3.36
CA SER D 139 -46.23 -25.69 -2.24
C SER D 139 -46.78 -25.15 -0.93
N GLN D 140 -47.84 -24.34 -0.98
CA GLN D 140 -48.37 -23.73 0.24
C GLN D 140 -49.77 -24.19 0.62
N THR D 141 -50.54 -24.76 -0.29
CA THR D 141 -51.92 -25.11 0.06
C THR D 141 -51.95 -26.12 1.20
N ASP D 142 -53.11 -26.20 1.85
CA ASP D 142 -53.43 -27.26 2.78
C ASP D 142 -52.32 -27.46 3.81
N GLY D 143 -51.82 -26.36 4.34
CA GLY D 143 -50.93 -26.36 5.49
C GLY D 143 -49.48 -26.69 5.22
N ALA D 144 -49.11 -27.01 3.98
CA ALA D 144 -47.74 -27.44 3.71
C ALA D 144 -46.73 -26.42 4.19
N GLY D 145 -47.04 -25.13 4.05
CA GLY D 145 -46.11 -24.09 4.49
C GLY D 145 -45.88 -24.11 5.99
N ASP D 146 -46.97 -24.20 6.76
CA ASP D 146 -46.83 -24.27 8.21
C ASP D 146 -46.02 -25.49 8.63
N TRP D 147 -46.23 -26.62 7.95
CA TRP D 147 -45.49 -27.82 8.32
C TRP D 147 -44.02 -27.70 7.95
N ARG D 148 -43.74 -27.22 6.73
CA ARG D 148 -42.36 -27.09 6.30
C ARG D 148 -41.58 -26.16 7.23
N GLU D 149 -42.22 -25.11 7.72
CA GLU D 149 -41.57 -24.21 8.66
C GLU D 149 -41.28 -24.91 9.99
N LYS D 150 -42.27 -25.63 10.52
CA LYS D 150 -42.07 -26.32 11.79
C LYS D 150 -41.00 -27.39 11.68
N GLU D 151 -40.99 -28.11 10.55
CA GLU D 151 -39.98 -29.15 10.36
C GLU D 151 -38.59 -28.55 10.12
N ALA D 152 -38.53 -27.40 9.44
CA ALA D 152 -37.25 -26.72 9.27
C ALA D 152 -36.73 -26.20 10.61
N LYS D 153 -37.62 -25.62 11.41
CA LYS D 153 -37.21 -25.12 12.73
C LYS D 153 -36.71 -26.25 13.61
N ASP D 154 -37.35 -27.42 13.55
CA ASP D 154 -36.91 -28.54 14.37
C ASP D 154 -35.56 -29.08 13.91
N LEU D 155 -35.33 -29.09 12.59
CA LEU D 155 -34.06 -29.62 12.08
C LEU D 155 -32.90 -28.71 12.49
N THR D 156 -33.08 -27.39 12.44
CA THR D 156 -31.99 -26.50 12.78
C THR D 156 -31.73 -26.47 14.28
N GLU D 157 -32.79 -26.42 15.09
CA GLU D 157 -32.61 -26.49 16.54
C GLU D 157 -31.84 -27.74 16.94
N LEU D 158 -32.16 -28.87 16.31
CA LEU D 158 -31.47 -30.12 16.62
C LEU D 158 -29.97 -30.01 16.30
N VAL D 159 -29.65 -29.60 15.07
CA VAL D 159 -28.26 -29.57 14.64
C VAL D 159 -27.46 -28.57 15.47
N GLN D 160 -28.02 -27.38 15.69
CA GLN D 160 -27.32 -26.39 16.51
C GLN D 160 -27.11 -26.90 17.94
N ARG D 161 -28.06 -27.65 18.47
CA ARG D 161 -27.90 -28.26 19.78
C ARG D 161 -26.72 -29.23 19.78
N ARG D 162 -26.59 -30.03 18.71
CA ARG D 162 -25.48 -30.98 18.63
C ARG D 162 -24.14 -30.26 18.55
N ILE D 163 -24.06 -29.23 17.72
CA ILE D 163 -22.82 -28.48 17.58
C ILE D 163 -22.44 -27.85 18.93
N THR D 164 -23.42 -27.24 19.60
CA THR D 164 -23.15 -26.60 20.87
C THR D 164 -22.69 -27.61 21.92
N TYR D 165 -23.28 -28.80 21.92
CA TYR D 165 -22.83 -29.84 22.83
C TYR D 165 -21.38 -30.21 22.56
N LEU D 166 -21.03 -30.40 21.28
CA LEU D 166 -19.65 -30.77 20.93
C LEU D 166 -18.66 -29.69 21.32
N GLN D 167 -19.03 -28.43 21.17
CA GLN D 167 -18.06 -27.34 21.33
C GLN D 167 -17.83 -26.95 22.79
N ASN D 168 -18.62 -27.48 23.73
CA ASN D 168 -18.56 -27.06 25.12
C ASN D 168 -18.47 -28.26 26.06
N PRO D 169 -17.39 -29.03 25.99
CA PRO D 169 -17.19 -30.11 26.95
C PRO D 169 -16.98 -29.54 28.35
N LYS D 170 -17.34 -30.35 29.35
CA LYS D 170 -17.15 -29.93 30.73
C LYS D 170 -15.67 -29.91 31.11
N ASP D 171 -14.91 -30.90 30.66
CA ASP D 171 -13.49 -31.05 30.99
C ASP D 171 -12.69 -30.71 29.73
N CYS D 172 -12.26 -29.46 29.62
CA CYS D 172 -11.55 -29.03 28.42
C CYS D 172 -10.21 -29.72 28.28
N SER D 173 -9.54 -30.03 29.40
CA SER D 173 -8.20 -30.61 29.32
C SER D 173 -8.20 -32.06 28.84
N LYS D 174 -9.31 -32.78 29.03
CA LYS D 174 -9.42 -34.16 28.58
C LYS D 174 -10.12 -34.31 27.24
N ALA D 175 -10.68 -33.22 26.70
CA ALA D 175 -11.49 -33.31 25.50
C ALA D 175 -10.62 -33.50 24.25
N ARG D 176 -11.18 -34.21 23.27
CA ARG D 176 -10.55 -34.36 21.97
C ARG D 176 -10.76 -33.09 21.16
N LYS D 177 -9.75 -32.70 20.39
CA LYS D 177 -9.75 -31.40 19.73
C LYS D 177 -9.22 -31.51 18.31
N LEU D 178 -9.70 -30.61 17.46
CA LEU D 178 -9.15 -30.42 16.12
C LEU D 178 -8.79 -28.94 15.98
N VAL D 179 -7.55 -28.68 15.57
CA VAL D 179 -7.01 -27.32 15.53
C VAL D 179 -7.08 -26.81 14.11
N CYS D 180 -7.77 -25.69 13.91
CA CYS D 180 -7.90 -25.06 12.61
C CYS D 180 -7.24 -23.69 12.65
N ASN D 181 -6.37 -23.42 11.69
CA ASN D 181 -5.76 -22.10 11.56
C ASN D 181 -6.48 -21.35 10.45
N ILE D 182 -7.00 -20.16 10.78
CA ILE D 182 -7.83 -19.40 9.86
C ILE D 182 -7.03 -18.80 8.72
N ASN D 183 -5.70 -18.78 8.81
CA ASN D 183 -4.86 -17.97 7.93
C ASN D 183 -4.61 -18.60 6.57
N LYS D 184 -5.63 -19.22 5.98
CA LYS D 184 -5.57 -19.59 4.57
C LYS D 184 -5.43 -18.32 3.73
N GLY D 185 -4.47 -18.32 2.82
CA GLY D 185 -4.20 -17.13 2.03
C GLY D 185 -5.26 -16.85 0.99
N CYS D 186 -6.36 -16.23 1.39
CA CYS D 186 -7.46 -15.94 0.48
C CYS D 186 -8.42 -14.97 1.17
N GLY D 187 -9.58 -14.73 0.55
CA GLY D 187 -10.53 -13.76 1.04
C GLY D 187 -11.38 -14.26 2.19
N TYR D 188 -12.30 -13.40 2.63
CA TYR D 188 -13.10 -13.70 3.82
C TYR D 188 -14.03 -14.88 3.57
N GLY D 189 -14.67 -14.95 2.41
CA GLY D 189 -15.53 -16.08 2.13
C GLY D 189 -14.76 -17.38 2.12
N CYS D 190 -13.64 -17.40 1.38
CA CYS D 190 -12.78 -18.58 1.35
C CYS D 190 -12.33 -18.97 2.76
N GLN D 191 -11.94 -17.99 3.58
CA GLN D 191 -11.46 -18.30 4.92
C GLN D 191 -12.58 -18.79 5.83
N LEU D 192 -13.75 -18.14 5.77
CA LEU D 192 -14.89 -18.64 6.52
C LEU D 192 -15.24 -20.07 6.11
N HIS D 193 -15.20 -20.35 4.80
CA HIS D 193 -15.46 -21.71 4.34
C HIS D 193 -14.36 -22.66 4.76
N HIS D 194 -13.13 -22.15 4.92
CA HIS D 194 -12.08 -23.00 5.48
C HIS D 194 -12.42 -23.44 6.90
N VAL D 195 -12.93 -22.51 7.72
CA VAL D 195 -13.33 -22.86 9.07
C VAL D 195 -14.51 -23.82 9.06
N VAL D 196 -15.41 -23.65 8.10
CA VAL D 196 -16.51 -24.60 7.93
C VAL D 196 -15.98 -26.00 7.68
N TYR D 197 -15.03 -26.11 6.75
CA TYR D 197 -14.45 -27.42 6.43
C TYR D 197 -13.74 -28.02 7.63
N CYS D 198 -13.08 -27.19 8.45
CA CYS D 198 -12.53 -27.68 9.71
C CYS D 198 -13.64 -28.11 10.65
N PHE D 199 -14.67 -27.27 10.81
CA PHE D 199 -15.77 -27.56 11.73
C PHE D 199 -16.48 -28.85 11.34
N MET D 200 -16.70 -29.05 10.04
CA MET D 200 -17.42 -30.25 9.60
C MET D 200 -16.62 -31.51 9.90
N ILE D 201 -15.30 -31.46 9.72
CA ILE D 201 -14.48 -32.62 10.03
C ILE D 201 -14.33 -32.80 11.54
N ALA D 202 -14.38 -31.70 12.30
CA ALA D 202 -14.41 -31.83 13.75
C ALA D 202 -15.70 -32.50 14.21
N TYR D 203 -16.81 -32.17 13.56
CA TYR D 203 -18.11 -32.74 13.93
C TYR D 203 -18.13 -34.24 13.69
N GLY D 204 -17.61 -34.69 12.55
CA GLY D 204 -17.63 -36.11 12.21
C GLY D 204 -16.69 -36.96 13.04
N THR D 205 -15.66 -36.37 13.63
CA THR D 205 -14.70 -37.11 14.45
C THR D 205 -14.92 -36.90 15.94
N GLN D 206 -16.00 -36.22 16.33
CA GLN D 206 -16.28 -35.96 17.74
C GLN D 206 -15.11 -35.27 18.42
N ARG D 207 -14.58 -34.25 17.75
CA ARG D 207 -13.52 -33.41 18.30
C ARG D 207 -14.04 -31.98 18.41
N THR D 208 -13.70 -31.30 19.50
CA THR D 208 -14.07 -29.90 19.65
C THR D 208 -13.19 -29.05 18.74
N LEU D 209 -13.83 -28.11 18.04
CA LEU D 209 -13.09 -27.22 17.15
C LEU D 209 -12.35 -26.17 17.96
N ILE D 210 -11.03 -26.13 17.81
CA ILE D 210 -10.19 -25.08 18.38
C ILE D 210 -9.76 -24.17 17.23
N LEU D 211 -10.26 -22.93 17.24
CA LEU D 211 -10.00 -21.99 16.15
C LEU D 211 -8.90 -21.02 16.56
N GLU D 212 -7.77 -21.08 15.85
CA GLU D 212 -6.66 -20.17 16.08
C GLU D 212 -6.67 -19.11 14.97
N SER D 213 -6.73 -17.84 15.37
CA SER D 213 -6.99 -16.76 14.42
C SER D 213 -6.12 -15.54 14.70
N GLN D 214 -4.96 -15.73 15.32
CA GLN D 214 -4.05 -14.61 15.51
C GLN D 214 -3.41 -14.23 14.18
N ASN D 215 -3.29 -12.93 13.94
CA ASN D 215 -2.76 -12.37 12.70
C ASN D 215 -3.67 -12.62 11.50
N TRP D 216 -4.93 -12.94 11.76
CA TRP D 216 -5.94 -12.91 10.72
C TRP D 216 -5.76 -11.65 9.88
N ARG D 217 -5.64 -11.82 8.57
CA ARG D 217 -5.34 -10.69 7.69
C ARG D 217 -6.41 -9.60 7.77
N TYR D 218 -7.62 -9.94 8.24
CA TYR D 218 -8.72 -8.99 8.34
C TYR D 218 -8.81 -8.32 9.70
N ALA D 219 -8.24 -8.90 10.74
CA ALA D 219 -8.43 -8.41 12.09
C ALA D 219 -7.33 -9.02 12.96
N THR D 220 -6.27 -8.24 13.19
CA THR D 220 -5.13 -8.74 13.94
C THR D 220 -5.53 -9.25 15.33
N GLY D 221 -6.67 -8.80 15.87
CA GLY D 221 -7.13 -9.28 17.16
C GLY D 221 -7.76 -10.65 17.13
N GLY D 222 -8.17 -11.13 15.96
CA GLY D 222 -8.62 -12.49 15.79
C GLY D 222 -10.13 -12.60 15.58
N TRP D 223 -10.59 -13.86 15.63
CA TRP D 223 -11.98 -14.18 15.36
C TRP D 223 -12.94 -13.33 16.20
N GLU D 224 -12.64 -13.17 17.48
CA GLU D 224 -13.56 -12.50 18.39
C GLU D 224 -13.59 -10.98 18.20
N THR D 225 -12.87 -10.47 17.20
CA THR D 225 -13.05 -9.08 16.79
C THR D 225 -14.49 -8.83 16.35
N VAL D 226 -15.11 -9.81 15.70
CA VAL D 226 -16.45 -9.66 15.13
C VAL D 226 -17.41 -10.72 15.64
N PHE D 227 -16.94 -11.96 15.76
CA PHE D 227 -17.80 -13.09 16.05
C PHE D 227 -17.55 -13.61 17.46
N ARG D 228 -18.51 -14.37 17.97
CA ARG D 228 -18.37 -14.96 19.28
C ARG D 228 -17.40 -16.14 19.25
N PRO D 229 -16.80 -16.47 20.38
CA PRO D 229 -15.90 -17.62 20.41
C PRO D 229 -16.64 -18.90 20.07
N VAL D 230 -15.99 -19.77 19.29
CA VAL D 230 -16.65 -21.01 18.86
C VAL D 230 -16.93 -21.94 20.00
N SER D 231 -16.33 -21.70 21.18
CA SER D 231 -16.64 -22.44 22.39
C SER D 231 -16.85 -21.45 23.52
N GLU D 232 -17.51 -21.92 24.57
CA GLU D 232 -17.64 -21.17 25.81
C GLU D 232 -16.89 -21.82 26.96
N THR D 233 -16.49 -23.08 26.83
CA THR D 233 -15.81 -23.79 27.89
C THR D 233 -14.46 -24.37 27.47
N CYS D 234 -14.10 -24.28 26.18
CA CYS D 234 -12.90 -24.96 25.71
C CYS D 234 -12.40 -24.24 24.46
N THR D 235 -11.39 -23.37 24.65
CA THR D 235 -10.73 -22.69 23.55
C THR D 235 -9.22 -22.87 23.62
N ASP D 236 -8.75 -23.81 24.43
CA ASP D 236 -7.34 -24.05 24.66
C ASP D 236 -6.94 -25.35 23.97
N ARG D 237 -5.79 -25.33 23.28
CA ARG D 237 -5.37 -26.44 22.45
C ARG D 237 -4.55 -27.48 23.21
N SER D 238 -4.57 -27.46 24.54
CA SER D 238 -3.74 -28.36 25.32
C SER D 238 -4.27 -29.78 25.24
N GLY D 239 -3.37 -30.74 25.44
CA GLY D 239 -3.75 -32.14 25.38
C GLY D 239 -2.54 -33.02 25.62
N LEU D 240 -2.82 -34.28 25.97
CA LEU D 240 -1.75 -35.21 26.31
C LEU D 240 -0.91 -35.60 25.10
N SER D 241 -1.51 -35.63 23.91
CA SER D 241 -0.78 -35.95 22.69
C SER D 241 -1.33 -35.12 21.54
N THR D 242 -0.43 -34.81 20.59
CA THR D 242 -0.74 -33.93 19.47
C THR D 242 -0.09 -34.49 18.20
N GLY D 243 -0.70 -34.17 17.06
CA GLY D 243 -0.13 -34.57 15.79
C GLY D 243 -0.82 -33.90 14.64
N HIS D 244 -0.16 -33.94 13.49
CA HIS D 244 -0.77 -33.51 12.23
C HIS D 244 -1.73 -34.60 11.73
N TRP D 245 -2.70 -34.17 10.93
CA TRP D 245 -3.69 -35.13 10.42
C TRP D 245 -2.99 -36.27 9.69
N SER D 246 -3.37 -37.50 10.04
CA SER D 246 -2.85 -38.70 9.37
C SER D 246 -3.92 -39.77 9.24
N GLY D 247 -5.19 -39.36 9.17
CA GLY D 247 -6.27 -40.31 9.06
C GLY D 247 -7.00 -40.54 10.37
N GLU D 248 -8.32 -40.72 10.28
CA GLU D 248 -9.13 -40.91 11.48
C GLU D 248 -8.68 -42.12 12.27
N VAL D 249 -8.17 -43.15 11.60
CA VAL D 249 -7.76 -44.38 12.29
C VAL D 249 -6.43 -44.18 13.01
N ASN D 250 -5.41 -43.70 12.28
CA ASN D 250 -4.11 -43.48 12.90
C ASN D 250 -4.16 -42.40 13.98
N ASP D 251 -5.21 -41.60 14.02
CA ASP D 251 -5.38 -40.53 15.00
C ASP D 251 -6.32 -40.92 16.13
N LYS D 252 -6.73 -42.18 16.21
CA LYS D 252 -7.77 -42.56 17.17
C LYS D 252 -7.41 -42.14 18.59
N ASN D 253 -6.17 -42.37 19.00
CA ASN D 253 -5.74 -42.10 20.37
C ASN D 253 -4.97 -40.81 20.53
N ILE D 254 -4.91 -39.97 19.49
CA ILE D 254 -4.26 -38.67 19.56
C ILE D 254 -5.28 -37.63 19.98
N GLN D 255 -4.96 -36.83 21.00
CA GLN D 255 -5.97 -35.96 21.60
C GLN D 255 -6.13 -34.65 20.85
N VAL D 256 -5.05 -34.11 20.27
CA VAL D 256 -5.10 -32.84 19.55
C VAL D 256 -4.52 -33.06 18.16
N VAL D 257 -5.37 -32.88 17.14
CA VAL D 257 -4.97 -33.07 15.76
C VAL D 257 -5.06 -31.73 15.03
N GLU D 258 -4.01 -31.37 14.31
CA GLU D 258 -3.96 -30.14 13.55
C GLU D 258 -4.39 -30.42 12.11
N LEU D 259 -5.46 -29.73 11.67
CA LEU D 259 -5.99 -29.96 10.33
C LEU D 259 -5.44 -28.93 9.36
N PRO D 260 -4.95 -29.35 8.20
CA PRO D 260 -4.46 -28.38 7.20
C PRO D 260 -5.56 -27.92 6.25
N ILE D 261 -5.23 -27.01 5.33
CA ILE D 261 -6.24 -26.60 4.35
C ILE D 261 -6.59 -27.79 3.45
N VAL D 262 -7.78 -27.71 2.86
CA VAL D 262 -8.36 -28.89 2.20
C VAL D 262 -7.40 -29.43 1.13
N ASP D 263 -6.66 -28.55 0.46
CA ASP D 263 -5.80 -29.00 -0.64
C ASP D 263 -4.59 -29.78 -0.18
N SER D 264 -4.21 -29.68 1.09
CA SER D 264 -3.06 -30.41 1.64
C SER D 264 -3.48 -31.55 2.54
N LEU D 265 -4.74 -31.97 2.47
CA LEU D 265 -5.30 -32.94 3.41
C LEU D 265 -5.15 -34.36 2.85
N HIS D 266 -4.38 -35.18 3.56
CA HIS D 266 -4.15 -36.56 3.14
C HIS D 266 -4.04 -37.48 4.36
N PRO D 267 -4.87 -38.54 4.44
CA PRO D 267 -5.93 -38.83 3.49
C PRO D 267 -7.20 -38.05 3.82
N ARG D 268 -8.20 -38.12 2.93
CA ARG D 268 -9.42 -37.34 3.12
C ARG D 268 -10.47 -38.17 3.87
N PRO D 269 -11.08 -37.63 4.91
CA PRO D 269 -12.18 -38.34 5.57
C PRO D 269 -13.48 -38.13 4.84
N PRO D 270 -14.56 -38.80 5.25
CA PRO D 270 -15.83 -38.67 4.52
C PRO D 270 -16.67 -37.46 4.90
N TYR D 271 -16.29 -36.72 5.94
CA TYR D 271 -17.13 -35.62 6.44
C TYR D 271 -16.85 -34.33 5.68
N LEU D 272 -17.11 -34.38 4.38
CA LEU D 272 -16.90 -33.25 3.48
C LEU D 272 -18.12 -33.06 2.59
N PRO D 273 -18.38 -31.82 2.17
CA PRO D 273 -19.42 -31.60 1.15
C PRO D 273 -19.09 -32.38 -0.12
N LEU D 274 -20.13 -32.74 -0.87
CA LEU D 274 -21.49 -32.27 -0.60
C LEU D 274 -22.35 -33.28 0.16
N ALA D 275 -21.70 -34.27 0.77
CA ALA D 275 -22.43 -35.30 1.48
C ALA D 275 -23.23 -34.70 2.64
N VAL D 276 -24.22 -35.47 3.10
CA VAL D 276 -25.09 -35.06 4.20
C VAL D 276 -25.11 -36.18 5.24
N PRO D 277 -25.32 -35.87 6.52
CA PRO D 277 -25.47 -36.94 7.51
C PRO D 277 -26.62 -37.86 7.13
N GLU D 278 -26.40 -39.16 7.29
CA GLU D 278 -27.42 -40.12 6.85
C GLU D 278 -28.62 -40.14 7.80
N ASP D 279 -28.41 -39.84 9.08
CA ASP D 279 -29.54 -39.80 10.01
C ASP D 279 -30.48 -38.63 9.74
N LEU D 280 -30.08 -37.68 8.90
CA LEU D 280 -30.91 -36.53 8.56
C LEU D 280 -31.40 -36.54 7.12
N ALA D 281 -30.86 -37.43 6.28
CA ALA D 281 -31.12 -37.37 4.84
C ALA D 281 -32.61 -37.36 4.53
N ASP D 282 -33.36 -38.32 5.07
CA ASP D 282 -34.78 -38.42 4.73
C ASP D 282 -35.55 -37.18 5.16
N ARG D 283 -35.41 -36.80 6.43
CA ARG D 283 -36.12 -35.62 6.91
C ARG D 283 -35.75 -34.38 6.10
N LEU D 284 -34.50 -34.29 5.66
CA LEU D 284 -34.06 -33.14 4.87
C LEU D 284 -34.72 -33.12 3.49
N LEU D 285 -34.99 -34.29 2.92
CA LEU D 285 -35.65 -34.32 1.61
C LEU D 285 -37.10 -33.91 1.71
N ARG D 286 -37.76 -34.20 2.84
CA ARG D 286 -39.13 -33.75 3.04
C ARG D 286 -39.26 -32.24 3.11
N VAL D 287 -38.16 -31.50 3.23
CA VAL D 287 -38.27 -30.08 3.57
C VAL D 287 -37.42 -29.18 2.68
N HIS D 288 -36.28 -29.67 2.18
CA HIS D 288 -35.31 -28.80 1.54
C HIS D 288 -34.82 -29.35 0.21
N GLY D 289 -34.67 -28.46 -0.77
CA GLY D 289 -34.33 -28.84 -2.13
C GLY D 289 -32.86 -28.99 -2.45
N ASP D 290 -31.97 -28.67 -1.52
CA ASP D 290 -30.53 -28.95 -1.68
C ASP D 290 -29.95 -29.24 -0.31
N PRO D 291 -30.16 -30.45 0.21
CA PRO D 291 -29.70 -30.76 1.57
C PRO D 291 -28.23 -30.42 1.81
N ALA D 292 -27.37 -30.59 0.80
CA ALA D 292 -25.95 -30.33 0.99
C ALA D 292 -25.70 -28.89 1.42
N VAL D 293 -26.31 -27.94 0.72
CA VAL D 293 -26.17 -26.53 1.10
C VAL D 293 -26.72 -26.31 2.50
N TRP D 294 -27.84 -26.96 2.82
CA TRP D 294 -28.40 -26.84 4.16
C TRP D 294 -27.40 -27.29 5.21
N TRP D 295 -26.75 -28.43 4.98
CA TRP D 295 -25.77 -28.93 5.95
C TRP D 295 -24.65 -27.92 6.15
N VAL D 296 -24.10 -27.39 5.06
CA VAL D 296 -23.04 -26.40 5.18
C VAL D 296 -23.53 -25.17 5.94
N SER D 297 -24.78 -24.75 5.70
CA SER D 297 -25.28 -23.53 6.31
C SER D 297 -25.42 -23.65 7.82
N GLN D 298 -25.57 -24.86 8.36
CA GLN D 298 -25.71 -25.00 9.81
C GLN D 298 -24.42 -24.61 10.53
N PHE D 299 -23.27 -24.99 9.97
CA PHE D 299 -22.00 -24.58 10.57
C PHE D 299 -21.73 -23.10 10.33
N VAL D 300 -22.19 -22.55 9.20
CA VAL D 300 -22.05 -21.11 8.98
C VAL D 300 -22.91 -20.34 9.97
N LYS D 301 -24.15 -20.82 10.20
CA LYS D 301 -25.03 -20.18 11.17
C LYS D 301 -24.37 -20.08 12.54
N TYR D 302 -23.72 -21.16 12.98
CA TYR D 302 -23.12 -21.17 14.30
C TYR D 302 -21.88 -20.28 14.37
N LEU D 303 -21.10 -20.25 13.30
CA LEU D 303 -19.83 -19.51 13.34
C LEU D 303 -20.05 -18.00 13.40
N ILE D 304 -21.08 -17.50 12.70
CA ILE D 304 -21.19 -16.05 12.50
C ILE D 304 -22.06 -15.40 13.57
N ARG D 305 -22.23 -16.05 14.71
CA ARG D 305 -22.90 -15.40 15.82
C ARG D 305 -22.15 -14.11 16.16
N PRO D 306 -22.79 -12.95 16.11
CA PRO D 306 -22.04 -11.69 16.21
C PRO D 306 -21.73 -11.28 17.64
N GLN D 307 -20.63 -10.52 17.77
CA GLN D 307 -20.35 -9.82 19.01
C GLN D 307 -21.35 -8.69 19.21
N PRO D 308 -21.56 -8.26 20.45
CA PRO D 308 -22.58 -7.23 20.71
C PRO D 308 -22.44 -5.99 19.82
N TRP D 309 -21.22 -5.50 19.62
CA TRP D 309 -21.06 -4.30 18.80
C TRP D 309 -21.48 -4.53 17.36
N LEU D 310 -21.14 -5.71 16.82
CA LEU D 310 -21.52 -6.01 15.44
C LEU D 310 -23.02 -6.25 15.32
N GLU D 311 -23.62 -6.90 16.31
CA GLU D 311 -25.07 -7.05 16.32
C GLU D 311 -25.76 -5.69 16.30
N LYS D 312 -25.22 -4.72 17.03
CA LYS D 312 -25.79 -3.38 17.02
C LYS D 312 -25.62 -2.72 15.66
N GLU D 313 -24.45 -2.88 15.04
CA GLU D 313 -24.21 -2.27 13.73
C GLU D 313 -25.14 -2.83 12.67
N ILE D 314 -25.49 -4.12 12.76
CA ILE D 314 -26.43 -4.69 11.80
C ILE D 314 -27.80 -4.07 11.95
N GLU D 315 -28.22 -3.83 13.20
CA GLU D 315 -29.54 -3.24 13.43
C GLU D 315 -29.59 -1.81 12.93
N GLU D 316 -28.56 -1.02 13.22
CA GLU D 316 -28.55 0.37 12.78
C GLU D 316 -28.51 0.49 11.27
N ALA D 317 -27.76 -0.38 10.61
CA ALA D 317 -27.69 -0.36 9.16
C ALA D 317 -29.03 -0.70 8.53
N THR D 318 -29.76 -1.65 9.13
CA THR D 318 -31.10 -1.96 8.65
C THR D 318 -31.97 -0.71 8.62
N LYS D 319 -31.95 0.05 9.71
CA LYS D 319 -32.76 1.27 9.77
C LYS D 319 -32.25 2.32 8.77
N LYS D 320 -30.93 2.56 8.76
CA LYS D 320 -30.39 3.65 7.96
C LYS D 320 -30.52 3.37 6.47
N LEU D 321 -30.38 2.12 6.06
CA LEU D 321 -30.49 1.79 4.64
C LEU D 321 -31.94 1.71 4.18
N GLY D 322 -32.90 1.63 5.10
CA GLY D 322 -34.27 1.41 4.69
C GLY D 322 -34.51 0.06 4.08
N PHE D 323 -33.78 -0.96 4.53
CA PHE D 323 -33.88 -2.31 3.99
C PHE D 323 -35.23 -2.91 4.34
N LYS D 324 -36.07 -3.10 3.33
CA LYS D 324 -37.39 -3.69 3.53
C LYS D 324 -37.77 -4.51 2.30
N HIS D 325 -38.88 -5.22 2.42
CA HIS D 325 -39.27 -6.21 1.42
C HIS D 325 -40.46 -5.76 0.60
N PRO D 326 -40.64 -6.32 -0.60
CA PRO D 326 -39.70 -7.29 -1.17
C PRO D 326 -38.40 -6.64 -1.64
N VAL D 327 -37.33 -7.40 -1.69
CA VAL D 327 -36.03 -6.88 -2.11
C VAL D 327 -35.23 -8.02 -2.70
N ILE D 328 -34.50 -7.73 -3.78
CA ILE D 328 -33.64 -8.70 -4.45
C ILE D 328 -32.19 -8.29 -4.21
N GLY D 329 -31.37 -9.23 -3.77
CA GLY D 329 -29.95 -8.98 -3.55
C GLY D 329 -29.15 -9.24 -4.82
N VAL D 330 -28.22 -8.33 -5.11
CA VAL D 330 -27.38 -8.42 -6.29
C VAL D 330 -25.94 -8.18 -5.87
N HIS D 331 -25.08 -9.18 -6.08
CA HIS D 331 -23.66 -9.07 -5.78
C HIS D 331 -22.88 -9.02 -7.10
N VAL D 332 -22.20 -7.91 -7.32
CA VAL D 332 -21.44 -7.67 -8.54
C VAL D 332 -19.97 -7.70 -8.17
N ARG D 333 -19.30 -8.82 -8.45
CA ARG D 333 -17.89 -9.01 -8.10
C ARG D 333 -17.01 -8.59 -9.27
N ARG D 334 -16.06 -7.69 -9.01
CA ARG D 334 -15.16 -7.25 -10.06
C ARG D 334 -13.73 -7.16 -9.55
N THR D 335 -13.09 -6.00 -9.70
CA THR D 335 -11.69 -5.80 -9.35
C THR D 335 -10.83 -7.01 -9.72
N ASP D 336 -10.24 -7.68 -8.74
CA ASP D 336 -9.20 -8.66 -9.00
C ASP D 336 -9.74 -10.04 -9.38
N LYS D 337 -11.04 -10.30 -9.19
CA LYS D 337 -11.62 -11.55 -9.66
C LYS D 337 -11.67 -11.63 -11.18
N VAL D 338 -11.67 -10.48 -11.85
CA VAL D 338 -11.85 -10.44 -13.29
C VAL D 338 -10.53 -10.75 -13.98
N GLY D 339 -10.56 -11.69 -14.91
CA GLY D 339 -9.34 -12.11 -15.58
C GLY D 339 -8.52 -13.15 -14.84
N THR D 340 -8.88 -13.47 -13.60
CA THR D 340 -8.22 -14.52 -12.83
C THR D 340 -9.15 -15.71 -12.68
N GLU D 341 -10.25 -15.57 -11.94
CA GLU D 341 -11.16 -16.67 -11.66
C GLU D 341 -12.54 -16.50 -12.30
N ALA D 342 -12.89 -15.31 -12.76
CA ALA D 342 -14.21 -15.07 -13.33
C ALA D 342 -14.10 -13.98 -14.38
N ALA D 343 -15.23 -13.67 -15.01
CA ALA D 343 -15.31 -12.65 -16.03
C ALA D 343 -16.02 -11.42 -15.50
N PHE D 344 -15.82 -10.30 -16.19
CA PHE D 344 -16.59 -9.10 -15.94
C PHE D 344 -18.01 -9.28 -16.50
N HIS D 345 -19.00 -8.95 -15.69
CA HIS D 345 -20.38 -9.01 -16.15
C HIS D 345 -21.00 -7.62 -16.03
N PRO D 346 -21.55 -7.08 -17.11
CA PRO D 346 -22.16 -5.75 -17.03
C PRO D 346 -23.42 -5.77 -16.17
N ILE D 347 -23.77 -4.58 -15.65
CA ILE D 347 -24.93 -4.49 -14.77
C ILE D 347 -26.19 -4.94 -15.48
N GLU D 348 -26.28 -4.70 -16.79
CA GLU D 348 -27.46 -5.13 -17.54
C GLU D 348 -27.70 -6.63 -17.41
N GLU D 349 -26.63 -7.42 -17.32
CA GLU D 349 -26.78 -8.88 -17.30
C GLU D 349 -27.39 -9.34 -15.98
N TYR D 350 -27.02 -8.71 -14.87
CA TYR D 350 -27.67 -9.03 -13.60
C TYR D 350 -29.13 -8.62 -13.60
N MET D 351 -29.43 -7.45 -14.18
CA MET D 351 -30.75 -6.86 -14.03
C MET D 351 -31.83 -7.57 -14.83
N VAL D 352 -31.49 -8.31 -15.87
CA VAL D 352 -32.51 -9.06 -16.59
C VAL D 352 -33.14 -10.09 -15.66
N HIS D 353 -32.32 -10.74 -14.83
CA HIS D 353 -32.85 -11.74 -13.90
C HIS D 353 -33.54 -11.09 -12.71
N VAL D 354 -33.14 -9.86 -12.35
CA VAL D 354 -33.88 -9.11 -11.35
C VAL D 354 -35.27 -8.76 -11.88
N GLU D 355 -35.32 -8.20 -13.10
CA GLU D 355 -36.61 -7.83 -13.67
C GLU D 355 -37.49 -9.07 -13.86
N GLU D 356 -36.91 -10.15 -14.38
CA GLU D 356 -37.68 -11.38 -14.56
C GLU D 356 -38.29 -11.85 -13.24
N HIS D 357 -37.50 -11.83 -12.17
CA HIS D 357 -38.03 -12.33 -10.90
C HIS D 357 -39.09 -11.39 -10.33
N PHE D 358 -38.94 -10.08 -10.52
CA PHE D 358 -40.01 -9.19 -10.08
C PHE D 358 -41.28 -9.41 -10.88
N GLN D 359 -41.15 -9.74 -12.17
CA GLN D 359 -42.31 -10.13 -12.96
C GLN D 359 -43.00 -11.34 -12.33
N LEU D 360 -42.23 -12.37 -12.01
CA LEU D 360 -42.80 -13.53 -11.32
C LEU D 360 -43.48 -13.12 -10.02
N LEU D 361 -42.77 -12.38 -9.18
CA LEU D 361 -43.35 -11.95 -7.90
C LEU D 361 -44.62 -11.14 -8.10
N ALA D 362 -44.70 -10.36 -9.18
CA ALA D 362 -45.87 -9.51 -9.39
C ALA D 362 -47.14 -10.31 -9.61
N ARG D 363 -47.03 -11.56 -10.05
CA ARG D 363 -48.21 -12.37 -10.29
C ARG D 363 -48.87 -12.86 -9.01
N ARG D 364 -48.19 -12.75 -7.86
CA ARG D 364 -48.72 -13.24 -6.60
C ARG D 364 -48.76 -12.19 -5.51
N MET D 365 -48.31 -10.96 -5.77
CA MET D 365 -48.30 -9.91 -4.75
C MET D 365 -48.15 -8.57 -5.45
N GLN D 366 -48.57 -7.52 -4.75
CA GLN D 366 -48.38 -6.16 -5.22
C GLN D 366 -46.95 -5.73 -4.88
N VAL D 367 -46.19 -5.35 -5.88
CA VAL D 367 -44.82 -4.86 -5.70
C VAL D 367 -44.90 -3.34 -5.68
N ASP D 368 -44.92 -2.77 -4.46
CA ASP D 368 -44.97 -1.31 -4.33
C ASP D 368 -43.83 -0.66 -5.11
N LYS D 369 -42.59 -1.02 -4.77
CA LYS D 369 -41.40 -0.48 -5.41
C LYS D 369 -40.42 -1.62 -5.62
N LYS D 370 -39.68 -1.59 -6.72
CA LYS D 370 -38.71 -2.62 -7.04
C LYS D 370 -37.38 -2.27 -6.40
N ARG D 371 -37.01 -3.00 -5.35
CA ARG D 371 -35.82 -2.72 -4.56
C ARG D 371 -34.74 -3.76 -4.82
N VAL D 372 -33.51 -3.30 -4.96
CA VAL D 372 -32.33 -4.15 -5.08
C VAL D 372 -31.34 -3.74 -4.02
N TYR D 373 -30.85 -4.70 -3.25
CA TYR D 373 -29.70 -4.46 -2.39
C TYR D 373 -28.44 -4.79 -3.21
N LEU D 374 -27.63 -3.77 -3.47
CA LEU D 374 -26.47 -3.90 -4.34
C LEU D 374 -25.22 -4.00 -3.47
N ALA D 375 -24.57 -5.16 -3.51
CA ALA D 375 -23.26 -5.37 -2.91
C ALA D 375 -22.23 -5.46 -4.03
N THR D 376 -21.21 -4.62 -3.95
CA THR D 376 -20.19 -4.63 -4.99
C THR D 376 -18.88 -4.10 -4.43
N ASP D 377 -17.77 -4.54 -5.03
CA ASP D 377 -16.46 -3.99 -4.73
C ASP D 377 -16.02 -2.97 -5.77
N ASP D 378 -16.92 -2.60 -6.68
CA ASP D 378 -16.69 -1.54 -7.66
C ASP D 378 -17.43 -0.30 -7.19
N PRO D 379 -16.75 0.68 -6.59
CA PRO D 379 -17.47 1.85 -6.03
C PRO D 379 -18.17 2.70 -7.08
N THR D 380 -17.84 2.56 -8.36
CA THR D 380 -18.45 3.37 -9.41
C THR D 380 -19.74 2.79 -9.93
N LEU D 381 -20.14 1.60 -9.47
CA LEU D 381 -21.27 0.90 -10.08
C LEU D 381 -22.62 1.44 -9.61
N LEU D 382 -22.72 1.87 -8.35
CA LEU D 382 -24.01 2.32 -7.83
C LEU D 382 -24.57 3.46 -8.67
N LYS D 383 -23.74 4.47 -8.96
CA LYS D 383 -24.19 5.59 -9.77
C LYS D 383 -24.64 5.12 -11.15
N GLU D 384 -23.84 4.28 -11.80
CA GLU D 384 -24.22 3.73 -13.09
C GLU D 384 -25.57 3.04 -13.01
N ALA D 385 -25.76 2.20 -11.99
CA ALA D 385 -27.00 1.45 -11.87
C ALA D 385 -28.19 2.38 -11.68
N LYS D 386 -28.04 3.36 -10.77
CA LYS D 386 -29.17 4.25 -10.48
C LYS D 386 -29.66 4.95 -11.74
N THR D 387 -28.74 5.47 -12.56
CA THR D 387 -29.17 6.20 -13.75
C THR D 387 -29.67 5.27 -14.84
N LYS D 388 -29.15 4.04 -14.92
CA LYS D 388 -29.60 3.11 -15.94
C LYS D 388 -30.95 2.47 -15.63
N TYR D 389 -31.37 2.47 -14.36
CA TYR D 389 -32.62 1.85 -13.95
C TYR D 389 -33.32 2.77 -12.96
N SER D 390 -33.85 3.89 -13.49
CA SER D 390 -34.44 4.91 -12.65
C SER D 390 -35.73 4.45 -11.97
N ASN D 391 -36.35 3.39 -12.45
CA ASN D 391 -37.57 2.89 -11.82
C ASN D 391 -37.29 2.01 -10.61
N TYR D 392 -36.03 1.65 -10.36
CA TYR D 392 -35.65 0.80 -9.24
C TYR D 392 -35.15 1.63 -8.07
N GLU D 393 -35.32 1.09 -6.86
CA GLU D 393 -34.75 1.66 -5.65
C GLU D 393 -33.54 0.81 -5.27
N PHE D 394 -32.35 1.39 -5.36
CA PHE D 394 -31.12 0.68 -5.05
C PHE D 394 -30.70 1.02 -3.62
N ILE D 395 -30.64 -0.02 -2.78
CA ILE D 395 -30.14 0.11 -1.41
C ILE D 395 -28.71 -0.38 -1.40
N SER D 396 -27.80 0.44 -0.89
CA SER D 396 -26.38 0.16 -1.02
C SER D 396 -25.61 1.09 -0.11
N ASP D 397 -24.42 0.63 0.30
CA ASP D 397 -23.50 1.40 1.12
C ASP D 397 -22.26 1.66 0.27
N ASN D 398 -22.21 2.82 -0.38
CA ASN D 398 -21.11 3.09 -1.29
C ASN D 398 -19.77 3.14 -0.56
N SER D 399 -19.77 3.53 0.72
CA SER D 399 -18.50 3.57 1.44
C SER D 399 -18.02 2.17 1.80
N ILE D 400 -18.94 1.21 2.01
CA ILE D 400 -18.52 -0.17 2.17
C ILE D 400 -17.84 -0.66 0.89
N SER D 401 -18.42 -0.33 -0.26
CA SER D 401 -17.80 -0.68 -1.53
C SER D 401 -16.38 -0.13 -1.62
N TRP D 402 -16.18 1.12 -1.21
CA TRP D 402 -14.84 1.70 -1.22
C TRP D 402 -13.90 0.93 -0.29
N SER D 403 -14.37 0.62 0.92
CA SER D 403 -13.55 -0.15 1.86
C SER D 403 -13.12 -1.48 1.27
N ALA D 404 -13.82 -1.98 0.25
CA ALA D 404 -13.47 -3.23 -0.40
C ALA D 404 -12.33 -3.09 -1.39
N GLY D 405 -11.83 -1.87 -1.61
CA GLY D 405 -10.77 -1.68 -2.58
C GLY D 405 -9.54 -2.52 -2.29
N LEU D 406 -8.78 -2.79 -3.35
CA LEU D 406 -7.64 -3.68 -3.23
C LEU D 406 -6.61 -3.14 -2.23
N HIS D 407 -6.30 -1.85 -2.31
CA HIS D 407 -5.26 -1.28 -1.45
C HIS D 407 -5.54 -1.49 0.03
N ASN D 408 -6.81 -1.63 0.42
CA ASN D 408 -7.22 -1.53 1.81
C ASN D 408 -8.20 -2.63 2.21
N ARG D 409 -8.15 -3.77 1.52
CA ARG D 409 -9.21 -4.76 1.71
C ARG D 409 -9.08 -5.49 3.04
N TYR D 410 -7.85 -5.75 3.48
CA TYR D 410 -7.61 -6.66 4.61
C TYR D 410 -7.42 -5.87 5.90
N THR D 411 -8.54 -5.51 6.51
CA THR D 411 -8.57 -4.72 7.74
C THR D 411 -9.98 -4.76 8.30
N GLU D 412 -10.11 -4.44 9.59
CA GLU D 412 -11.37 -4.65 10.30
C GLU D 412 -12.52 -3.90 9.64
N ASN D 413 -12.33 -2.61 9.35
CA ASN D 413 -13.41 -1.82 8.77
C ASN D 413 -13.95 -2.47 7.49
N SER D 414 -13.05 -3.05 6.68
CA SER D 414 -13.47 -3.75 5.48
C SER D 414 -14.13 -5.09 5.83
N LEU D 415 -13.62 -5.78 6.85
CA LEU D 415 -14.26 -7.00 7.31
C LEU D 415 -15.68 -6.74 7.77
N ARG D 416 -15.88 -5.68 8.54
CA ARG D 416 -17.22 -5.27 8.93
C ARG D 416 -18.11 -5.04 7.71
N GLY D 417 -17.56 -4.41 6.67
CA GLY D 417 -18.35 -4.12 5.48
C GLY D 417 -18.84 -5.37 4.78
N VAL D 418 -17.92 -6.32 4.54
CA VAL D 418 -18.32 -7.50 3.79
C VAL D 418 -19.28 -8.37 4.62
N ILE D 419 -19.12 -8.37 5.94
CA ILE D 419 -20.09 -9.07 6.79
C ILE D 419 -21.46 -8.46 6.61
N LEU D 420 -21.55 -7.12 6.61
CA LEU D 420 -22.84 -6.46 6.43
C LEU D 420 -23.40 -6.74 5.04
N ASP D 421 -22.59 -6.53 3.99
CA ASP D 421 -23.05 -6.82 2.64
C ASP D 421 -23.59 -8.25 2.54
N ILE D 422 -22.87 -9.21 3.14
CA ILE D 422 -23.32 -10.59 3.09
C ILE D 422 -24.62 -10.76 3.88
N HIS D 423 -24.71 -10.15 5.06
CA HIS D 423 -25.93 -10.24 5.85
C HIS D 423 -27.14 -9.82 5.04
N PHE D 424 -27.05 -8.67 4.36
CA PHE D 424 -28.21 -8.14 3.66
C PHE D 424 -28.50 -8.92 2.38
N LEU D 425 -27.46 -9.35 1.66
CA LEU D 425 -27.68 -10.26 0.53
C LEU D 425 -28.46 -11.49 0.98
N SER D 426 -28.06 -12.07 2.11
CA SER D 426 -28.69 -13.30 2.59
C SER D 426 -30.13 -13.07 3.06
N GLN D 427 -30.50 -11.82 3.36
CA GLN D 427 -31.85 -11.51 3.79
C GLN D 427 -32.80 -11.22 2.63
N ALA D 428 -32.29 -11.05 1.42
CA ALA D 428 -33.13 -10.70 0.30
C ALA D 428 -34.06 -11.87 -0.07
N ASP D 429 -35.12 -11.55 -0.80
CA ASP D 429 -36.11 -12.53 -1.23
C ASP D 429 -35.62 -13.38 -2.41
N PHE D 430 -34.50 -12.99 -3.01
CA PHE D 430 -33.94 -13.62 -4.20
C PHE D 430 -32.53 -13.06 -4.37
N LEU D 431 -31.67 -13.84 -5.01
CA LEU D 431 -30.25 -13.51 -5.08
C LEU D 431 -29.77 -13.67 -6.52
N VAL D 432 -29.18 -12.61 -7.07
CA VAL D 432 -28.61 -12.62 -8.41
C VAL D 432 -27.13 -12.27 -8.30
N CYS D 433 -26.27 -13.14 -8.81
CA CYS D 433 -24.83 -12.99 -8.60
C CYS D 433 -24.08 -14.01 -9.45
N THR D 434 -22.77 -14.13 -9.21
CA THR D 434 -21.92 -15.15 -9.78
C THR D 434 -21.50 -16.10 -8.66
N PHE D 435 -21.92 -17.35 -8.75
CA PHE D 435 -21.54 -18.31 -7.71
C PHE D 435 -20.05 -18.62 -7.70
N SER D 436 -19.30 -18.20 -8.72
CA SER D 436 -17.86 -18.38 -8.69
C SER D 436 -17.21 -17.59 -7.55
N SER D 437 -17.91 -16.59 -7.02
CA SER D 437 -17.40 -15.76 -5.93
C SER D 437 -17.90 -16.30 -4.60
N GLN D 438 -16.98 -16.47 -3.65
CA GLN D 438 -17.35 -17.02 -2.34
C GLN D 438 -18.30 -16.09 -1.59
N VAL D 439 -18.24 -14.78 -1.88
CA VAL D 439 -19.11 -13.85 -1.18
C VAL D 439 -20.58 -14.22 -1.39
N CYS D 440 -20.96 -14.50 -2.64
CA CYS D 440 -22.36 -14.83 -2.88
C CYS D 440 -22.72 -16.19 -2.28
N ARG D 441 -21.79 -17.15 -2.31
CA ARG D 441 -22.10 -18.46 -1.78
C ARG D 441 -22.38 -18.40 -0.28
N VAL D 442 -21.61 -17.61 0.47
CA VAL D 442 -21.89 -17.43 1.89
C VAL D 442 -23.30 -16.89 2.09
N ALA D 443 -23.66 -15.83 1.34
CA ALA D 443 -25.00 -15.27 1.46
C ALA D 443 -26.07 -16.28 1.07
N TYR D 444 -25.83 -17.04 0.00
CA TYR D 444 -26.76 -18.10 -0.37
C TYR D 444 -26.91 -19.11 0.76
N GLU D 445 -25.80 -19.53 1.36
CA GLU D 445 -25.85 -20.48 2.46
C GLU D 445 -26.63 -19.92 3.64
N ILE D 446 -26.28 -18.72 4.10
CA ILE D 446 -26.99 -18.11 5.24
C ILE D 446 -28.48 -18.03 4.97
N MET D 447 -28.85 -17.71 3.72
CA MET D 447 -30.25 -17.60 3.36
C MET D 447 -31.02 -18.89 3.65
N GLN D 448 -30.36 -20.04 3.51
CA GLN D 448 -31.02 -21.32 3.77
C GLN D 448 -31.48 -21.46 5.22
N THR D 449 -30.90 -20.69 6.13
CA THR D 449 -31.27 -20.73 7.53
C THR D 449 -32.32 -19.68 7.89
N LEU D 450 -32.84 -18.96 6.90
CA LEU D 450 -33.84 -17.92 7.13
C LEU D 450 -35.21 -18.25 6.57
N HIS D 451 -35.37 -19.40 5.92
CA HIS D 451 -36.65 -19.84 5.40
C HIS D 451 -36.67 -21.36 5.39
N PRO D 452 -37.84 -21.98 5.24
CA PRO D 452 -37.89 -23.45 5.17
C PRO D 452 -37.07 -24.01 4.03
N ASP D 453 -37.23 -23.50 2.81
CA ASP D 453 -36.49 -24.01 1.66
C ASP D 453 -36.26 -22.86 0.67
N ALA D 454 -35.12 -22.20 0.79
CA ALA D 454 -34.71 -21.16 -0.14
C ALA D 454 -33.67 -21.66 -1.13
N SER D 455 -33.60 -22.98 -1.36
CA SER D 455 -32.57 -23.53 -2.22
C SER D 455 -32.65 -22.99 -3.64
N ALA D 456 -33.85 -22.60 -4.10
CA ALA D 456 -34.05 -22.16 -5.48
C ALA D 456 -34.11 -20.65 -5.64
N ASN D 457 -33.88 -19.89 -4.57
CA ASN D 457 -34.07 -18.44 -4.64
C ASN D 457 -32.80 -17.73 -5.09
N PHE D 458 -32.27 -18.14 -6.24
CA PHE D 458 -31.04 -17.57 -6.76
C PHE D 458 -30.99 -17.74 -8.27
N HIS D 459 -30.12 -16.94 -8.90
CA HIS D 459 -29.70 -17.17 -10.28
C HIS D 459 -28.23 -16.79 -10.39
N SER D 460 -27.41 -17.71 -10.86
CA SER D 460 -25.97 -17.49 -11.02
C SER D 460 -25.65 -17.26 -12.49
N LEU D 461 -24.90 -16.19 -12.77
CA LEU D 461 -24.47 -15.93 -14.13
C LEU D 461 -23.39 -16.90 -14.60
N ASP D 462 -22.75 -17.64 -13.71
CA ASP D 462 -21.77 -18.63 -14.17
C ASP D 462 -21.93 -19.96 -13.43
N ASP D 463 -21.29 -20.12 -12.29
CA ASP D 463 -21.15 -21.43 -11.68
C ASP D 463 -22.44 -21.87 -10.99
N ILE D 464 -22.58 -23.19 -10.85
CA ILE D 464 -23.58 -23.78 -9.97
C ILE D 464 -23.03 -23.73 -8.56
N TYR D 465 -23.84 -24.11 -7.57
CA TYR D 465 -23.32 -24.13 -6.22
C TYR D 465 -22.19 -25.15 -6.12
N TYR D 466 -21.13 -24.77 -5.40
CA TYR D 466 -20.06 -25.69 -5.05
C TYR D 466 -19.41 -25.22 -3.76
N PHE D 467 -18.74 -26.15 -3.09
CA PHE D 467 -17.98 -25.88 -1.89
C PHE D 467 -16.54 -26.30 -2.14
N GLY D 468 -15.62 -25.34 -2.06
CA GLY D 468 -14.22 -25.60 -2.32
C GLY D 468 -13.68 -26.77 -1.52
N GLY D 469 -13.13 -27.77 -2.20
CA GLY D 469 -12.64 -28.97 -1.56
C GLY D 469 -13.64 -30.11 -1.52
N GLN D 470 -14.86 -29.89 -2.00
CA GLN D 470 -15.89 -30.91 -1.96
C GLN D 470 -15.45 -32.16 -2.72
N ASN D 471 -16.11 -33.28 -2.41
CA ASN D 471 -15.97 -34.47 -3.22
C ASN D 471 -16.70 -34.27 -4.55
N ALA D 472 -16.33 -35.09 -5.53
CA ALA D 472 -16.93 -35.00 -6.87
C ALA D 472 -18.44 -34.86 -6.77
N HIS D 473 -18.97 -33.85 -7.48
CA HIS D 473 -20.40 -33.64 -7.58
C HIS D 473 -20.92 -34.48 -8.73
N ASN D 474 -21.60 -35.58 -8.40
CA ASN D 474 -22.07 -36.54 -9.39
C ASN D 474 -23.58 -36.49 -9.51
N GLN D 475 -24.06 -36.78 -10.71
CA GLN D 475 -25.46 -36.97 -11.00
C GLN D 475 -25.67 -38.38 -11.55
N ILE D 476 -26.94 -38.76 -11.63
CA ILE D 476 -27.32 -40.04 -12.23
C ILE D 476 -28.21 -39.71 -13.42
N ALA D 477 -27.82 -40.19 -14.60
CA ALA D 477 -28.67 -40.03 -15.77
C ALA D 477 -29.94 -40.86 -15.59
N VAL D 478 -31.09 -40.24 -15.82
CA VAL D 478 -32.37 -40.93 -15.69
C VAL D 478 -32.95 -41.29 -17.05
N TYR D 479 -32.79 -40.42 -18.03
CA TYR D 479 -33.28 -40.68 -19.38
C TYR D 479 -32.11 -40.74 -20.35
N PRO D 480 -32.22 -41.53 -21.41
CA PRO D 480 -31.10 -41.68 -22.34
C PRO D 480 -30.89 -40.43 -23.19
N HIS D 481 -29.66 -40.27 -23.68
CA HIS D 481 -29.34 -39.16 -24.57
C HIS D 481 -28.49 -39.64 -25.74
N LYS D 482 -28.93 -39.31 -26.95
CA LYS D 482 -28.13 -39.54 -28.14
C LYS D 482 -27.54 -38.21 -28.60
N PRO D 483 -26.22 -38.09 -28.66
CA PRO D 483 -25.62 -36.79 -29.01
C PRO D 483 -26.04 -36.33 -30.39
N ARG D 484 -26.48 -35.07 -30.46
CA ARG D 484 -26.82 -34.47 -31.75
C ARG D 484 -25.64 -33.74 -32.39
N THR D 485 -24.64 -33.35 -31.59
CA THR D 485 -23.37 -32.83 -32.08
C THR D 485 -22.26 -33.54 -31.33
N GLU D 486 -21.01 -33.27 -31.73
CA GLU D 486 -19.89 -33.87 -31.03
C GLU D 486 -19.57 -33.17 -29.72
N GLU D 487 -20.11 -31.98 -29.48
CA GLU D 487 -19.99 -31.34 -28.18
C GLU D 487 -20.79 -32.07 -27.11
N GLU D 488 -21.69 -32.96 -27.48
CA GLU D 488 -22.56 -33.64 -26.55
C GLU D 488 -22.02 -35.04 -26.26
N ILE D 489 -22.32 -35.53 -25.06
CA ILE D 489 -21.93 -36.88 -24.65
C ILE D 489 -23.17 -37.76 -24.65
N PRO D 490 -23.04 -39.04 -24.92
CA PRO D 490 -24.17 -39.95 -24.75
C PRO D 490 -24.39 -40.32 -23.30
N MET D 491 -25.62 -40.72 -22.99
CA MET D 491 -26.00 -41.12 -21.64
C MET D 491 -27.03 -42.23 -21.73
N GLU D 492 -26.92 -43.20 -20.82
CA GLU D 492 -27.92 -44.23 -20.61
C GLU D 492 -28.40 -44.16 -19.17
N PRO D 493 -29.67 -44.50 -18.91
CA PRO D 493 -30.16 -44.47 -17.53
C PRO D 493 -29.26 -45.24 -16.58
N GLY D 494 -28.76 -44.56 -15.54
CA GLY D 494 -27.89 -45.17 -14.55
C GLY D 494 -26.45 -44.72 -14.60
N ASP D 495 -26.02 -44.08 -15.69
CA ASP D 495 -24.65 -43.60 -15.79
C ASP D 495 -24.39 -42.51 -14.75
N ILE D 496 -23.24 -42.60 -14.10
CA ILE D 496 -22.78 -41.52 -13.22
C ILE D 496 -22.24 -40.40 -14.11
N ILE D 497 -22.79 -39.19 -13.94
CA ILE D 497 -22.33 -38.02 -14.66
C ILE D 497 -21.65 -37.10 -13.67
N GLY D 498 -20.40 -36.74 -13.94
CA GLY D 498 -19.71 -35.75 -13.14
C GLY D 498 -19.97 -34.35 -13.65
N VAL D 499 -20.80 -33.58 -12.93
CA VAL D 499 -21.29 -32.31 -13.43
C VAL D 499 -20.26 -31.21 -13.13
N ALA D 500 -19.76 -30.56 -14.18
CA ALA D 500 -18.91 -29.40 -14.00
C ALA D 500 -19.72 -28.12 -13.84
N GLY D 501 -20.77 -27.95 -14.63
CA GLY D 501 -21.59 -26.76 -14.52
C GLY D 501 -22.88 -26.90 -15.28
N ASN D 502 -23.73 -25.90 -15.10
CA ASN D 502 -25.01 -25.78 -15.80
C ASN D 502 -24.94 -24.52 -16.65
N HIS D 503 -25.10 -24.68 -17.96
CA HIS D 503 -24.95 -23.55 -18.85
C HIS D 503 -26.18 -22.65 -18.92
N TRP D 504 -27.25 -23.00 -18.18
CA TRP D 504 -28.45 -22.16 -18.09
C TRP D 504 -29.10 -21.95 -19.45
N ASP D 505 -28.89 -22.90 -20.36
CA ASP D 505 -29.50 -22.87 -21.69
C ASP D 505 -30.19 -24.19 -22.02
N GLY D 506 -30.44 -25.02 -21.01
CA GLY D 506 -30.96 -26.36 -21.22
C GLY D 506 -29.91 -27.45 -21.17
N TYR D 507 -28.64 -27.09 -21.23
CA TYR D 507 -27.56 -28.06 -21.25
C TYR D 507 -26.62 -27.85 -20.07
N SER D 508 -26.10 -28.96 -19.56
CA SER D 508 -25.01 -28.95 -18.59
C SER D 508 -23.76 -29.54 -19.22
N LYS D 509 -22.62 -29.28 -18.58
CA LYS D 509 -21.35 -29.83 -19.01
C LYS D 509 -20.83 -30.76 -17.93
N GLY D 510 -20.34 -31.92 -18.34
CA GLY D 510 -19.80 -32.86 -17.38
C GLY D 510 -19.12 -34.00 -18.10
N ILE D 511 -18.76 -35.01 -17.32
CA ILE D 511 -18.10 -36.21 -17.83
C ILE D 511 -18.99 -37.40 -17.51
N ASN D 512 -19.40 -38.13 -18.54
CA ASN D 512 -20.02 -39.44 -18.32
C ASN D 512 -18.93 -40.40 -17.86
N ARG D 513 -18.93 -40.71 -16.56
CA ARG D 513 -17.80 -41.45 -16.00
C ARG D 513 -17.74 -42.88 -16.54
N LYS D 514 -18.88 -43.48 -16.87
CA LYS D 514 -18.87 -44.82 -17.45
C LYS D 514 -18.12 -44.84 -18.78
N LEU D 515 -18.29 -43.79 -19.59
CA LEU D 515 -17.66 -43.71 -20.90
C LEU D 515 -16.33 -42.98 -20.91
N GLY D 516 -16.05 -42.17 -19.90
CA GLY D 516 -14.86 -41.35 -19.91
C GLY D 516 -14.88 -40.24 -20.94
N LYS D 517 -16.06 -39.76 -21.30
CA LYS D 517 -16.22 -38.68 -22.27
C LYS D 517 -16.78 -37.44 -21.57
N THR D 518 -16.22 -36.28 -21.92
CA THR D 518 -16.64 -35.00 -21.38
C THR D 518 -17.37 -34.22 -22.46
N GLY D 519 -18.45 -33.54 -22.08
CA GLY D 519 -19.22 -32.79 -23.05
C GLY D 519 -20.54 -32.31 -22.47
N LEU D 520 -21.45 -31.95 -23.37
CA LEU D 520 -22.74 -31.37 -23.03
C LEU D 520 -23.85 -32.42 -23.02
N TYR D 521 -24.85 -32.19 -22.18
CA TYR D 521 -25.99 -33.09 -22.06
C TYR D 521 -27.17 -32.31 -21.51
N PRO D 522 -28.41 -32.67 -21.85
CA PRO D 522 -29.57 -31.91 -21.38
C PRO D 522 -29.72 -32.02 -19.87
N SER D 523 -29.92 -30.87 -19.22
CA SER D 523 -29.92 -30.81 -17.76
C SER D 523 -31.06 -31.62 -17.16
N TYR D 524 -32.21 -31.66 -17.82
CA TYR D 524 -33.38 -32.32 -17.25
C TYR D 524 -33.28 -33.84 -17.27
N LYS D 525 -32.33 -34.40 -18.00
CA LYS D 525 -32.21 -35.85 -18.12
C LYS D 525 -31.39 -36.47 -16.99
N VAL D 526 -31.04 -35.72 -15.95
CA VAL D 526 -30.29 -36.24 -14.83
C VAL D 526 -31.00 -35.86 -13.53
N ARG D 527 -30.67 -36.59 -12.47
CA ARG D 527 -31.11 -36.29 -11.12
C ARG D 527 -29.90 -36.26 -10.20
N GLU D 528 -30.01 -35.51 -9.11
CA GLU D 528 -28.89 -35.37 -8.19
C GLU D 528 -28.68 -36.67 -7.40
N LYS D 529 -27.41 -37.03 -7.21
CA LYS D 529 -27.02 -38.21 -6.45
C LYS D 529 -26.66 -37.75 -5.04
N ILE D 530 -27.65 -37.71 -4.15
CA ILE D 530 -27.45 -37.21 -2.80
C ILE D 530 -26.61 -38.22 -2.03
N GLU D 531 -25.39 -37.82 -1.69
CA GLU D 531 -24.49 -38.66 -0.92
C GLU D 531 -24.75 -38.51 0.58
N THR D 532 -24.58 -39.61 1.31
CA THR D 532 -24.78 -39.63 2.74
C THR D 532 -23.54 -40.19 3.43
N VAL D 533 -23.39 -39.83 4.70
CA VAL D 533 -22.22 -40.21 5.49
C VAL D 533 -22.69 -40.55 6.89
N LYS D 534 -22.05 -41.56 7.49
CA LYS D 534 -22.35 -41.94 8.87
C LYS D 534 -21.63 -40.96 9.79
N TYR D 535 -22.33 -39.86 10.12
CA TYR D 535 -21.88 -38.90 11.11
C TYR D 535 -22.28 -39.37 12.51
N PRO D 536 -21.53 -38.98 13.54
CA PRO D 536 -22.03 -39.16 14.91
C PRO D 536 -23.32 -38.37 15.07
N THR D 537 -24.17 -38.82 15.99
CA THR D 537 -25.47 -38.21 16.19
C THR D 537 -25.61 -37.53 17.54
N TYR D 538 -24.56 -37.53 18.36
CA TYR D 538 -24.51 -36.88 19.66
C TYR D 538 -25.84 -36.99 20.40
N PRO D 539 -26.23 -38.20 20.79
CA PRO D 539 -27.49 -38.34 21.54
C PRO D 539 -27.47 -37.61 22.87
N GLU D 540 -26.31 -37.55 23.54
CA GLU D 540 -26.22 -36.88 24.82
C GLU D 540 -26.73 -35.44 24.78
N ALA D 541 -26.77 -34.84 23.59
CA ALA D 541 -27.11 -33.43 23.45
C ALA D 541 -28.57 -33.11 23.77
N GLU D 542 -29.41 -34.12 24.02
CA GLU D 542 -30.84 -33.88 24.26
C GLU D 542 -31.13 -33.65 25.73
PB GDP E . 4.73 -20.19 -0.35
O1B GDP E . 4.34 -21.47 -1.04
O2B GDP E . 3.51 -19.55 0.27
O3B GDP E . 5.73 -20.50 0.73
O3A GDP E . 5.43 -19.20 -1.40
PA GDP E . 4.78 -17.85 -1.98
O1A GDP E . 3.65 -18.10 -2.94
O2A GDP E . 5.88 -17.06 -2.66
O5' GDP E . 4.26 -17.06 -0.69
C5' GDP E . 5.11 -16.87 0.44
C4' GDP E . 5.39 -15.38 0.61
O4' GDP E . 5.76 -15.10 1.96
C3' GDP E . 6.57 -14.95 -0.24
O3' GDP E . 6.17 -14.55 -1.54
C2' GDP E . 7.16 -13.81 0.57
O2' GDP E . 6.47 -12.59 0.34
C1' GDP E . 6.92 -14.27 2.00
N9 GDP E . 8.08 -15.11 2.39
C8 GDP E . 8.05 -16.41 2.72
N7 GDP E . 9.31 -16.85 3.01
C5 GDP E . 10.16 -15.82 2.83
C6 GDP E . 11.63 -15.60 2.96
O6 GDP E . 12.39 -16.53 3.30
N1 GDP E . 12.10 -14.37 2.69
C2 GDP E . 11.30 -13.35 2.31
N2 GDP E . 11.87 -12.15 2.06
N3 GDP E . 9.95 -13.49 2.19
C4 GDP E . 9.34 -14.67 2.42
S SO4 F . -11.71 -29.93 -19.47
O1 SO4 F . -10.41 -30.38 -20.00
O2 SO4 F . -12.41 -31.06 -18.88
O3 SO4 F . -11.46 -28.91 -18.45
O4 SO4 F . -12.51 -29.36 -20.54
PB GDP G . 7.60 14.44 12.90
O1B GDP G . 8.04 14.15 11.48
O2B GDP G . 8.62 13.85 13.83
O3B GDP G . 7.53 15.93 13.13
O3A GDP G . 6.19 13.76 13.24
PA GDP G . 5.11 13.22 12.16
O1A GDP G . 4.03 12.44 12.88
O2A GDP G . 4.50 14.34 11.37
O5' GDP G . 5.94 12.23 11.20
C5' GDP G . 6.87 11.28 11.73
C4' GDP G . 6.37 9.89 11.39
O4' GDP G . 7.41 8.92 11.53
C3' GDP G . 5.29 9.47 12.36
O3' GDP G . 3.99 9.87 11.92
C2' GDP G . 5.44 7.95 12.40
O2' GDP G . 4.78 7.34 11.29
C1' GDP G . 6.93 7.77 12.24
N9 GDP G . 7.49 7.82 13.61
C8 GDP G . 8.32 8.76 14.11
N7 GDP G . 8.61 8.51 15.42
C5 GDP G . 7.96 7.39 15.75
C6 GDP G . 7.82 6.56 16.98
O6 GDP G . 8.42 6.86 18.02
N1 GDP G . 7.04 5.46 16.92
C2 GDP G . 6.38 5.11 15.80
N2 GDP G . 5.61 4.00 15.81
N3 GDP G . 6.45 5.82 14.64
C4 GDP G . 7.21 6.94 14.56
S SO4 H . -3.63 37.29 4.22
O1 SO4 H . -2.52 36.42 3.87
O2 SO4 H . -4.58 37.31 3.12
O3 SO4 H . -3.13 38.65 4.44
O4 SO4 H . -4.28 36.82 5.43
PB GDP I . 3.91 19.07 -6.23
O1B GDP I . 3.49 18.14 -5.12
O2B GDP I . 2.88 19.03 -7.32
O3B GDP I . 4.01 20.48 -5.71
O3A GDP I . 5.33 18.62 -6.86
PA GDP I . 6.31 17.49 -6.26
O1A GDP I . 7.28 17.06 -7.34
O2A GDP I . 7.08 17.97 -5.06
O5' GDP I . 5.34 16.26 -5.87
C5' GDP I . 4.45 15.69 -6.83
C4' GDP I . 4.91 14.28 -7.16
O4' GDP I . 3.82 13.52 -7.68
C3' GDP I . 5.96 14.30 -8.27
O3' GDP I . 7.29 14.42 -7.77
C2' GDP I . 5.73 12.97 -8.96
O2' GDP I . 6.35 11.93 -8.21
C1' GDP I . 4.23 12.82 -8.85
N9 GDP I . 3.65 13.48 -10.05
C8 GDP I . 2.83 14.54 -10.04
N7 GDP I . 2.50 14.91 -11.31
C5 GDP I . 3.13 14.07 -12.16
C6 GDP I . 3.24 13.91 -13.62
O6 GDP I . 2.62 14.67 -14.39
N1 GDP I . 4.01 12.92 -14.08
C2 GDP I . 4.69 12.08 -13.27
N2 GDP I . 5.43 11.11 -13.83
N3 GDP I . 4.64 12.18 -11.92
C4 GDP I . 3.90 13.13 -11.31
O1 PG4 J . 4.49 41.82 -43.28
C1 PG4 J . 4.78 42.92 -44.15
C2 PG4 J . 6.22 42.96 -44.50
O2 PG4 J . 6.87 43.84 -43.61
C3 PG4 J . 8.06 44.37 -44.15
C4 PG4 J . 9.20 43.68 -43.51
O3 PG4 J . 9.31 44.12 -42.16
C5 PG4 J . 10.36 43.46 -41.45
C6 PG4 J . 9.77 42.28 -40.74
O4 PG4 J . 10.75 41.26 -40.63
C7 PG4 J . 10.17 39.95 -40.51
C8 PG4 J . 9.67 39.45 -41.84
O5 PG4 J . 9.38 38.05 -41.75
HO1 PG4 J . 3.50 41.76 -43.20
H11 PG4 J . 4.49 43.86 -43.67
H12 PG4 J . 4.17 42.85 -45.05
H21 PG4 J . 6.64 41.96 -44.44
H22 PG4 J . 6.34 43.28 -45.54
H31 PG4 J . 8.10 45.45 -43.98
H32 PG4 J . 8.07 44.23 -45.23
H41 PG4 J . 10.11 43.88 -44.06
H42 PG4 J . 9.04 42.60 -43.54
H51 PG4 J . 10.82 44.15 -40.76
H52 PG4 J . 11.12 43.15 -42.15
H61 PG4 J . 8.90 41.93 -41.28
H62 PG4 J . 9.43 42.60 -39.76
H71 PG4 J . 9.36 39.97 -39.78
H72 PG4 J . 10.91 39.26 -40.09
H81 PG4 J . 10.39 39.54 -42.64
H82 PG4 J . 8.76 39.92 -42.18
HO5 PG4 J . 8.73 37.93 -41.01
S SO4 K . 17.19 34.32 10.74
O1 SO4 K . 18.10 34.73 9.68
O2 SO4 K . 16.83 32.91 10.59
O3 SO4 K . 17.82 34.51 12.04
O4 SO4 K . 15.97 35.13 10.67
PB GDP L . -14.14 -14.41 -4.05
O1B GDP L . -14.30 -15.82 -4.55
O2B GDP L . -12.69 -13.98 -4.18
O3B GDP L . -14.98 -13.49 -4.89
O3A GDP L . -14.64 -14.32 -2.52
PA GDP L . -13.71 -14.06 -1.23
O1A GDP L . -12.86 -15.27 -0.89
O2A GDP L . -14.59 -13.72 -0.05
O5' GDP L . -12.78 -12.80 -1.60
C5' GDP L . -13.36 -11.59 -2.05
C4' GDP L . -13.15 -10.50 -1.00
O4' GDP L . -13.16 -9.22 -1.62
C3' GDP L . -14.28 -10.48 0.01
O3' GDP L . -14.02 -11.32 1.13
C2' GDP L . -14.34 -9.03 0.41
O2' GDP L . -13.35 -8.78 1.41
C1' GDP L . -13.97 -8.31 -0.87
N9 GDP L . -15.24 -8.11 -1.59
C8 GDP L . -15.56 -8.59 -2.81
N7 GDP L . -16.82 -8.22 -3.16
C5 GDP L . -17.33 -7.51 -2.14
C6 GDP L . -18.62 -6.83 -1.84
O6 GDP L . -19.56 -6.84 -2.68
N1 GDP L . -18.74 -6.21 -0.67
C2 GDP L . -17.76 -6.18 0.24
N2 GDP L . -17.96 -5.54 1.42
N3 GDP L . -16.56 -6.78 0.04
C4 GDP L . -16.30 -7.45 -1.11
C1 PGE M . -54.42 -18.12 -4.97
O1 PGE M . -55.15 -16.95 -4.63
C2 PGE M . -54.87 -19.31 -4.15
O2 PGE M . -54.84 -20.45 -4.99
C3 PGE M . -55.67 -21.49 -4.54
C4 PGE M . -56.27 -22.20 -5.75
O4 PGE M . -58.81 -19.65 -8.46
C6 PGE M . -59.04 -20.50 -7.34
C5 PGE M . -57.91 -21.50 -7.27
O3 PGE M . -57.59 -21.75 -5.91
H1 PGE M . -54.56 -18.39 -6.03
H12 PGE M . -53.34 -17.98 -4.80
HO1 PGE M . -54.80 -16.23 -5.15
H2 PGE M . -55.89 -19.12 -3.76
H22 PGE M . -54.19 -19.43 -3.28
H3 PGE M . -56.49 -21.11 -3.91
H32 PGE M . -55.10 -22.22 -3.94
H4 PGE M . -56.24 -23.30 -5.57
H42 PGE M . -55.66 -21.98 -6.64
HO4 PGE M . -59.55 -19.04 -8.52
H6 PGE M . -59.99 -21.05 -7.43
H62 PGE M . -59.07 -19.93 -6.39
H5 PGE M . -57.03 -21.08 -7.79
H52 PGE M . -58.20 -22.41 -7.78
S SO4 N . -6.84 -39.41 -0.21
O1 SO4 N . -6.19 -40.63 -0.68
O2 SO4 N . -7.95 -39.07 -1.09
O3 SO4 N . -7.34 -39.60 1.14
O4 SO4 N . -5.86 -38.32 -0.24
#